data_9ARV
#
_entry.id   9ARV
#
_cell.length_a   1.00
_cell.length_b   1.00
_cell.length_c   1.00
_cell.angle_alpha   90.00
_cell.angle_beta   90.00
_cell.angle_gamma   90.00
#
_symmetry.space_group_name_H-M   'P 1'
#
loop_
_entity.id
_entity.type
_entity.pdbx_description
1 polymer 'Isoform 1 of Immunoglobulin heavy constant mu'
2 polymer 'Immunoglobulin J chain'
3 non-polymer 2-acetamido-2-deoxy-beta-D-glucopyranose
#
loop_
_entity_poly.entity_id
_entity_poly.type
_entity_poly.pdbx_seq_one_letter_code
_entity_poly.pdbx_strand_id
1 'polypeptide(L)'
;GSRGVPHIVMVDAYKRYKGGGGSIDTTIAELPPKVSVFVPPRDGFFGNPRKSKLICQATGFSPRQIQVSWLREGKQVGSG
VTTDQVQAEAKESGPTTYKVTSTLTIKESDWLGQSMFTCRVDHRGLTFQQNASSMCVPDQDTAIRVFAIPPSFASIFLTK
STKLTCLVTDLTTYDSVTISWTRQNGEAVKTHTNISESHPNATFSAVGEASICEDDWNSGERFTCTVTHTDLPSPLKQTI
SRPKGVALHRPDVYLLPPAREQLNLRESATITCLVTGFSPADVFVQWMQRGQPLSPEKYVTSAPMPEPQAPGRYFAHSIL
TVSEEEWNTGETYTCVVAHEALPNRVTERTVDKSTGKPTLYNVSLVMSDTAGTCY
;
A,B,C,D,E,L,M,N,O,P
2 'polypeptide(L)'
;MKNHLLFWGVLAVFIKAVHVKAQEDERIVLVDNKCKCARITSRIIRSSEDPNEDIVERNIRIIVPLNNRENISDPTSPLR
TRFVYHLSDLCKKCDPTEVELDNQIVTATQSNICDEDSATETCYTYDRNKCYTAVVPLVYGGETKMVETALTPDACYPDH
HHHHHHH
;
J
#
# COMPACT_ATOMS: atom_id res chain seq x y z
N ASP A 141 -73.98 29.67 29.28
CA ASP A 141 -72.95 30.55 28.68
C ASP A 141 -72.74 30.20 27.20
N THR A 142 -73.52 30.84 26.33
CA THR A 142 -73.43 30.61 24.89
C THR A 142 -72.47 31.64 24.31
N ALA A 143 -71.33 31.17 23.81
CA ALA A 143 -70.31 32.05 23.24
C ALA A 143 -70.55 32.16 21.73
N ILE A 144 -70.88 33.36 21.27
CA ILE A 144 -71.15 33.60 19.85
C ILE A 144 -69.81 33.91 19.18
N ARG A 145 -69.24 32.90 18.53
CA ARG A 145 -67.96 33.04 17.84
C ARG A 145 -68.19 33.51 16.42
N VAL A 146 -67.20 34.19 15.85
CA VAL A 146 -67.25 34.67 14.48
C VAL A 146 -65.96 34.27 13.77
N PHE A 147 -66.11 33.82 12.52
CA PHE A 147 -64.98 33.43 11.71
C PHE A 147 -65.06 34.14 10.36
N ALA A 148 -63.88 34.34 9.76
CA ALA A 148 -63.79 34.97 8.45
C ALA A 148 -62.77 34.20 7.61
N ILE A 149 -63.13 33.94 6.36
CA ILE A 149 -62.27 33.21 5.44
C ILE A 149 -61.85 34.17 4.32
N PRO A 150 -60.61 34.66 4.33
CA PRO A 150 -60.14 35.52 3.23
C PRO A 150 -59.53 34.68 2.13
N PRO A 151 -59.06 35.30 1.05
CA PRO A 151 -58.45 34.54 -0.05
C PRO A 151 -57.13 33.91 0.34
N SER A 152 -56.49 33.22 -0.61
CA SER A 152 -55.24 32.52 -0.36
C SER A 152 -54.33 32.65 -1.57
N PHE A 153 -53.02 32.51 -1.33
CA PHE A 153 -52.04 32.65 -2.40
C PHE A 153 -52.18 31.56 -3.44
N ALA A 154 -52.49 30.33 -3.04
CA ALA A 154 -52.73 29.27 -4.02
C ALA A 154 -53.96 29.57 -4.87
N SER A 155 -54.99 30.17 -4.28
CA SER A 155 -56.18 30.52 -5.05
C SER A 155 -55.86 31.55 -6.13
N ILE A 156 -55.18 32.63 -5.75
CA ILE A 156 -54.77 33.62 -6.76
C ILE A 156 -53.86 33.01 -7.79
N PHE A 157 -52.95 32.13 -7.40
CA PHE A 157 -52.01 31.56 -8.38
C PHE A 157 -52.72 30.65 -9.36
N LEU A 158 -53.61 29.76 -8.87
CA LEU A 158 -54.29 28.81 -9.75
C LEU A 158 -55.65 29.34 -10.20
N THR A 159 -56.53 29.61 -9.23
CA THR A 159 -57.88 30.07 -9.59
C THR A 159 -57.87 31.50 -10.09
N LYS A 160 -56.89 32.31 -9.63
CA LYS A 160 -56.79 33.70 -10.06
C LYS A 160 -58.09 34.45 -9.78
N SER A 161 -58.72 34.12 -8.66
CA SER A 161 -59.99 34.72 -8.27
C SER A 161 -59.88 35.15 -6.81
N THR A 162 -61.01 35.57 -6.24
CA THR A 162 -61.06 36.02 -4.86
C THR A 162 -62.26 35.39 -4.17
N LYS A 163 -62.07 35.07 -2.89
CA LYS A 163 -63.12 34.41 -2.11
C LYS A 163 -63.01 34.92 -0.68
N LEU A 164 -63.95 35.76 -0.27
CA LEU A 164 -64.00 36.30 1.08
C LEU A 164 -65.37 36.02 1.68
N THR A 165 -65.38 35.47 2.89
CA THR A 165 -66.64 35.15 3.56
C THR A 165 -66.50 35.46 5.04
N CYS A 166 -67.63 35.67 5.69
CA CYS A 166 -67.68 35.92 7.13
C CYS A 166 -68.94 35.29 7.67
N LEU A 167 -68.82 34.50 8.74
CA LEU A 167 -69.95 33.81 9.33
C LEU A 167 -69.82 33.82 10.84
N VAL A 168 -70.91 33.44 11.50
CA VAL A 168 -70.97 33.36 12.95
C VAL A 168 -71.42 31.95 13.33
N THR A 169 -70.70 31.34 14.26
CA THR A 169 -70.98 30.00 14.75
C THR A 169 -71.08 30.04 16.26
N ASP A 170 -71.45 28.90 16.85
CA ASP A 170 -71.63 28.79 18.29
C ASP A 170 -72.71 29.75 18.78
N LEU A 171 -73.86 29.69 18.14
CA LEU A 171 -75.02 30.49 18.51
C LEU A 171 -76.27 29.73 18.07
N THR A 172 -77.41 30.42 18.06
CA THR A 172 -78.65 29.81 17.60
C THR A 172 -78.45 29.24 16.19
N THR A 173 -78.52 27.91 16.08
CA THR A 173 -78.23 27.23 14.81
C THR A 173 -79.52 27.12 14.02
N TYR A 174 -79.74 28.09 13.13
CA TYR A 174 -80.93 28.14 12.30
C TYR A 174 -80.74 29.23 11.26
N ASP A 175 -81.78 29.48 10.49
CA ASP A 175 -81.74 30.46 9.41
C ASP A 175 -81.96 31.86 9.98
N SER A 176 -82.21 32.83 9.09
CA SER A 176 -82.46 34.22 9.48
C SER A 176 -81.22 34.83 10.14
N VAL A 177 -80.14 34.84 9.36
CA VAL A 177 -78.86 35.41 9.77
C VAL A 177 -78.51 36.54 8.82
N THR A 178 -78.08 37.67 9.38
CA THR A 178 -77.78 38.87 8.61
C THR A 178 -76.27 39.00 8.42
N ILE A 179 -75.84 39.06 7.16
CA ILE A 179 -74.44 39.27 6.83
C ILE A 179 -74.37 40.16 5.60
N SER A 180 -73.40 41.08 5.59
CA SER A 180 -73.23 42.00 4.47
C SER A 180 -71.76 42.37 4.36
N TRP A 181 -71.35 42.75 3.15
CA TRP A 181 -69.99 43.14 2.87
C TRP A 181 -69.98 44.52 2.24
N THR A 182 -68.89 45.25 2.45
CA THR A 182 -68.74 46.59 1.90
C THR A 182 -67.26 46.90 1.75
N ARG A 183 -66.87 47.38 0.57
CA ARG A 183 -65.46 47.64 0.30
C ARG A 183 -64.96 48.82 1.12
N GLN A 184 -63.68 49.15 0.94
CA GLN A 184 -63.11 50.31 1.62
C GLN A 184 -63.80 51.59 1.18
N ASN A 185 -64.09 51.72 -0.11
CA ASN A 185 -64.78 52.89 -0.63
C ASN A 185 -66.21 53.01 -0.11
N GLY A 186 -66.70 52.01 0.62
CA GLY A 186 -68.07 52.02 1.10
C GLY A 186 -69.08 51.50 0.11
N GLU A 187 -68.66 51.13 -1.09
CA GLU A 187 -69.57 50.66 -2.12
C GLU A 187 -70.02 49.23 -1.83
N ALA A 188 -71.03 48.79 -2.57
CA ALA A 188 -71.50 47.42 -2.45
C ALA A 188 -70.53 46.47 -3.14
N VAL A 189 -70.67 45.19 -2.81
CA VAL A 189 -69.89 44.12 -3.39
C VAL A 189 -70.82 42.93 -3.64
N LYS A 190 -70.28 41.86 -4.19
CA LYS A 190 -71.11 40.70 -4.49
C LYS A 190 -71.61 40.08 -3.19
N THR A 191 -72.87 40.30 -2.88
CA THR A 191 -73.48 39.74 -1.68
C THR A 191 -73.74 38.26 -1.86
N HIS A 192 -73.86 37.55 -0.73
CA HIS A 192 -74.17 36.13 -0.76
C HIS A 192 -75.53 35.91 -1.42
N THR A 193 -75.52 35.33 -2.63
CA THR A 193 -76.74 35.02 -3.36
C THR A 193 -76.63 33.62 -3.91
N ASN A 194 -77.68 32.82 -3.70
CA ASN A 194 -77.69 31.42 -4.15
C ASN A 194 -76.51 30.64 -3.58
N ILE A 195 -76.05 31.03 -2.39
CA ILE A 195 -74.94 30.37 -1.71
C ILE A 195 -75.50 29.49 -0.61
N SER A 196 -74.73 28.48 -0.24
CA SER A 196 -75.18 27.54 0.79
C SER A 196 -75.30 28.25 2.13
N GLU A 197 -76.21 27.74 2.96
CA GLU A 197 -76.44 28.28 4.29
C GLU A 197 -76.53 27.12 5.27
N SER A 198 -76.90 27.43 6.51
CA SER A 198 -77.03 26.39 7.53
C SER A 198 -78.05 25.35 7.09
N HIS A 199 -77.70 24.08 7.26
CA HIS A 199 -78.59 23.00 6.89
C HIS A 199 -79.79 22.94 7.84
N PRO A 200 -80.87 22.27 7.42
CA PRO A 200 -82.03 22.13 8.32
C PRO A 200 -81.71 21.41 9.62
N ASN A 201 -80.57 20.70 9.68
CA ASN A 201 -80.18 19.97 10.88
C ASN A 201 -79.31 20.80 11.82
N ALA A 202 -79.47 22.13 11.79
CA ALA A 202 -78.68 23.02 12.64
C ALA A 202 -77.18 22.87 12.34
N THR A 203 -76.86 22.43 11.13
CA THR A 203 -75.49 22.26 10.68
C THR A 203 -75.08 23.51 9.91
N PHE A 204 -74.22 24.33 10.51
CA PHE A 204 -73.79 25.57 9.90
C PHE A 204 -72.72 25.27 8.87
N SER A 205 -73.13 25.18 7.60
CA SER A 205 -72.20 24.91 6.50
C SER A 205 -72.32 25.96 5.41
N ALA A 206 -72.61 27.21 5.79
CA ALA A 206 -72.69 28.28 4.81
C ALA A 206 -71.32 28.54 4.20
N VAL A 207 -71.33 28.99 2.95
CA VAL A 207 -70.10 29.31 2.23
C VAL A 207 -70.25 30.68 1.60
N GLY A 208 -69.22 31.12 0.88
CA GLY A 208 -69.27 32.40 0.20
C GLY A 208 -68.31 32.43 -0.96
N GLU A 209 -68.65 33.20 -1.98
CA GLU A 209 -67.79 33.38 -3.14
C GLU A 209 -68.00 34.81 -3.65
N ALA A 210 -67.13 35.71 -3.18
CA ALA A 210 -67.19 37.11 -3.60
C ALA A 210 -66.54 37.23 -4.97
N SER A 211 -67.35 37.46 -6.00
CA SER A 211 -66.85 37.58 -7.36
C SER A 211 -66.18 38.94 -7.49
N ILE A 212 -64.96 39.03 -7.00
CA ILE A 212 -64.16 40.25 -7.06
C ILE A 212 -62.78 39.89 -7.58
N CYS A 213 -62.29 40.69 -8.52
CA CYS A 213 -61.02 40.39 -9.17
C CYS A 213 -59.88 40.41 -8.16
N GLU A 214 -58.86 39.59 -8.44
CA GLU A 214 -57.74 39.44 -7.50
C GLU A 214 -57.00 40.74 -7.25
N ASP A 215 -57.04 41.69 -8.20
CA ASP A 215 -56.28 42.93 -8.02
C ASP A 215 -56.78 43.71 -6.81
N ASP A 216 -58.10 43.80 -6.62
CA ASP A 216 -58.64 44.58 -5.51
C ASP A 216 -58.12 44.05 -4.18
N TRP A 217 -58.12 42.73 -3.99
CA TRP A 217 -57.52 42.15 -2.80
C TRP A 217 -56.01 42.37 -2.77
N ASN A 218 -55.36 42.33 -3.94
CA ASN A 218 -53.91 42.54 -3.99
C ASN A 218 -53.53 43.90 -3.43
N SER A 219 -54.28 44.95 -3.78
CA SER A 219 -54.07 46.25 -3.16
C SER A 219 -54.37 46.21 -1.67
N GLY A 220 -55.06 45.17 -1.20
CA GLY A 220 -55.41 45.05 0.20
C GLY A 220 -56.61 45.88 0.56
N GLU A 221 -57.62 45.86 -0.31
CA GLU A 221 -58.79 46.69 -0.09
C GLU A 221 -59.47 46.31 1.22
N ARG A 222 -59.86 47.31 1.99
CA ARG A 222 -60.46 47.09 3.31
C ARG A 222 -61.89 46.62 3.10
N PHE A 223 -62.12 45.32 3.25
CA PHE A 223 -63.46 44.74 3.15
C PHE A 223 -64.03 44.65 4.56
N THR A 224 -65.16 45.30 4.78
CA THR A 224 -65.84 45.33 6.07
C THR A 224 -67.07 44.47 6.00
N CYS A 225 -67.17 43.50 6.91
CA CYS A 225 -68.31 42.60 6.99
C CYS A 225 -69.11 42.95 8.24
N THR A 226 -70.42 43.10 8.08
CA THR A 226 -71.32 43.42 9.18
C THR A 226 -72.17 42.20 9.46
N VAL A 227 -71.91 41.54 10.59
CA VAL A 227 -72.67 40.36 11.01
C VAL A 227 -73.67 40.79 12.08
N THR A 228 -74.94 40.46 11.87
CA THR A 228 -76.01 40.85 12.77
C THR A 228 -77.08 39.77 12.73
N HIS A 229 -77.92 39.77 13.77
CA HIS A 229 -78.98 38.77 13.89
C HIS A 229 -80.25 39.45 14.35
N THR A 230 -81.37 38.77 14.12
CA THR A 230 -82.67 39.30 14.54
C THR A 230 -82.70 39.51 16.05
N ASP A 231 -82.19 38.54 16.81
CA ASP A 231 -82.13 38.64 18.26
C ASP A 231 -80.85 39.30 18.75
N LEU A 232 -80.00 39.78 17.85
CA LEU A 232 -78.77 40.50 18.21
C LEU A 232 -78.74 41.81 17.43
N PRO A 233 -79.54 42.80 17.84
CA PRO A 233 -79.52 44.09 17.14
C PRO A 233 -78.16 44.77 17.17
N SER A 234 -77.33 44.49 18.16
CA SER A 234 -76.04 45.15 18.25
C SER A 234 -75.19 44.82 17.02
N PRO A 235 -74.49 45.79 16.45
CA PRO A 235 -73.69 45.52 15.25
C PRO A 235 -72.38 44.82 15.59
N LEU A 236 -71.80 44.20 14.55
CA LEU A 236 -70.52 43.50 14.70
C LEU A 236 -69.77 43.66 13.37
N LYS A 237 -68.75 44.50 13.37
CA LYS A 237 -67.96 44.79 12.18
C LYS A 237 -66.66 44.00 12.20
N GLN A 238 -66.24 43.57 11.01
CA GLN A 238 -64.99 42.84 10.84
C GLN A 238 -64.28 43.40 9.62
N THR A 239 -63.12 44.02 9.82
CA THR A 239 -62.35 44.63 8.74
C THR A 239 -61.20 43.71 8.35
N ILE A 240 -61.11 43.38 7.08
CA ILE A 240 -60.07 42.49 6.56
C ILE A 240 -59.37 43.19 5.40
N SER A 241 -58.05 43.17 5.40
CA SER A 241 -57.27 43.81 4.35
C SER A 241 -55.90 43.18 4.28
N ARG A 242 -55.25 43.34 3.13
CA ARG A 242 -53.87 42.89 2.98
C ARG A 242 -52.92 43.90 3.63
N PRO A 243 -51.94 43.44 4.40
CA PRO A 243 -50.98 44.39 4.99
C PRO A 243 -50.20 45.12 3.91
N LYS A 244 -50.19 46.44 4.01
CA LYS A 244 -49.55 47.27 2.99
C LYS A 244 -48.07 47.47 3.32
N GLY A 245 -47.21 46.83 2.53
CA GLY A 245 -45.79 46.97 2.71
C GLY A 245 -45.17 45.89 3.58
N VAL A 246 -44.33 45.06 2.97
CA VAL A 246 -43.63 43.99 3.68
C VAL A 246 -42.26 43.80 3.03
N ALA A 247 -41.27 43.47 3.85
CA ALA A 247 -39.92 43.22 3.35
C ALA A 247 -39.88 41.84 2.71
N LEU A 248 -40.28 41.76 1.45
CA LEU A 248 -40.28 40.49 0.73
C LEU A 248 -38.87 39.90 0.73
N HIS A 249 -38.76 38.63 1.08
CA HIS A 249 -37.49 37.92 1.05
C HIS A 249 -37.71 36.51 0.53
N ARG A 250 -36.79 36.07 -0.32
CA ARG A 250 -36.95 34.78 -0.98
C ARG A 250 -36.94 33.65 0.06
N PRO A 251 -37.65 32.56 -0.20
CA PRO A 251 -37.62 31.43 0.72
C PRO A 251 -36.33 30.63 0.57
N ASP A 252 -36.13 29.70 1.50
CA ASP A 252 -34.96 28.82 1.52
C ASP A 252 -35.47 27.41 1.82
N VAL A 253 -35.78 26.66 0.76
CA VAL A 253 -36.34 25.33 0.94
C VAL A 253 -35.23 24.35 1.26
N TYR A 254 -35.58 23.25 1.93
CA TYR A 254 -34.65 22.18 2.21
C TYR A 254 -35.41 20.85 2.18
N LEU A 255 -34.64 19.77 2.22
CA LEU A 255 -35.23 18.43 2.26
C LEU A 255 -34.30 17.50 3.02
N LEU A 256 -34.86 16.77 3.98
CA LEU A 256 -34.12 15.82 4.78
C LEU A 256 -34.86 14.49 4.82
N PRO A 257 -34.13 13.37 4.85
CA PRO A 257 -34.78 12.07 4.80
C PRO A 257 -35.12 11.58 6.19
N PRO A 258 -35.81 10.44 6.30
CA PRO A 258 -36.09 9.89 7.63
C PRO A 258 -34.81 9.59 8.38
N ALA A 259 -34.85 9.82 9.69
CA ALA A 259 -33.70 9.57 10.53
C ALA A 259 -33.34 8.09 10.49
N ARG A 260 -32.04 7.81 10.61
CA ARG A 260 -31.58 6.43 10.60
C ARG A 260 -32.32 5.60 11.64
N GLU A 261 -32.66 6.20 12.78
CA GLU A 261 -33.33 5.46 13.84
C GLU A 261 -34.72 5.02 13.41
N GLN A 262 -35.50 5.91 12.81
CA GLN A 262 -36.83 5.54 12.35
C GLN A 262 -36.76 4.46 11.28
N LEU A 263 -35.84 4.61 10.32
CA LEU A 263 -35.71 3.60 9.27
C LEU A 263 -35.33 2.26 9.86
N ASN A 264 -34.38 2.24 10.79
CA ASN A 264 -34.00 0.99 11.44
C ASN A 264 -35.18 0.39 12.19
N LEU A 265 -36.03 1.24 12.78
CA LEU A 265 -37.23 0.75 13.44
C LEU A 265 -38.17 0.06 12.45
N ARG A 266 -38.11 0.43 11.17
CA ARG A 266 -38.91 -0.22 10.14
C ARG A 266 -40.39 -0.16 10.48
N GLU A 267 -40.89 1.04 10.81
CA GLU A 267 -42.31 1.23 11.04
C GLU A 267 -42.92 2.22 10.05
N SER A 268 -42.28 3.37 9.86
CA SER A 268 -42.78 4.36 8.93
C SER A 268 -41.72 5.40 8.60
N ALA A 269 -41.42 5.59 7.32
CA ALA A 269 -40.49 6.63 6.90
C ALA A 269 -41.14 8.00 7.00
N THR A 270 -40.32 8.99 7.32
CA THR A 270 -40.79 10.38 7.40
C THR A 270 -39.76 11.28 6.74
N ILE A 271 -40.23 12.15 5.84
CA ILE A 271 -39.37 13.06 5.10
C ILE A 271 -39.76 14.48 5.46
N THR A 272 -38.76 15.32 5.68
CA THR A 272 -38.96 16.70 6.11
C THR A 272 -38.64 17.66 4.98
N CYS A 273 -39.52 18.66 4.80
CA CYS A 273 -39.33 19.73 3.83
C CYS A 273 -39.65 21.03 4.55
N LEU A 274 -38.62 21.82 4.85
CA LEU A 274 -38.77 23.04 5.61
C LEU A 274 -38.41 24.25 4.76
N VAL A 275 -38.90 25.41 5.18
CA VAL A 275 -38.74 26.66 4.45
C VAL A 275 -38.43 27.77 5.44
N THR A 276 -37.19 28.27 5.41
CA THR A 276 -36.71 29.23 6.39
C THR A 276 -36.44 30.58 5.73
N GLY A 277 -36.43 31.62 6.57
CA GLY A 277 -36.06 32.95 6.14
C GLY A 277 -36.89 33.49 4.99
N PHE A 278 -38.22 33.38 5.10
CA PHE A 278 -39.10 33.79 4.02
C PHE A 278 -40.23 34.63 4.58
N SER A 279 -40.70 35.56 3.76
CA SER A 279 -41.84 36.41 4.09
C SER A 279 -42.44 36.93 2.79
N PRO A 280 -43.73 37.27 2.80
CA PRO A 280 -44.69 37.14 3.89
C PRO A 280 -45.29 35.74 3.98
N ALA A 281 -46.42 35.59 4.67
CA ALA A 281 -47.05 34.30 4.91
C ALA A 281 -47.82 33.81 3.69
N ASP A 282 -48.67 32.80 3.89
CA ASP A 282 -49.48 32.22 2.82
C ASP A 282 -48.62 31.54 1.77
N VAL A 283 -47.90 30.51 2.17
CA VAL A 283 -47.11 29.68 1.25
C VAL A 283 -47.78 28.32 1.14
N PHE A 284 -48.01 27.88 -0.10
CA PHE A 284 -48.58 26.58 -0.36
C PHE A 284 -47.48 25.55 -0.59
N VAL A 285 -47.74 24.32 -0.19
CA VAL A 285 -46.78 23.23 -0.34
C VAL A 285 -47.50 22.02 -0.91
N GLN A 286 -46.74 21.17 -1.61
CA GLN A 286 -47.27 19.95 -2.19
C GLN A 286 -46.15 18.90 -2.18
N TRP A 287 -46.55 17.64 -2.16
CA TRP A 287 -45.61 16.53 -2.15
C TRP A 287 -45.96 15.58 -3.29
N MET A 288 -44.94 14.93 -3.83
CA MET A 288 -45.08 14.10 -5.02
C MET A 288 -44.14 12.90 -4.91
N GLN A 289 -44.61 11.76 -5.38
CA GLN A 289 -43.82 10.54 -5.40
C GLN A 289 -43.65 10.09 -6.84
N ARG A 290 -42.40 9.98 -7.29
CA ARG A 290 -42.11 9.50 -8.64
C ARG A 290 -42.78 10.36 -9.71
N GLY A 291 -42.87 11.66 -9.46
CA GLY A 291 -43.48 12.58 -10.42
C GLY A 291 -44.96 12.81 -10.23
N GLN A 292 -45.72 11.74 -9.95
CA GLN A 292 -47.14 11.88 -9.75
C GLN A 292 -47.43 12.62 -8.44
N PRO A 293 -48.57 13.28 -8.33
CA PRO A 293 -48.92 13.97 -7.09
C PRO A 293 -49.39 12.99 -6.02
N LEU A 294 -49.68 13.52 -4.84
CA LEU A 294 -50.04 12.71 -3.69
C LEU A 294 -51.18 13.40 -2.93
N SER A 295 -51.93 12.59 -2.19
CA SER A 295 -53.09 13.08 -1.47
C SER A 295 -52.68 14.04 -0.36
N PRO A 296 -53.55 14.99 -0.01
CA PRO A 296 -53.17 15.97 1.03
C PRO A 296 -53.00 15.36 2.41
N GLU A 297 -53.81 14.36 2.75
CA GLU A 297 -53.75 13.80 4.09
C GLU A 297 -52.56 12.86 4.27
N LYS A 298 -51.85 12.53 3.19
CA LYS A 298 -50.65 11.73 3.30
C LYS A 298 -49.48 12.53 3.89
N TYR A 299 -49.63 13.85 4.03
CA TYR A 299 -48.58 14.68 4.58
C TYR A 299 -49.23 15.84 5.33
N VAL A 300 -48.44 16.49 6.18
CA VAL A 300 -48.90 17.65 6.93
C VAL A 300 -47.89 18.76 6.76
N THR A 301 -48.33 19.99 7.01
CA THR A 301 -47.47 21.16 6.91
C THR A 301 -47.78 22.11 8.06
N SER A 302 -46.79 22.89 8.47
CA SER A 302 -46.94 23.83 9.55
C SER A 302 -47.32 25.21 9.02
N ALA A 303 -47.90 26.01 9.89
CA ALA A 303 -48.16 27.39 9.56
C ALA A 303 -46.87 28.20 9.61
N PRO A 304 -46.87 29.40 9.03
CA PRO A 304 -45.68 30.25 9.17
C PRO A 304 -45.62 30.92 10.52
N MET A 305 -44.75 30.44 11.40
CA MET A 305 -44.52 31.02 12.70
C MET A 305 -43.34 31.99 12.67
N PRO A 306 -43.28 32.94 13.59
CA PRO A 306 -42.17 33.90 13.58
C PRO A 306 -40.84 33.19 13.78
N GLU A 307 -39.80 33.76 13.19
CA GLU A 307 -38.48 33.16 13.28
C GLU A 307 -37.70 33.77 14.43
N PRO A 308 -36.81 33.00 15.07
CA PRO A 308 -36.10 33.52 16.24
C PRO A 308 -35.17 34.67 15.90
N GLN A 309 -34.28 34.46 14.94
CA GLN A 309 -33.36 35.48 14.47
C GLN A 309 -34.04 36.55 13.62
N ALA A 310 -35.16 36.21 12.97
CA ALA A 310 -35.84 37.14 12.08
C ALA A 310 -37.32 37.18 12.44
N PRO A 311 -37.67 37.91 13.50
CA PRO A 311 -39.09 38.00 13.89
C PRO A 311 -39.97 38.45 12.75
N GLY A 312 -39.49 39.37 11.90
CA GLY A 312 -40.26 39.75 10.72
C GLY A 312 -40.50 38.58 9.79
N ARG A 313 -39.49 37.75 9.59
CA ARG A 313 -39.63 36.58 8.74
C ARG A 313 -40.28 35.43 9.50
N TYR A 314 -40.65 34.38 8.76
CA TYR A 314 -41.30 33.21 9.31
C TYR A 314 -40.68 31.97 8.70
N PHE A 315 -41.03 30.81 9.26
CA PHE A 315 -40.57 29.54 8.74
C PHE A 315 -41.73 28.56 8.71
N ALA A 316 -41.72 27.68 7.73
CA ALA A 316 -42.75 26.66 7.57
C ALA A 316 -42.11 25.28 7.55
N HIS A 317 -42.92 24.28 7.90
CA HIS A 317 -42.44 22.93 8.08
C HIS A 317 -43.44 21.99 7.44
N SER A 318 -42.94 20.95 6.78
CA SER A 318 -43.79 19.92 6.21
C SER A 318 -43.18 18.56 6.45
N ILE A 319 -44.04 17.60 6.79
CA ILE A 319 -43.63 16.24 7.06
C ILE A 319 -44.49 15.31 6.23
N LEU A 320 -43.85 14.38 5.53
CA LEU A 320 -44.54 13.36 4.74
C LEU A 320 -44.18 12.01 5.35
N THR A 321 -45.19 11.33 5.88
CA THR A 321 -45.00 10.02 6.48
C THR A 321 -45.59 8.96 5.57
N VAL A 322 -44.81 7.90 5.32
CA VAL A 322 -45.20 6.81 4.45
C VAL A 322 -44.70 5.51 5.06
N SER A 323 -45.00 4.40 4.38
CA SER A 323 -44.51 3.11 4.83
C SER A 323 -43.00 3.04 4.63
N GLU A 324 -42.40 2.02 5.24
CA GLU A 324 -40.98 1.77 5.14
C GLU A 324 -40.63 0.92 3.92
N GLU A 325 -41.50 0.93 2.90
CA GLU A 325 -41.30 0.16 1.69
C GLU A 325 -40.98 1.01 0.47
N GLU A 326 -41.68 2.14 0.29
CA GLU A 326 -41.39 3.01 -0.84
C GLU A 326 -40.00 3.64 -0.70
N TRP A 327 -39.71 4.24 0.46
CA TRP A 327 -38.40 4.83 0.66
C TRP A 327 -37.31 3.77 0.63
N ASN A 328 -37.55 2.63 1.28
CA ASN A 328 -36.60 1.53 1.22
C ASN A 328 -36.45 1.01 -0.20
N THR A 329 -37.53 1.03 -0.98
CA THR A 329 -37.44 0.63 -2.39
C THR A 329 -36.51 1.56 -3.16
N GLY A 330 -36.47 2.83 -2.76
CA GLY A 330 -35.64 3.81 -3.43
C GLY A 330 -36.46 4.90 -4.08
N GLU A 331 -37.71 5.07 -3.63
CA GLU A 331 -38.60 6.04 -4.23
C GLU A 331 -38.00 7.43 -4.16
N THR A 332 -38.01 8.14 -5.29
CA THR A 332 -37.49 9.50 -5.37
C THR A 332 -38.63 10.45 -5.07
N TYR A 333 -38.67 10.94 -3.83
CA TYR A 333 -39.73 11.84 -3.41
C TYR A 333 -39.35 13.28 -3.74
N THR A 334 -40.36 14.11 -3.99
CA THR A 334 -40.15 15.49 -4.37
C THR A 334 -41.12 16.38 -3.61
N CYS A 335 -40.62 17.54 -3.17
CA CYS A 335 -41.39 18.51 -2.40
C CYS A 335 -41.41 19.82 -3.16
N VAL A 336 -42.59 20.32 -3.47
CA VAL A 336 -42.77 21.58 -4.19
C VAL A 336 -43.39 22.59 -3.24
N VAL A 337 -43.07 23.86 -3.45
CA VAL A 337 -43.59 24.94 -2.62
C VAL A 337 -43.68 26.19 -3.47
N ALA A 338 -44.74 26.97 -3.23
CA ALA A 338 -45.00 28.20 -3.97
C ALA A 338 -45.09 29.37 -3.00
N HIS A 339 -44.15 30.30 -3.11
CA HIS A 339 -44.13 31.51 -2.29
C HIS A 339 -44.15 32.73 -3.19
N GLU A 340 -44.82 33.78 -2.71
CA GLU A 340 -44.91 35.01 -3.48
C GLU A 340 -43.54 35.65 -3.69
N ALA A 341 -42.70 35.68 -2.65
CA ALA A 341 -41.42 36.34 -2.77
C ALA A 341 -40.50 35.69 -3.78
N LEU A 342 -40.68 34.39 -4.05
CA LEU A 342 -39.81 33.72 -4.99
C LEU A 342 -40.03 34.28 -6.40
N PRO A 343 -38.95 34.51 -7.17
CA PRO A 343 -39.12 35.06 -8.52
C PRO A 343 -40.04 34.22 -9.39
N ASN A 344 -39.69 32.94 -9.56
CA ASN A 344 -40.51 32.04 -10.35
C ASN A 344 -41.82 31.70 -9.65
N ARG A 345 -41.95 32.03 -8.37
CA ARG A 345 -43.18 31.83 -7.61
C ARG A 345 -43.38 30.36 -7.26
N VAL A 346 -42.49 29.49 -7.74
CA VAL A 346 -42.57 28.05 -7.48
C VAL A 346 -41.16 27.51 -7.42
N THR A 347 -40.94 26.54 -6.53
CA THR A 347 -39.65 25.86 -6.43
C THR A 347 -39.89 24.46 -5.89
N GLU A 348 -38.88 23.61 -6.00
CA GLU A 348 -38.99 22.27 -5.46
C GLU A 348 -37.61 21.73 -5.15
N ARG A 349 -37.59 20.70 -4.32
CA ARG A 349 -36.41 19.88 -4.06
C ARG A 349 -36.84 18.42 -4.12
N THR A 350 -35.86 17.52 -4.06
CA THR A 350 -36.16 16.11 -4.11
C THR A 350 -35.05 15.31 -3.45
N VAL A 351 -35.37 14.08 -3.09
CA VAL A 351 -34.40 13.15 -2.53
C VAL A 351 -34.96 11.73 -2.59
N ASP A 352 -34.09 10.76 -2.79
CA ASP A 352 -34.46 9.35 -2.78
C ASP A 352 -33.66 8.64 -1.70
N LYS A 353 -33.79 7.32 -1.65
CA LYS A 353 -33.06 6.54 -0.65
C LYS A 353 -31.56 6.78 -0.75
N SER A 354 -31.00 6.71 -1.96
CA SER A 354 -29.57 6.91 -2.12
C SER A 354 -29.18 8.34 -1.77
N THR A 355 -29.87 9.31 -2.37
CA THR A 355 -29.56 10.72 -2.10
C THR A 355 -29.80 11.07 -0.64
N GLY A 356 -30.56 10.24 0.07
CA GLY A 356 -30.80 10.47 1.48
C GLY A 356 -29.62 10.03 2.32
N LYS A 357 -28.54 10.81 2.29
CA LYS A 357 -27.32 10.46 3.02
C LYS A 357 -26.79 9.13 2.52
N PRO A 358 -26.21 9.07 1.33
CA PRO A 358 -25.70 7.79 0.81
C PRO A 358 -24.83 7.07 1.82
N THR A 359 -25.29 5.90 2.28
CA THR A 359 -24.52 5.13 3.23
C THR A 359 -23.14 4.77 2.68
N LEU A 360 -23.02 4.68 1.36
CA LEU A 360 -21.77 4.32 0.71
C LEU A 360 -21.83 4.77 -0.74
N TYR A 361 -20.73 5.33 -1.22
CA TYR A 361 -20.64 5.67 -2.64
C TYR A 361 -20.28 4.43 -3.45
N ASN A 362 -20.47 4.54 -4.76
CA ASN A 362 -20.06 3.51 -5.70
C ASN A 362 -19.41 4.13 -6.92
N VAL A 363 -18.60 5.17 -6.69
CA VAL A 363 -17.98 5.88 -7.81
C VAL A 363 -17.02 4.95 -8.54
N SER A 364 -17.14 4.91 -9.86
CA SER A 364 -16.28 4.08 -10.69
C SER A 364 -15.81 4.89 -11.90
N LEU A 365 -15.35 6.11 -11.67
CA LEU A 365 -15.02 6.99 -12.78
C LEU A 365 -13.85 6.40 -13.58
N VAL A 366 -13.90 6.61 -14.89
CA VAL A 366 -12.86 6.17 -15.80
C VAL A 366 -12.44 7.37 -16.64
N MET A 367 -11.13 7.56 -16.78
CA MET A 367 -10.57 8.70 -17.51
C MET A 367 -9.86 8.15 -18.74
N SER A 368 -10.62 7.96 -19.81
CA SER A 368 -10.08 7.39 -21.03
C SER A 368 -9.23 8.41 -21.77
N ASP A 369 -8.16 7.94 -22.42
CA ASP A 369 -7.25 8.79 -23.18
C ASP A 369 -6.82 10.00 -22.34
N THR A 370 -6.12 9.69 -21.25
CA THR A 370 -5.65 10.74 -20.35
C THR A 370 -4.86 11.81 -21.10
N ALA A 371 -4.13 11.41 -22.14
CA ALA A 371 -3.33 12.36 -22.91
C ALA A 371 -3.39 11.97 -24.37
N GLY A 372 -3.87 12.88 -25.21
CA GLY A 372 -3.85 12.68 -26.64
C GLY A 372 -4.49 13.84 -27.38
N THR A 373 -3.83 14.32 -28.43
CA THR A 373 -4.34 15.43 -29.21
C THR A 373 -4.45 16.69 -28.35
N CYS A 374 -5.38 16.68 -27.39
CA CYS A 374 -5.55 17.84 -26.51
C CYS A 374 -4.32 18.07 -25.66
N TYR A 375 -3.75 17.00 -25.11
CA TYR A 375 -2.61 17.12 -24.21
C TYR A 375 -1.97 15.75 -23.97
N ASP B 141 -64.33 37.21 28.52
CA ASP B 141 -64.23 37.45 29.99
C ASP B 141 -65.29 38.45 30.45
N THR B 142 -66.55 38.03 30.42
CA THR B 142 -67.67 38.88 30.83
C THR B 142 -68.85 37.98 31.14
N ALA B 143 -70.01 38.59 31.40
CA ALA B 143 -71.24 37.86 31.68
C ALA B 143 -71.12 36.97 32.91
N ILE B 144 -70.30 37.40 33.89
CA ILE B 144 -70.11 36.65 35.12
C ILE B 144 -69.57 35.27 34.78
N ARG B 145 -68.25 35.14 34.73
CA ARG B 145 -67.62 33.86 34.46
C ARG B 145 -66.28 33.79 35.18
N VAL B 146 -65.94 32.58 35.63
CA VAL B 146 -64.68 32.31 36.31
C VAL B 146 -63.98 31.19 35.57
N PHE B 147 -62.78 31.45 35.08
CA PHE B 147 -61.98 30.47 34.36
C PHE B 147 -60.88 29.93 35.25
N ALA B 148 -60.60 28.64 35.12
CA ALA B 148 -59.58 27.97 35.92
C ALA B 148 -58.42 27.57 35.02
N ILE B 149 -57.21 27.90 35.44
CA ILE B 149 -56.01 27.55 34.68
C ILE B 149 -55.07 26.79 35.61
N PRO B 150 -55.23 25.48 35.74
CA PRO B 150 -54.37 24.71 36.62
C PRO B 150 -52.95 24.64 36.07
N PRO B 151 -51.98 24.21 36.88
CA PRO B 151 -50.60 24.11 36.39
C PRO B 151 -50.48 23.11 35.25
N SER B 152 -50.02 23.57 34.10
CA SER B 152 -49.78 22.71 32.97
C SER B 152 -48.50 21.92 33.16
N PHE B 153 -48.35 20.85 32.36
CA PHE B 153 -47.15 20.02 32.48
C PHE B 153 -45.89 20.81 32.17
N ALA B 154 -45.91 21.67 31.16
CA ALA B 154 -44.73 22.48 30.86
C ALA B 154 -44.41 23.41 32.03
N SER B 155 -45.43 24.02 32.62
CA SER B 155 -45.21 24.85 33.80
C SER B 155 -44.69 24.04 34.96
N ILE B 156 -45.21 22.81 35.16
CA ILE B 156 -44.67 21.96 36.21
C ILE B 156 -43.21 21.66 35.97
N PHE B 157 -42.83 21.32 34.73
CA PHE B 157 -41.46 20.97 34.42
C PHE B 157 -40.51 22.15 34.59
N LEU B 158 -40.92 23.35 34.16
CA LEU B 158 -40.04 24.50 34.24
C LEU B 158 -40.03 25.10 35.64
N THR B 159 -41.18 25.58 36.10
CA THR B 159 -41.26 26.18 37.43
C THR B 159 -41.04 25.17 38.55
N LYS B 160 -41.24 23.88 38.26
CA LYS B 160 -41.00 22.82 39.25
C LYS B 160 -41.93 22.96 40.46
N SER B 161 -43.11 23.52 40.25
CA SER B 161 -44.07 23.71 41.34
C SER B 161 -45.45 23.91 40.74
N THR B 162 -46.46 23.76 41.59
CA THR B 162 -47.84 23.97 41.18
C THR B 162 -48.29 25.38 41.54
N LYS B 163 -49.04 25.99 40.62
CA LYS B 163 -49.61 27.30 40.85
C LYS B 163 -50.99 27.39 40.21
N LEU B 164 -52.03 27.13 40.99
CA LEU B 164 -53.39 27.14 40.46
C LEU B 164 -53.92 28.57 40.43
N THR B 165 -54.70 28.88 39.40
CA THR B 165 -55.25 30.21 39.20
C THR B 165 -56.73 30.11 38.85
N CYS B 166 -57.53 30.95 39.50
CA CYS B 166 -58.97 31.05 39.25
C CYS B 166 -59.25 32.49 38.86
N LEU B 167 -59.11 32.79 37.58
CA LEU B 167 -59.39 34.14 37.09
C LEU B 167 -60.88 34.41 37.15
N VAL B 168 -61.24 35.58 37.69
CA VAL B 168 -62.64 35.99 37.82
C VAL B 168 -62.90 37.06 36.78
N THR B 169 -63.88 36.81 35.91
CA THR B 169 -64.25 37.73 34.86
C THR B 169 -65.54 38.46 35.23
N ASP B 170 -65.65 39.70 34.78
CA ASP B 170 -66.78 40.57 35.12
C ASP B 170 -66.90 40.79 36.62
N LEU B 171 -65.80 40.58 37.36
CA LEU B 171 -65.82 40.79 38.80
C LEU B 171 -65.87 42.29 39.09
N THR B 172 -66.88 42.71 39.85
CA THR B 172 -67.06 44.13 40.10
C THR B 172 -65.84 44.72 40.79
N THR B 173 -65.59 45.99 40.54
CA THR B 173 -64.42 46.64 41.12
C THR B 173 -64.64 46.80 42.62
N TYR B 174 -64.18 45.82 43.37
CA TYR B 174 -64.40 45.77 44.82
C TYR B 174 -63.23 45.05 45.44
N ASP B 175 -62.48 45.75 46.30
CA ASP B 175 -61.31 45.17 46.95
C ASP B 175 -61.78 44.26 48.07
N SER B 176 -60.84 43.77 48.87
CA SER B 176 -61.14 42.83 49.95
C SER B 176 -61.83 41.58 49.42
N VAL B 177 -61.42 41.13 48.23
CA VAL B 177 -61.97 39.90 47.68
C VAL B 177 -61.37 38.71 48.41
N THR B 178 -62.24 37.92 49.04
CA THR B 178 -61.81 36.79 49.87
C THR B 178 -61.83 35.53 49.03
N ILE B 179 -60.97 35.48 48.01
CA ILE B 179 -60.80 34.30 47.20
C ILE B 179 -59.72 33.42 47.82
N SER B 180 -60.11 32.62 48.81
CA SER B 180 -59.16 31.80 49.54
C SER B 180 -59.17 30.37 48.99
N TRP B 181 -57.98 29.84 48.73
CA TRP B 181 -57.87 28.48 48.23
C TRP B 181 -58.22 27.48 49.32
N THR B 182 -58.78 26.36 48.90
CA THR B 182 -59.14 25.30 49.83
C THR B 182 -59.27 23.99 49.05
N ARG B 183 -58.84 22.91 49.68
CA ARG B 183 -58.89 21.60 49.06
C ARG B 183 -60.33 21.09 48.99
N GLN B 184 -60.55 20.08 48.15
CA GLN B 184 -61.89 19.50 48.05
C GLN B 184 -62.35 18.96 49.39
N ASN B 185 -61.43 18.48 50.22
CA ASN B 185 -61.76 18.03 51.56
C ASN B 185 -61.94 19.19 52.54
N GLY B 186 -61.84 20.42 52.05
CA GLY B 186 -62.04 21.58 52.90
C GLY B 186 -60.83 22.00 53.72
N GLU B 187 -59.71 21.28 53.58
CA GLU B 187 -58.54 21.59 54.37
C GLU B 187 -57.96 22.93 53.96
N ALA B 188 -57.25 23.57 54.90
CA ALA B 188 -56.69 24.89 54.67
C ALA B 188 -55.68 24.85 53.53
N VAL B 189 -55.67 25.92 52.73
CA VAL B 189 -54.70 26.11 51.67
C VAL B 189 -54.21 27.55 51.72
N LYS B 190 -52.93 27.75 51.42
CA LYS B 190 -52.39 29.09 51.41
C LYS B 190 -53.22 29.99 50.51
N THR B 191 -53.61 31.14 51.03
CA THR B 191 -54.48 32.05 50.28
C THR B 191 -53.75 32.59 49.06
N HIS B 192 -54.50 33.30 48.22
CA HIS B 192 -53.91 33.94 47.06
C HIS B 192 -52.82 34.92 47.48
N THR B 193 -51.72 34.92 46.74
CA THR B 193 -50.62 35.86 46.98
C THR B 193 -51.03 37.24 46.48
N ASN B 194 -51.99 37.83 47.19
CA ASN B 194 -52.48 39.16 46.87
C ASN B 194 -53.23 39.18 45.55
N ILE B 195 -53.90 40.29 45.27
CA ILE B 195 -54.60 40.50 44.00
C ILE B 195 -53.74 41.38 43.11
N SER B 196 -53.73 41.08 41.82
CA SER B 196 -52.96 41.86 40.88
C SER B 196 -53.56 43.27 40.74
N GLU B 197 -52.90 44.09 39.93
CA GLU B 197 -53.32 45.47 39.75
C GLU B 197 -54.66 45.53 39.01
N SER B 198 -55.15 46.75 38.81
CA SER B 198 -56.39 46.96 38.09
C SER B 198 -56.18 46.72 36.60
N HIS B 199 -57.26 46.78 35.85
CA HIS B 199 -57.26 46.51 34.42
C HIS B 199 -58.14 47.53 33.72
N PRO B 200 -57.92 47.74 32.42
CA PRO B 200 -58.83 48.62 31.66
C PRO B 200 -60.22 48.07 31.49
N ASN B 201 -60.43 46.79 31.79
CA ASN B 201 -61.74 46.15 31.64
C ASN B 201 -62.67 46.46 32.80
N ALA B 202 -62.29 47.36 33.70
CA ALA B 202 -63.13 47.75 34.84
C ALA B 202 -63.58 46.52 35.62
N THR B 203 -62.64 45.60 35.85
CA THR B 203 -62.93 44.39 36.59
C THR B 203 -61.68 44.00 37.37
N PHE B 204 -61.88 43.60 38.63
CA PHE B 204 -60.78 43.14 39.47
C PHE B 204 -60.57 41.65 39.21
N SER B 205 -59.87 41.37 38.12
CA SER B 205 -59.62 40.00 37.70
C SER B 205 -58.60 39.35 38.62
N ALA B 206 -59.08 38.77 39.72
CA ALA B 206 -58.19 38.22 40.72
C ALA B 206 -57.40 37.03 40.16
N VAL B 207 -56.20 36.84 40.70
CA VAL B 207 -55.32 35.75 40.31
C VAL B 207 -54.94 35.01 41.59
N GLY B 208 -55.61 33.89 41.85
CA GLY B 208 -55.25 33.08 42.99
C GLY B 208 -53.94 32.35 42.77
N GLU B 209 -53.20 32.16 43.86
CA GLU B 209 -51.93 31.47 43.85
C GLU B 209 -51.99 30.27 44.81
N ALA B 210 -51.31 29.20 44.43
CA ALA B 210 -51.28 27.99 45.23
C ALA B 210 -49.92 27.34 45.11
N SER B 211 -49.59 26.52 46.10
CA SER B 211 -48.33 25.79 46.13
C SER B 211 -48.56 24.41 46.73
N ILE B 212 -47.96 23.39 46.12
CA ILE B 212 -48.10 22.04 46.64
C ILE B 212 -46.92 21.20 46.13
N CYS B 213 -46.62 20.10 46.83
CA CYS B 213 -45.36 19.42 46.55
C CYS B 213 -45.29 18.84 45.15
N GLU B 214 -45.93 17.70 44.90
CA GLU B 214 -46.33 17.35 43.55
C GLU B 214 -47.56 16.44 43.53
N ASP B 215 -47.70 15.62 44.57
CA ASP B 215 -48.58 14.46 44.48
C ASP B 215 -50.04 14.87 44.61
N ASP B 216 -50.34 15.78 45.54
CA ASP B 216 -51.69 16.30 45.67
C ASP B 216 -52.31 16.58 44.30
N TRP B 217 -51.60 17.34 43.46
CA TRP B 217 -52.12 17.62 42.13
C TRP B 217 -52.24 16.35 41.30
N ASN B 218 -51.31 15.41 41.49
CA ASN B 218 -51.40 14.10 40.86
C ASN B 218 -52.44 13.19 41.53
N SER B 219 -52.76 13.44 42.79
CA SER B 219 -53.74 12.64 43.51
C SER B 219 -55.14 13.01 43.02
N GLY B 220 -56.16 12.45 43.66
CA GLY B 220 -57.53 12.75 43.28
C GLY B 220 -58.10 13.95 44.01
N GLU B 221 -57.28 14.97 44.19
CA GLU B 221 -57.70 16.19 44.86
C GLU B 221 -58.25 17.19 43.84
N ARG B 222 -59.18 18.03 44.31
CA ARG B 222 -59.82 19.02 43.47
C ARG B 222 -59.79 20.36 44.19
N PHE B 223 -59.08 21.33 43.64
CA PHE B 223 -58.99 22.64 44.26
C PHE B 223 -60.28 23.41 44.03
N THR B 224 -60.65 24.22 45.01
CA THR B 224 -61.89 25.00 44.95
C THR B 224 -61.60 26.43 45.36
N CYS B 225 -61.76 27.36 44.42
CA CYS B 225 -61.63 28.78 44.70
C CYS B 225 -62.97 29.30 45.18
N THR B 226 -63.00 29.85 46.40
CA THR B 226 -64.24 30.32 46.98
C THR B 226 -64.85 31.44 46.15
N VAL B 227 -64.03 32.41 45.75
CA VAL B 227 -64.49 33.55 44.96
C VAL B 227 -65.57 34.29 45.74
N THR B 228 -65.19 34.87 46.88
CA THR B 228 -66.13 35.59 47.72
C THR B 228 -66.31 37.02 47.23
N HIS B 229 -67.57 37.44 47.11
CA HIS B 229 -67.91 38.78 46.70
C HIS B 229 -69.08 39.27 47.53
N THR B 230 -68.97 40.50 48.03
CA THR B 230 -70.06 41.07 48.82
C THR B 230 -71.34 41.20 48.00
N ASP B 231 -71.22 41.67 46.76
CA ASP B 231 -72.38 41.81 45.88
C ASP B 231 -72.72 40.50 45.18
N LEU B 232 -72.86 39.41 45.94
CA LEU B 232 -73.24 38.11 45.43
C LEU B 232 -73.67 37.21 46.58
N PRO B 233 -74.94 37.22 46.98
CA PRO B 233 -75.36 36.34 48.08
C PRO B 233 -75.22 34.87 47.76
N SER B 234 -75.11 34.49 46.48
CA SER B 234 -74.99 33.10 46.06
C SER B 234 -73.77 32.97 45.17
N PRO B 235 -72.57 33.10 45.75
CA PRO B 235 -71.36 33.01 44.93
C PRO B 235 -71.11 31.59 44.44
N LEU B 236 -70.37 31.46 43.34
CA LEU B 236 -70.01 30.16 42.78
C LEU B 236 -68.51 29.96 42.91
N LYS B 237 -68.13 28.80 43.47
CA LYS B 237 -66.73 28.47 43.68
C LYS B 237 -66.21 27.72 42.47
N GLN B 238 -65.05 28.16 41.96
CA GLN B 238 -64.48 27.57 40.76
C GLN B 238 -63.76 26.27 41.11
N THR B 239 -64.14 25.18 40.44
CA THR B 239 -63.56 23.87 40.70
C THR B 239 -62.47 23.58 39.67
N ILE B 240 -61.36 23.01 40.15
CA ILE B 240 -60.22 22.64 39.33
C ILE B 240 -59.87 21.21 39.67
N SER B 241 -59.79 20.35 38.65
CA SER B 241 -59.51 18.93 38.84
C SER B 241 -58.36 18.51 37.93
N ARG B 242 -58.05 17.21 37.98
CA ARG B 242 -57.00 16.62 37.13
C ARG B 242 -57.57 15.39 36.45
N PRO B 243 -58.30 15.58 35.35
CA PRO B 243 -58.92 14.43 34.68
C PRO B 243 -57.88 13.46 34.14
N LYS B 244 -58.27 12.19 34.06
CA LYS B 244 -57.39 11.14 33.60
C LYS B 244 -58.21 10.20 32.71
N GLY B 245 -57.62 9.05 32.36
CA GLY B 245 -58.28 8.10 31.49
C GLY B 245 -58.05 8.38 30.02
N VAL B 246 -56.79 8.46 29.61
CA VAL B 246 -56.42 8.70 28.23
C VAL B 246 -55.43 7.63 27.79
N ALA B 247 -55.56 7.18 26.55
CA ALA B 247 -54.64 6.20 26.01
C ALA B 247 -53.22 6.73 26.03
N LEU B 248 -52.29 5.91 26.50
CA LEU B 248 -50.89 6.29 26.60
C LEU B 248 -50.14 5.85 25.35
N HIS B 249 -49.14 6.64 24.97
CA HIS B 249 -48.31 6.30 23.83
C HIS B 249 -46.91 6.86 24.05
N ARG B 250 -45.91 6.05 23.71
CA ARG B 250 -44.53 6.45 23.86
C ARG B 250 -44.20 7.51 22.82
N PRO B 251 -43.82 8.72 23.20
CA PRO B 251 -43.33 9.67 22.20
C PRO B 251 -42.12 9.10 21.47
N ASP B 252 -42.09 9.32 20.15
CA ASP B 252 -40.98 8.88 19.31
C ASP B 252 -40.25 10.13 18.84
N VAL B 253 -39.07 10.37 19.41
CA VAL B 253 -38.30 11.56 19.09
C VAL B 253 -37.27 11.21 18.03
N TYR B 254 -37.15 12.08 17.02
CA TYR B 254 -36.15 11.92 15.97
C TYR B 254 -35.49 13.28 15.76
N LEU B 255 -34.18 13.34 15.97
CA LEU B 255 -33.41 14.55 15.73
C LEU B 255 -32.68 14.40 14.41
N LEU B 256 -32.79 15.41 13.55
CA LEU B 256 -32.17 15.34 12.23
C LEU B 256 -31.26 16.54 12.02
N PRO B 257 -30.08 16.34 11.44
CA PRO B 257 -29.09 17.41 11.39
C PRO B 257 -29.36 18.37 10.25
N PRO B 258 -28.58 19.44 10.12
CA PRO B 258 -28.83 20.40 9.05
C PRO B 258 -28.78 19.74 7.68
N ALA B 259 -29.65 20.23 6.80
CA ALA B 259 -29.79 19.62 5.48
C ALA B 259 -28.48 19.70 4.70
N ARG B 260 -28.24 18.68 3.88
CA ARG B 260 -27.00 18.63 3.10
C ARG B 260 -26.83 19.87 2.25
N GLU B 261 -27.93 20.47 1.79
CA GLU B 261 -27.84 21.69 1.01
C GLU B 261 -27.27 22.84 1.82
N GLN B 262 -27.69 22.95 3.08
CA GLN B 262 -27.21 24.05 3.93
C GLN B 262 -25.69 23.99 4.10
N LEU B 263 -25.10 22.81 4.03
CA LEU B 263 -23.65 22.69 4.20
C LEU B 263 -22.90 23.53 3.17
N ASN B 264 -23.28 23.43 1.89
CA ASN B 264 -22.63 24.22 0.86
C ASN B 264 -22.84 25.71 1.07
N LEU B 265 -24.04 26.11 1.52
CA LEU B 265 -24.32 27.53 1.68
C LEU B 265 -23.38 28.17 2.69
N ARG B 266 -23.12 27.49 3.81
CA ARG B 266 -22.20 27.95 4.84
C ARG B 266 -22.73 29.17 5.59
N GLU B 267 -23.88 29.70 5.18
CA GLU B 267 -24.39 30.94 5.76
C GLU B 267 -24.94 30.75 7.16
N SER B 268 -25.50 29.58 7.46
CA SER B 268 -26.01 29.28 8.79
C SER B 268 -26.35 27.80 8.83
N ALA B 269 -26.90 27.36 9.96
CA ALA B 269 -27.28 25.97 10.17
C ALA B 269 -28.55 25.91 11.01
N THR B 270 -29.33 24.85 10.80
CA THR B 270 -30.56 24.64 11.54
C THR B 270 -30.69 23.16 11.88
N ILE B 271 -31.27 22.88 13.04
CA ILE B 271 -31.46 21.51 13.52
C ILE B 271 -32.93 21.31 13.85
N THR B 272 -33.48 20.17 13.45
CA THR B 272 -34.89 19.88 13.59
C THR B 272 -35.12 18.70 14.52
N CYS B 273 -36.04 18.87 15.47
CA CYS B 273 -36.44 17.79 16.37
C CYS B 273 -37.92 17.52 16.13
N LEU B 274 -38.23 16.30 15.69
CA LEU B 274 -39.60 15.88 15.41
C LEU B 274 -40.05 14.89 16.46
N VAL B 275 -41.32 14.98 16.85
CA VAL B 275 -41.89 14.06 17.85
C VAL B 275 -43.23 13.58 17.32
N THR B 276 -43.45 12.27 17.40
CA THR B 276 -44.65 11.67 16.85
C THR B 276 -45.13 10.55 17.76
N GLY B 277 -46.42 10.24 17.65
CA GLY B 277 -46.98 9.09 18.33
C GLY B 277 -46.99 9.21 19.84
N PHE B 278 -47.81 10.11 20.37
CA PHE B 278 -47.89 10.30 21.81
C PHE B 278 -49.24 10.92 22.15
N SER B 279 -49.58 10.84 23.44
CA SER B 279 -50.82 11.41 23.95
C SER B 279 -50.68 11.59 25.45
N PRO B 280 -51.21 12.68 26.03
CA PRO B 280 -51.89 13.82 25.38
C PRO B 280 -50.90 14.76 24.70
N ALA B 281 -51.41 15.88 24.18
CA ALA B 281 -50.58 16.87 23.48
C ALA B 281 -50.09 17.89 24.50
N ASP B 282 -49.09 17.50 25.29
CA ASP B 282 -48.55 18.36 26.33
C ASP B 282 -47.03 18.25 26.40
N VAL B 283 -46.38 18.04 25.26
CA VAL B 283 -44.94 17.86 25.22
C VAL B 283 -44.26 19.18 25.57
N PHE B 284 -42.96 19.13 25.84
CA PHE B 284 -42.19 20.35 26.09
C PHE B 284 -40.75 20.07 25.62
N VAL B 285 -40.33 20.79 24.58
CA VAL B 285 -39.02 20.56 24.00
C VAL B 285 -38.02 21.56 24.57
N GLN B 286 -36.78 21.10 24.76
CA GLN B 286 -35.69 21.96 25.19
C GLN B 286 -34.40 21.46 24.55
N TRP B 287 -33.49 22.40 24.30
CA TRP B 287 -32.21 22.11 23.70
C TRP B 287 -31.09 22.35 24.70
N MET B 288 -30.12 21.45 24.73
CA MET B 288 -29.02 21.53 25.67
C MET B 288 -27.71 21.34 24.89
N GLN B 289 -26.75 22.24 25.14
CA GLN B 289 -25.42 22.12 24.56
C GLN B 289 -24.53 21.38 25.54
N ARG B 290 -24.49 20.05 25.40
CA ARG B 290 -23.69 19.19 26.26
C ARG B 290 -24.11 19.39 27.72
N GLY B 291 -25.40 19.19 27.98
CA GLY B 291 -25.96 19.33 29.30
C GLY B 291 -26.23 20.76 29.71
N GLN B 292 -25.44 21.71 29.20
CA GLN B 292 -25.61 23.10 29.57
C GLN B 292 -26.91 23.65 28.97
N PRO B 293 -27.52 24.63 29.65
CA PRO B 293 -28.73 25.25 29.12
C PRO B 293 -28.39 26.19 27.96
N LEU B 294 -29.41 26.89 27.47
CA LEU B 294 -29.21 27.84 26.39
C LEU B 294 -30.40 28.80 26.37
N SER B 295 -30.10 30.05 26.05
CA SER B 295 -31.13 31.08 26.04
C SER B 295 -32.27 30.67 25.10
N PRO B 296 -33.51 30.66 25.57
CA PRO B 296 -34.61 30.11 24.75
C PRO B 296 -34.96 30.94 23.53
N GLU B 297 -34.37 32.13 23.38
CA GLU B 297 -34.64 32.95 22.19
C GLU B 297 -34.07 32.33 20.92
N LYS B 298 -32.96 31.60 21.01
CA LYS B 298 -32.30 31.05 19.84
C LYS B 298 -32.96 29.76 19.34
N TYR B 299 -34.13 29.39 19.86
CA TYR B 299 -34.84 28.24 19.36
C TYR B 299 -36.34 28.49 19.46
N VAL B 300 -37.10 27.72 18.69
CA VAL B 300 -38.55 27.83 18.63
C VAL B 300 -39.15 26.44 18.55
N THR B 301 -40.42 26.34 18.95
CA THR B 301 -41.14 25.07 18.96
C THR B 301 -42.58 25.32 18.56
N SER B 302 -43.09 24.50 17.64
CA SER B 302 -44.49 24.57 17.28
C SER B 302 -45.35 23.95 18.36
N ALA B 303 -46.62 24.33 18.36
CA ALA B 303 -47.59 23.67 19.22
C ALA B 303 -47.76 22.23 18.75
N PRO B 304 -48.54 21.44 19.47
CA PRO B 304 -48.87 20.09 18.98
C PRO B 304 -49.95 20.15 17.90
N MET B 305 -49.59 19.77 16.69
CA MET B 305 -50.55 19.63 15.62
C MET B 305 -51.12 18.22 15.61
N PRO B 306 -52.36 18.05 15.15
CA PRO B 306 -52.94 16.71 15.06
C PRO B 306 -52.30 15.91 13.93
N GLU B 307 -52.60 14.62 13.92
CA GLU B 307 -52.13 13.70 12.89
C GLU B 307 -53.33 12.99 12.30
N PRO B 308 -54.01 13.60 11.33
CA PRO B 308 -55.19 12.95 10.74
C PRO B 308 -54.90 11.58 10.14
N GLN B 309 -53.67 11.35 9.65
CA GLN B 309 -53.29 10.06 9.12
C GLN B 309 -53.02 9.03 10.21
N ALA B 310 -53.31 9.36 11.46
CA ALA B 310 -53.17 8.44 12.57
C ALA B 310 -54.36 8.61 13.50
N PRO B 311 -54.66 7.61 14.34
CA PRO B 311 -55.83 7.73 15.22
C PRO B 311 -55.64 8.77 16.31
N GLY B 312 -55.63 10.04 15.93
CA GLY B 312 -55.49 11.11 16.90
C GLY B 312 -54.18 11.11 17.65
N ARG B 313 -53.18 10.41 17.15
CA ARG B 313 -51.85 10.40 17.77
C ARG B 313 -51.17 11.73 17.44
N TYR B 314 -51.12 12.61 18.43
CA TYR B 314 -50.60 13.95 18.20
C TYR B 314 -49.12 13.90 17.84
N PHE B 315 -48.69 14.92 17.11
CA PHE B 315 -47.29 15.07 16.73
C PHE B 315 -46.93 16.54 16.83
N ALA B 316 -45.62 16.81 16.85
CA ALA B 316 -45.14 18.18 16.95
C ALA B 316 -43.70 18.23 16.47
N HIS B 317 -43.14 19.42 16.45
CA HIS B 317 -41.77 19.62 16.00
C HIS B 317 -41.24 20.92 16.59
N SER B 318 -39.92 21.06 16.53
CA SER B 318 -39.26 22.28 16.95
C SER B 318 -37.95 22.40 16.19
N ILE B 319 -37.40 23.62 16.17
CA ILE B 319 -36.18 23.92 15.43
C ILE B 319 -35.21 24.65 16.35
N LEU B 320 -33.95 24.67 15.93
CA LEU B 320 -32.91 25.40 16.63
C LEU B 320 -31.97 25.97 15.58
N THR B 321 -31.83 27.30 15.56
CA THR B 321 -30.99 27.98 14.59
C THR B 321 -29.63 28.27 15.21
N VAL B 322 -28.56 27.92 14.48
CA VAL B 322 -27.20 28.10 14.95
C VAL B 322 -26.36 28.60 13.79
N SER B 323 -25.22 29.22 14.12
CA SER B 323 -24.29 29.63 13.09
C SER B 323 -23.59 28.41 12.49
N GLU B 324 -23.21 28.52 11.22
CA GLU B 324 -22.56 27.39 10.56
C GLU B 324 -21.27 27.00 11.26
N GLU B 325 -20.41 27.97 11.57
CA GLU B 325 -19.15 27.66 12.22
C GLU B 325 -19.36 26.78 13.44
N GLU B 326 -20.42 27.03 14.20
CA GLU B 326 -20.72 26.22 15.37
C GLU B 326 -20.97 24.77 14.99
N TRP B 327 -21.71 24.52 13.91
CA TRP B 327 -21.95 23.15 13.47
C TRP B 327 -20.70 22.50 12.89
N ASN B 328 -19.90 23.23 12.11
CA ASN B 328 -18.67 22.62 11.59
C ASN B 328 -17.67 22.34 12.69
N THR B 329 -17.77 23.00 13.84
CA THR B 329 -16.88 22.70 14.95
C THR B 329 -17.11 21.31 15.52
N GLY B 330 -18.17 20.62 15.10
CA GLY B 330 -18.42 19.28 15.56
C GLY B 330 -19.05 19.18 16.92
N GLU B 331 -19.52 20.29 17.49
CA GLU B 331 -20.13 20.26 18.80
C GLU B 331 -21.36 19.33 18.79
N THR B 332 -21.83 19.02 19.99
CA THR B 332 -22.98 18.14 20.17
C THR B 332 -24.13 18.92 20.77
N TYR B 333 -25.34 18.46 20.51
CA TYR B 333 -26.55 19.11 20.99
C TYR B 333 -27.58 18.04 21.32
N THR B 334 -28.47 18.35 22.25
CA THR B 334 -29.41 17.38 22.78
C THR B 334 -30.81 17.98 22.84
N CYS B 335 -31.78 17.22 22.34
CA CYS B 335 -33.17 17.66 22.26
C CYS B 335 -33.97 16.88 23.30
N VAL B 336 -34.02 17.42 24.51
CA VAL B 336 -34.75 16.80 25.61
C VAL B 336 -36.23 17.11 25.47
N VAL B 337 -37.07 16.12 25.73
CA VAL B 337 -38.51 16.28 25.64
C VAL B 337 -39.15 15.82 26.95
N ALA B 338 -40.06 16.65 27.46
CA ALA B 338 -40.81 16.35 28.67
C ALA B 338 -42.24 16.02 28.28
N HIS B 339 -42.65 14.79 28.52
CA HIS B 339 -44.02 14.36 28.28
C HIS B 339 -44.42 13.36 29.35
N GLU B 340 -45.68 13.42 29.77
CA GLU B 340 -46.15 12.56 30.84
C GLU B 340 -46.10 11.09 30.45
N ALA B 341 -46.37 10.77 29.17
CA ALA B 341 -46.44 9.39 28.72
C ALA B 341 -45.04 8.83 28.51
N LEU B 342 -44.25 8.88 29.58
CA LEU B 342 -42.86 8.44 29.51
C LEU B 342 -42.57 7.59 30.75
N PRO B 343 -41.58 6.69 30.68
CA PRO B 343 -41.23 5.90 31.86
C PRO B 343 -40.63 6.77 32.95
N ASN B 344 -39.64 7.58 32.57
CA ASN B 344 -38.94 8.47 33.50
C ASN B 344 -39.34 9.93 33.34
N ARG B 345 -40.40 10.20 32.59
CA ARG B 345 -40.93 11.55 32.44
C ARG B 345 -39.95 12.48 31.73
N VAL B 346 -39.03 11.92 30.95
CA VAL B 346 -38.11 12.70 30.14
C VAL B 346 -37.44 11.79 29.13
N THR B 347 -37.18 12.31 27.93
CA THR B 347 -36.46 11.57 26.91
C THR B 347 -35.38 12.45 26.32
N GLU B 348 -34.30 11.81 25.87
CA GLU B 348 -33.11 12.50 25.39
C GLU B 348 -32.74 11.98 24.01
N ARG B 349 -32.27 12.87 23.15
CA ARG B 349 -31.76 12.48 21.84
C ARG B 349 -30.65 13.45 21.46
N THR B 350 -29.71 12.97 20.65
CA THR B 350 -28.59 13.80 20.24
C THR B 350 -28.01 13.28 18.94
N VAL B 351 -27.46 14.20 18.14
CA VAL B 351 -26.81 13.87 16.89
C VAL B 351 -25.72 14.89 16.63
N ASP B 352 -24.72 14.48 15.85
CA ASP B 352 -23.62 15.35 15.45
C ASP B 352 -23.14 14.89 14.08
N LYS B 353 -21.99 15.40 13.65
CA LYS B 353 -21.45 15.01 12.35
C LYS B 353 -21.23 13.50 12.25
N SER B 354 -20.97 12.84 13.37
CA SER B 354 -20.66 11.42 13.33
C SER B 354 -21.78 10.62 12.68
N THR B 355 -23.03 10.89 13.08
CA THR B 355 -24.18 10.20 12.50
C THR B 355 -24.68 10.88 11.23
N GLY B 356 -23.84 11.67 10.57
CA GLY B 356 -24.25 12.36 9.36
C GLY B 356 -23.21 12.29 8.26
N LYS B 357 -22.48 11.18 8.19
CA LYS B 357 -21.47 10.99 7.17
C LYS B 357 -21.62 9.61 6.57
N PRO B 358 -21.09 9.37 5.36
CA PRO B 358 -21.20 8.05 4.75
C PRO B 358 -20.35 7.03 5.48
N THR B 359 -20.64 5.76 5.21
CA THR B 359 -19.94 4.66 5.87
C THR B 359 -18.61 4.32 5.20
N LEU B 360 -18.54 4.31 3.87
CA LEU B 360 -17.34 3.88 3.18
C LEU B 360 -17.36 4.43 1.76
N TYR B 361 -16.23 4.27 1.07
CA TYR B 361 -16.08 4.67 -0.32
C TYR B 361 -15.77 3.44 -1.17
N ASN B 362 -16.09 3.55 -2.46
CA ASN B 362 -15.81 2.49 -3.41
C ASN B 362 -15.24 3.09 -4.69
N VAL B 363 -14.45 4.15 -4.56
CA VAL B 363 -13.88 4.81 -5.72
C VAL B 363 -13.07 3.81 -6.53
N SER B 364 -12.98 4.04 -7.84
CA SER B 364 -12.26 3.16 -8.75
C SER B 364 -11.79 3.97 -9.94
N LEU B 365 -10.49 4.26 -9.99
CA LEU B 365 -9.91 5.03 -11.08
C LEU B 365 -9.48 4.11 -12.21
N VAL B 366 -9.57 4.62 -13.43
CA VAL B 366 -9.16 3.89 -14.63
C VAL B 366 -8.50 4.89 -15.57
N MET B 367 -7.19 4.76 -15.75
CA MET B 367 -6.44 5.68 -16.61
C MET B 367 -5.74 4.86 -17.69
N SER B 368 -5.94 5.24 -18.94
CA SER B 368 -5.30 4.61 -20.08
C SER B 368 -5.38 5.55 -21.26
N ASP B 369 -4.57 5.27 -22.28
CA ASP B 369 -4.53 6.06 -23.50
C ASP B 369 -5.62 5.67 -24.48
N THR B 370 -6.35 4.59 -24.20
CA THR B 370 -7.41 4.12 -25.10
C THR B 370 -8.53 5.14 -25.18
N ASP C 141 -25.34 -2.87 71.22
CA ASP C 141 -26.01 -3.76 70.23
C ASP C 141 -27.03 -4.68 70.91
N THR C 142 -26.71 -5.10 72.14
CA THR C 142 -27.61 -5.97 72.87
C THR C 142 -28.92 -5.27 73.21
N ALA C 143 -28.87 -3.97 73.47
CA ALA C 143 -30.06 -3.22 73.83
C ALA C 143 -31.00 -3.11 72.62
N ILE C 144 -32.18 -2.54 72.85
CA ILE C 144 -33.16 -2.35 71.79
C ILE C 144 -32.54 -1.43 70.74
N ARG C 145 -32.32 -1.94 69.54
CA ARG C 145 -31.70 -1.18 68.47
C ARG C 145 -32.77 -0.53 67.61
N VAL C 146 -32.66 0.79 67.42
CA VAL C 146 -33.62 1.55 66.64
C VAL C 146 -32.86 2.35 65.59
N PHE C 147 -33.26 2.21 64.33
CA PHE C 147 -32.67 2.96 63.23
C PHE C 147 -33.79 3.62 62.44
N ALA C 148 -33.48 4.79 61.88
CA ALA C 148 -34.40 5.54 61.01
C ALA C 148 -33.72 5.74 59.66
N ILE C 149 -34.01 4.84 58.73
CA ILE C 149 -33.37 4.85 57.41
C ILE C 149 -33.99 5.98 56.59
N PRO C 150 -33.21 6.94 56.10
CA PRO C 150 -33.78 7.98 55.25
C PRO C 150 -34.30 7.39 53.96
N PRO C 151 -35.00 8.17 53.14
CA PRO C 151 -35.50 7.66 51.86
C PRO C 151 -34.37 7.62 50.84
N SER C 152 -34.13 6.43 50.28
CA SER C 152 -33.03 6.25 49.33
C SER C 152 -33.35 6.97 48.03
N PHE C 153 -32.32 7.57 47.43
CA PHE C 153 -32.50 8.24 46.15
C PHE C 153 -32.96 7.28 45.08
N ALA C 154 -32.36 6.08 45.03
CA ALA C 154 -32.82 5.07 44.09
C ALA C 154 -34.26 4.66 44.36
N SER C 155 -34.64 4.54 45.63
CA SER C 155 -36.01 4.17 45.98
C SER C 155 -37.02 5.21 45.51
N ILE C 156 -36.75 6.50 45.72
CA ILE C 156 -37.67 7.53 45.22
C ILE C 156 -37.67 7.54 43.70
N PHE C 157 -36.50 7.47 43.08
CA PHE C 157 -36.43 7.49 41.62
C PHE C 157 -36.93 6.20 41.00
N LEU C 158 -37.20 5.17 41.81
CA LEU C 158 -37.82 3.95 41.33
C LEU C 158 -39.31 3.86 41.64
N THR C 159 -39.78 4.60 42.66
CA THR C 159 -41.17 4.54 43.07
C THR C 159 -41.88 5.88 43.00
N LYS C 160 -41.15 6.98 42.81
CA LYS C 160 -41.64 8.33 42.63
C LYS C 160 -42.16 8.95 43.93
N SER C 161 -42.18 8.21 45.04
CA SER C 161 -42.72 8.70 46.29
C SER C 161 -41.73 8.44 47.42
N THR C 162 -41.57 9.44 48.28
CA THR C 162 -40.68 9.29 49.43
C THR C 162 -41.19 8.19 50.35
N LYS C 163 -40.28 7.28 50.71
CA LYS C 163 -40.58 6.21 51.66
C LYS C 163 -39.62 6.34 52.83
N LEU C 164 -40.18 6.49 54.03
CA LEU C 164 -39.40 6.59 55.26
C LEU C 164 -39.62 5.32 56.06
N THR C 165 -38.54 4.58 56.29
CA THR C 165 -38.58 3.36 57.07
C THR C 165 -37.80 3.54 58.35
N CYS C 166 -38.26 2.90 59.43
CA CYS C 166 -37.46 2.78 60.64
C CYS C 166 -37.53 1.34 61.12
N LEU C 167 -36.37 0.78 61.44
CA LEU C 167 -36.23 -0.60 61.89
C LEU C 167 -36.03 -0.62 63.40
N VAL C 168 -36.54 -1.67 64.04
CA VAL C 168 -36.39 -1.88 65.47
C VAL C 168 -36.01 -3.34 65.65
N THR C 169 -34.73 -3.59 65.90
CA THR C 169 -34.20 -4.92 66.11
C THR C 169 -33.83 -5.12 67.57
N ASP C 170 -33.50 -6.36 67.92
CA ASP C 170 -33.20 -6.71 69.30
C ASP C 170 -34.40 -6.42 70.19
N LEU C 171 -35.52 -7.09 69.93
CA LEU C 171 -36.72 -6.96 70.72
C LEU C 171 -37.26 -8.33 71.07
N THR C 172 -38.07 -8.38 72.13
CA THR C 172 -38.68 -9.61 72.59
C THR C 172 -39.78 -10.06 71.63
N THR C 173 -40.33 -11.23 71.90
CA THR C 173 -41.38 -11.83 71.08
C THR C 173 -42.78 -11.41 71.53
N TYR C 174 -42.90 -10.54 72.52
CA TYR C 174 -44.20 -10.11 73.02
C TYR C 174 -44.82 -9.08 72.09
N ASP C 175 -46.14 -8.94 72.19
CA ASP C 175 -46.87 -7.93 71.44
C ASP C 175 -46.85 -6.60 72.20
N SER C 176 -47.67 -5.65 71.77
CA SER C 176 -47.76 -4.29 72.29
C SER C 176 -46.68 -3.39 71.70
N VAL C 177 -45.81 -3.91 70.82
CA VAL C 177 -44.83 -3.05 70.15
C VAL C 177 -45.55 -2.15 69.17
N THR C 178 -45.28 -0.85 69.27
CA THR C 178 -45.95 0.15 68.45
C THR C 178 -44.91 1.07 67.83
N ILE C 179 -45.08 1.35 66.54
CA ILE C 179 -44.15 2.19 65.78
C ILE C 179 -44.98 3.11 64.89
N SER C 180 -44.60 4.39 64.84
CA SER C 180 -45.32 5.33 64.00
C SER C 180 -44.44 6.53 63.70
N TRP C 181 -44.43 6.95 62.44
CA TRP C 181 -43.71 8.16 62.07
C TRP C 181 -44.52 9.41 62.42
N THR C 182 -43.81 10.53 62.48
CA THR C 182 -44.44 11.81 62.78
C THR C 182 -43.64 12.90 62.09
N ARG C 183 -44.34 13.97 61.70
CA ARG C 183 -43.71 15.10 61.05
C ARG C 183 -43.26 16.13 62.08
N GLN C 184 -42.34 17.00 61.68
CA GLN C 184 -41.87 18.05 62.59
C GLN C 184 -43.01 18.92 63.09
N ASN C 185 -44.11 19.00 62.34
CA ASN C 185 -45.30 19.74 62.75
C ASN C 185 -46.20 18.94 63.68
N GLY C 186 -45.69 17.87 64.27
CA GLY C 186 -46.47 17.01 65.13
C GLY C 186 -47.43 16.09 64.41
N GLU C 187 -47.46 16.13 63.08
CA GLU C 187 -48.39 15.32 62.33
C GLU C 187 -47.86 13.90 62.21
N ALA C 188 -48.66 12.93 62.69
CA ALA C 188 -48.21 11.55 62.77
C ALA C 188 -48.12 10.93 61.38
N VAL C 189 -47.70 9.66 61.34
CA VAL C 189 -47.66 8.94 60.09
C VAL C 189 -49.07 8.74 59.55
N LYS C 190 -49.16 8.61 58.22
CA LYS C 190 -50.44 8.53 57.54
C LYS C 190 -50.81 7.06 57.43
N THR C 191 -51.53 6.56 58.44
CA THR C 191 -51.97 5.18 58.50
C THR C 191 -50.92 4.21 57.97
N HIS C 192 -49.75 4.20 58.59
CA HIS C 192 -48.68 3.32 58.13
C HIS C 192 -49.07 1.86 58.35
N THR C 193 -48.52 0.98 57.52
CA THR C 193 -48.88 -0.43 57.53
C THR C 193 -47.62 -1.27 57.32
N ASN C 194 -47.81 -2.55 57.02
CA ASN C 194 -46.72 -3.50 56.81
C ASN C 194 -45.93 -3.70 58.11
N ILE C 195 -46.66 -4.20 59.11
CA ILE C 195 -46.09 -4.51 60.43
C ILE C 195 -45.32 -5.82 60.33
N SER C 196 -44.34 -5.98 61.21
CA SER C 196 -43.52 -7.19 61.26
C SER C 196 -43.38 -7.64 62.71
N GLU C 197 -43.88 -8.85 63.00
CA GLU C 197 -43.76 -9.43 64.33
C GLU C 197 -43.24 -10.86 64.26
N SER C 198 -43.49 -11.53 63.14
CA SER C 198 -43.11 -12.93 63.00
C SER C 198 -41.65 -13.05 62.58
N HIS C 199 -40.91 -13.89 63.29
CA HIS C 199 -39.50 -14.14 62.98
C HIS C 199 -39.14 -15.55 63.43
N PRO C 200 -39.44 -16.55 62.59
CA PRO C 200 -39.08 -17.93 62.95
C PRO C 200 -37.58 -18.13 63.13
N ASN C 201 -36.76 -17.25 62.56
CA ASN C 201 -35.31 -17.33 62.70
C ASN C 201 -34.81 -16.75 64.02
N ALA C 202 -35.70 -16.50 64.97
CA ALA C 202 -35.31 -15.96 66.28
C ALA C 202 -34.60 -14.61 66.14
N THR C 203 -35.13 -13.76 65.25
CA THR C 203 -34.60 -12.43 65.00
C THR C 203 -35.76 -11.44 65.08
N PHE C 204 -36.56 -11.57 66.14
CA PHE C 204 -37.75 -10.72 66.29
C PHE C 204 -37.39 -9.25 66.14
N SER C 205 -38.11 -8.57 65.26
CA SER C 205 -37.86 -7.17 64.96
C SER C 205 -39.12 -6.58 64.36
N ALA C 206 -39.06 -5.29 64.00
CA ALA C 206 -40.21 -4.60 63.44
C ALA C 206 -39.74 -3.55 62.45
N VAL C 207 -40.58 -3.30 61.45
CA VAL C 207 -40.29 -2.29 60.43
C VAL C 207 -41.51 -1.40 60.28
N GLY C 208 -41.28 -0.08 60.33
CA GLY C 208 -42.33 0.89 60.14
C GLY C 208 -42.08 1.75 58.92
N GLU C 209 -42.95 1.64 57.92
CA GLU C 209 -42.79 2.30 56.64
C GLU C 209 -43.88 3.34 56.42
N ALA C 210 -43.50 4.49 55.87
CA ALA C 210 -44.40 5.61 55.65
C ALA C 210 -44.18 6.19 54.27
N SER C 211 -45.26 6.59 53.62
CA SER C 211 -45.20 7.24 52.32
C SER C 211 -45.48 8.73 52.47
N ILE C 212 -44.75 9.54 51.70
CA ILE C 212 -44.89 11.00 51.79
C ILE C 212 -44.25 11.61 50.56
N CYS C 213 -44.63 12.84 50.24
CA CYS C 213 -44.06 13.55 49.11
C CYS C 213 -42.58 13.85 49.38
N GLU C 214 -41.91 14.43 48.39
CA GLU C 214 -40.47 14.69 48.45
C GLU C 214 -40.13 16.12 48.82
N ASP C 215 -40.59 17.10 48.04
CA ASP C 215 -40.22 18.48 48.33
C ASP C 215 -40.74 18.94 49.68
N ASP C 216 -41.85 18.36 50.15
CA ASP C 216 -42.39 18.71 51.46
C ASP C 216 -41.32 18.64 52.54
N TRP C 217 -40.55 17.56 52.56
CA TRP C 217 -39.48 17.39 53.54
C TRP C 217 -38.11 17.80 53.02
N ASN C 218 -37.95 17.90 51.69
CA ASN C 218 -36.68 18.34 51.12
C ASN C 218 -36.36 19.77 51.54
N SER C 219 -37.38 20.64 51.56
CA SER C 219 -37.17 21.99 52.08
C SER C 219 -36.62 21.95 53.50
N GLY C 220 -36.97 20.90 54.24
CA GLY C 220 -36.42 20.66 55.57
C GLY C 220 -37.50 20.31 56.56
N GLU C 221 -37.41 19.13 57.15
CA GLU C 221 -38.37 18.64 58.13
C GLU C 221 -37.70 17.56 58.97
N ARG C 222 -37.81 17.68 60.28
CA ARG C 222 -37.21 16.75 61.22
C ARG C 222 -38.22 15.63 61.48
N PHE C 223 -38.24 14.64 60.60
CA PHE C 223 -39.18 13.53 60.72
C PHE C 223 -38.77 12.63 61.89
N THR C 224 -39.69 12.40 62.81
CA THR C 224 -39.41 11.65 64.03
C THR C 224 -40.17 10.34 63.99
N CYS C 225 -39.43 9.22 63.98
CA CYS C 225 -40.06 7.91 64.01
C CYS C 225 -40.26 7.51 65.47
N THR C 226 -41.41 7.85 66.03
CA THR C 226 -41.71 7.52 67.41
C THR C 226 -41.96 6.03 67.56
N VAL C 227 -41.46 5.47 68.65
CA VAL C 227 -41.64 4.06 68.96
C VAL C 227 -42.01 3.93 70.44
N THR C 228 -43.01 3.11 70.73
CA THR C 228 -43.46 2.88 72.10
C THR C 228 -43.63 1.39 72.32
N HIS C 229 -43.25 0.92 73.50
CA HIS C 229 -43.39 -0.48 73.85
C HIS C 229 -43.47 -0.60 75.36
N THR C 230 -44.23 -1.59 75.84
CA THR C 230 -44.33 -1.81 77.27
C THR C 230 -42.97 -2.12 77.88
N ASP C 231 -42.16 -2.95 77.21
CA ASP C 231 -40.84 -3.28 77.72
C ASP C 231 -39.92 -2.07 77.76
N LEU C 232 -40.14 -1.08 76.92
CA LEU C 232 -39.30 0.11 76.91
C LEU C 232 -39.65 1.01 78.08
N PRO C 233 -38.67 1.78 78.59
CA PRO C 233 -38.94 2.68 79.71
C PRO C 233 -39.95 3.76 79.34
N SER C 234 -39.85 4.28 78.13
CA SER C 234 -40.73 5.34 77.65
C SER C 234 -40.66 5.36 76.13
N PRO C 235 -41.60 6.04 75.48
CA PRO C 235 -41.53 6.15 74.02
C PRO C 235 -40.23 6.81 73.59
N LEU C 236 -39.67 6.31 72.50
CA LEU C 236 -38.43 6.84 71.94
C LEU C 236 -38.70 7.48 70.58
N LYS C 237 -38.00 8.59 70.33
CA LYS C 237 -38.15 9.33 69.09
C LYS C 237 -36.80 9.48 68.42
N GLN C 238 -36.73 9.15 67.13
CA GLN C 238 -35.51 9.29 66.34
C GLN C 238 -35.80 10.28 65.23
N THR C 239 -35.09 11.40 65.24
CA THR C 239 -35.29 12.44 64.23
C THR C 239 -34.34 12.22 63.06
N ILE C 240 -34.81 12.61 61.87
CA ILE C 240 -34.05 12.40 60.64
C ILE C 240 -34.41 13.52 59.68
N SER C 241 -33.42 13.95 58.90
CA SER C 241 -33.61 15.01 57.91
C SER C 241 -32.53 14.86 56.85
N ARG C 242 -32.80 15.44 55.67
CA ARG C 242 -31.83 15.39 54.59
C ARG C 242 -30.61 16.22 54.96
N PRO C 243 -29.39 15.72 54.72
CA PRO C 243 -28.18 16.50 55.01
C PRO C 243 -27.97 17.58 53.96
N LYS C 244 -28.09 18.84 54.37
CA LYS C 244 -27.98 19.96 53.46
C LYS C 244 -26.55 20.48 53.42
N GLY C 245 -26.19 21.07 52.29
CA GLY C 245 -24.86 21.62 52.10
C GLY C 245 -23.85 20.68 51.48
N VAL C 246 -24.30 19.57 50.89
CA VAL C 246 -23.41 18.60 50.29
C VAL C 246 -22.95 19.12 48.94
N ALA C 247 -21.80 18.62 48.48
CA ALA C 247 -21.27 19.03 47.18
C ALA C 247 -22.16 18.55 46.05
N LEU C 248 -22.19 19.32 44.97
CA LEU C 248 -23.01 19.01 43.81
C LEU C 248 -22.14 19.03 42.56
N HIS C 249 -22.26 17.97 41.75
CA HIS C 249 -21.55 17.89 40.49
C HIS C 249 -22.33 16.99 39.55
N ARG C 250 -22.18 17.25 38.25
CA ARG C 250 -22.92 16.52 37.24
C ARG C 250 -22.24 15.18 36.94
N PRO C 251 -22.97 14.07 36.99
CA PRO C 251 -22.36 12.79 36.64
C PRO C 251 -22.10 12.68 35.14
N ASP C 252 -20.83 12.77 34.77
CA ASP C 252 -20.42 12.69 33.37
C ASP C 252 -20.40 11.22 32.98
N VAL C 253 -21.30 10.84 32.09
CA VAL C 253 -21.44 9.45 31.69
C VAL C 253 -20.64 9.21 30.42
N TYR C 254 -20.24 7.95 30.21
CA TYR C 254 -19.58 7.52 28.98
C TYR C 254 -19.95 6.07 28.75
N LEU C 255 -20.16 5.70 27.50
CA LEU C 255 -20.53 4.33 27.16
C LEU C 255 -19.42 3.73 26.30
N LEU C 256 -18.91 2.57 26.71
CA LEU C 256 -17.90 1.88 25.93
C LEU C 256 -18.43 0.53 25.45
N PRO C 257 -18.14 0.15 24.20
CA PRO C 257 -18.68 -1.09 23.66
C PRO C 257 -17.75 -2.25 23.96
N PRO C 258 -18.20 -3.48 23.72
CA PRO C 258 -17.34 -4.63 24.01
C PRO C 258 -16.08 -4.62 23.17
N ALA C 259 -15.01 -5.16 23.75
CA ALA C 259 -13.73 -5.24 23.06
C ALA C 259 -13.77 -6.29 21.97
N ARG C 260 -13.02 -6.02 20.89
CA ARG C 260 -12.95 -6.97 19.79
C ARG C 260 -12.52 -8.35 20.27
N GLU C 261 -11.64 -8.41 21.26
CA GLU C 261 -11.07 -9.68 21.67
C GLU C 261 -12.16 -10.62 22.19
N GLN C 262 -12.97 -10.16 23.14
CA GLN C 262 -14.07 -10.97 23.62
C GLN C 262 -15.13 -11.17 22.54
N LEU C 263 -15.36 -10.16 21.70
CA LEU C 263 -16.36 -10.27 20.65
C LEU C 263 -16.07 -11.44 19.72
N ASN C 264 -14.79 -11.81 19.55
CA ASN C 264 -14.47 -12.96 18.72
C ASN C 264 -15.18 -14.22 19.21
N LEU C 265 -15.42 -14.32 20.52
CA LEU C 265 -16.13 -15.47 21.05
C LEU C 265 -17.60 -15.43 20.63
N ARG C 266 -18.28 -16.56 20.79
CA ARG C 266 -19.65 -16.67 20.32
C ARG C 266 -20.59 -15.75 21.08
N GLU C 267 -20.44 -15.63 22.39
CA GLU C 267 -21.30 -14.73 23.16
C GLU C 267 -20.52 -14.28 24.39
N SER C 268 -19.90 -13.09 24.29
CA SER C 268 -19.22 -12.50 25.43
C SER C 268 -19.37 -10.99 25.45
N ALA C 269 -20.39 -10.45 24.78
CA ALA C 269 -20.53 -9.01 24.66
C ALA C 269 -20.80 -8.41 26.02
N THR C 270 -20.09 -7.34 26.35
CA THR C 270 -20.22 -6.68 27.65
C THR C 270 -20.08 -5.19 27.43
N ILE C 271 -21.19 -4.47 27.54
CA ILE C 271 -21.23 -3.03 27.32
C ILE C 271 -21.06 -2.35 28.66
N THR C 272 -20.20 -1.32 28.71
CA THR C 272 -19.91 -0.65 29.97
C THR C 272 -20.47 0.78 29.97
N CYS C 273 -21.04 1.15 31.11
CA CYS C 273 -21.61 2.48 31.33
C CYS C 273 -20.86 3.07 32.52
N LEU C 274 -19.91 3.96 32.25
CA LEU C 274 -19.14 4.59 33.31
C LEU C 274 -19.80 5.91 33.70
N VAL C 275 -19.81 6.20 35.00
CA VAL C 275 -20.38 7.42 35.53
C VAL C 275 -19.32 8.10 36.40
N THR C 276 -18.56 9.01 35.81
CA THR C 276 -17.43 9.59 36.51
C THR C 276 -17.72 11.03 36.92
N GLY C 277 -16.94 11.50 37.88
CA GLY C 277 -17.03 12.87 38.33
C GLY C 277 -18.42 13.26 38.76
N PHE C 278 -18.92 12.67 39.85
CA PHE C 278 -20.26 12.96 40.32
C PHE C 278 -20.30 12.89 41.84
N SER C 279 -21.13 13.75 42.42
CA SER C 279 -21.26 13.82 43.87
C SER C 279 -22.68 14.23 44.21
N PRO C 280 -23.21 13.81 45.36
CA PRO C 280 -22.61 12.90 46.34
C PRO C 280 -22.76 11.44 45.94
N ALA C 281 -22.58 10.50 46.87
CA ALA C 281 -22.68 9.08 46.56
C ALA C 281 -24.15 8.71 46.44
N ASP C 282 -24.72 8.93 45.26
CA ASP C 282 -26.10 8.56 45.00
C ASP C 282 -26.38 8.58 43.51
N VAL C 283 -26.75 7.45 42.93
CA VAL C 283 -27.06 7.37 41.51
C VAL C 283 -27.80 6.06 41.25
N PHE C 284 -28.68 6.08 40.25
CA PHE C 284 -29.38 4.88 39.82
C PHE C 284 -29.19 4.70 38.33
N VAL C 285 -28.60 3.57 37.93
CA VAL C 285 -28.35 3.28 36.53
C VAL C 285 -29.37 2.25 36.06
N GLN C 286 -29.79 2.39 34.80
CA GLN C 286 -30.74 1.43 34.25
C GLN C 286 -30.50 1.28 32.76
N TRP C 287 -30.93 0.15 32.21
CA TRP C 287 -30.72 -0.21 30.82
C TRP C 287 -32.05 -0.45 30.12
N MET C 288 -32.15 0.05 28.90
CA MET C 288 -33.37 0.01 28.13
C MET C 288 -33.03 -0.31 26.68
N GLN C 289 -34.04 -0.75 25.92
CA GLN C 289 -33.88 -0.98 24.49
C GLN C 289 -35.21 -0.65 23.83
N ARG C 290 -35.29 0.50 23.16
CA ARG C 290 -36.51 0.94 22.49
C ARG C 290 -37.68 1.01 23.47
N GLY C 291 -37.42 1.65 24.61
CA GLY C 291 -38.44 1.79 25.64
C GLY C 291 -38.86 0.47 26.25
N GLN C 292 -37.92 -0.46 26.38
CA GLN C 292 -38.21 -1.79 26.94
C GLN C 292 -37.17 -2.10 28.00
N PRO C 293 -37.34 -1.56 29.21
CA PRO C 293 -36.38 -1.87 30.29
C PRO C 293 -36.24 -3.37 30.47
N LEU C 294 -34.99 -3.83 30.48
CA LEU C 294 -34.71 -5.25 30.60
C LEU C 294 -34.80 -5.66 32.06
N SER C 295 -34.75 -6.97 32.29
CA SER C 295 -34.78 -7.45 33.66
C SER C 295 -33.56 -6.94 34.42
N PRO C 296 -33.71 -6.62 35.71
CA PRO C 296 -32.56 -6.08 36.46
C PRO C 296 -31.36 -7.00 36.49
N GLU C 297 -31.58 -8.32 36.48
CA GLU C 297 -30.47 -9.26 36.52
C GLU C 297 -29.55 -9.16 35.31
N LYS C 298 -30.07 -8.80 34.14
CA LYS C 298 -29.24 -8.77 32.95
C LYS C 298 -28.10 -7.77 33.10
N TYR C 299 -28.38 -6.60 33.66
CA TYR C 299 -27.36 -5.60 33.88
C TYR C 299 -26.95 -5.58 35.35
N VAL C 300 -25.71 -5.18 35.59
CA VAL C 300 -25.15 -5.07 36.93
C VAL C 300 -24.52 -3.70 37.07
N THR C 301 -24.35 -3.27 38.32
CA THR C 301 -23.81 -1.95 38.63
C THR C 301 -22.73 -2.08 39.69
N SER C 302 -21.89 -1.06 39.78
CA SER C 302 -20.94 -0.93 40.86
C SER C 302 -21.32 0.25 41.74
N ALA C 303 -21.22 0.05 43.05
CA ALA C 303 -21.53 1.11 43.99
C ALA C 303 -20.51 2.24 43.86
N PRO C 304 -20.84 3.43 44.32
CA PRO C 304 -19.91 4.56 44.20
C PRO C 304 -18.58 4.22 44.86
N MET C 305 -17.60 5.08 44.61
CA MET C 305 -16.29 4.93 45.19
C MET C 305 -15.51 6.21 44.95
N PRO C 306 -14.78 6.72 45.94
CA PRO C 306 -14.00 7.93 45.69
C PRO C 306 -12.99 7.72 44.57
N GLU C 307 -12.90 8.70 43.70
CA GLU C 307 -12.00 8.63 42.56
C GLU C 307 -10.58 8.94 42.99
N PRO C 308 -9.59 8.40 42.27
CA PRO C 308 -8.20 8.66 42.66
C PRO C 308 -7.83 10.13 42.55
N GLN C 309 -7.98 10.71 41.36
CA GLN C 309 -7.66 12.12 41.13
C GLN C 309 -8.90 13.00 41.25
N ALA C 310 -9.67 12.85 42.32
CA ALA C 310 -10.83 13.71 42.54
C ALA C 310 -11.29 13.59 44.00
N PRO C 311 -10.65 14.30 44.91
CA PRO C 311 -11.03 14.17 46.34
C PRO C 311 -12.38 14.80 46.63
N GLY C 312 -13.46 14.07 46.36
CA GLY C 312 -14.80 14.56 46.63
C GLY C 312 -15.81 14.15 45.58
N ARG C 313 -15.34 13.90 44.36
CA ARG C 313 -16.21 13.41 43.29
C ARG C 313 -15.97 11.91 43.10
N TYR C 314 -17.01 11.12 43.36
CA TYR C 314 -16.90 9.67 43.26
C TYR C 314 -17.24 9.22 41.83
N PHE C 315 -17.15 7.92 41.60
CA PHE C 315 -17.46 7.34 40.30
C PHE C 315 -18.18 6.01 40.50
N ALA C 316 -18.89 5.58 39.47
CA ALA C 316 -19.58 4.30 39.47
C ALA C 316 -19.25 3.53 38.20
N HIS C 317 -19.93 2.41 38.02
CA HIS C 317 -19.82 1.60 36.83
C HIS C 317 -21.11 0.86 36.61
N SER C 318 -21.29 0.36 35.39
CA SER C 318 -22.31 -0.64 35.15
C SER C 318 -21.87 -1.46 33.95
N ILE C 319 -22.27 -2.73 33.95
CA ILE C 319 -21.99 -3.63 32.85
C ILE C 319 -23.30 -4.26 32.42
N LEU C 320 -23.38 -4.59 31.14
CA LEU C 320 -24.52 -5.33 30.61
C LEU C 320 -23.98 -6.43 29.71
N THR C 321 -24.27 -7.67 30.06
CA THR C 321 -23.78 -8.82 29.32
C THR C 321 -24.85 -9.30 28.35
N VAL C 322 -24.45 -9.52 27.11
CA VAL C 322 -25.35 -10.01 26.06
C VAL C 322 -24.53 -10.85 25.10
N SER C 323 -25.23 -11.63 24.28
CA SER C 323 -24.58 -12.51 23.34
C SER C 323 -24.22 -11.76 22.06
N GLU C 324 -23.23 -12.30 21.35
CA GLU C 324 -22.72 -11.63 20.16
C GLU C 324 -23.81 -11.48 19.10
N GLU C 325 -24.73 -12.44 19.01
CA GLU C 325 -25.79 -12.34 18.01
C GLU C 325 -26.65 -11.11 18.23
N GLU C 326 -26.96 -10.79 19.49
CA GLU C 326 -27.81 -9.63 19.77
C GLU C 326 -27.11 -8.34 19.40
N TRP C 327 -25.87 -8.16 19.83
CA TRP C 327 -25.12 -6.96 19.45
C TRP C 327 -24.97 -6.87 17.94
N ASN C 328 -24.72 -8.01 17.28
CA ASN C 328 -24.60 -8.04 15.83
C ASN C 328 -25.90 -7.68 15.14
N THR C 329 -27.04 -8.01 15.74
CA THR C 329 -28.33 -7.73 15.13
C THR C 329 -28.56 -6.24 14.92
N GLY C 330 -27.82 -5.39 15.62
CA GLY C 330 -28.01 -3.95 15.54
C GLY C 330 -28.91 -3.38 16.60
N GLU C 331 -29.57 -4.22 17.40
CA GLU C 331 -30.42 -3.72 18.48
C GLU C 331 -29.58 -2.92 19.45
N THR C 332 -29.78 -1.61 19.48
CA THR C 332 -29.01 -0.74 20.37
C THR C 332 -29.51 -0.87 21.80
N TYR C 333 -28.75 -0.27 22.72
CA TYR C 333 -29.08 -0.27 24.13
C TYR C 333 -28.82 1.11 24.70
N THR C 334 -29.64 1.50 25.68
CA THR C 334 -29.61 2.85 26.23
C THR C 334 -29.42 2.77 27.74
N CYS C 335 -28.37 3.42 28.24
CA CYS C 335 -28.06 3.49 29.65
C CYS C 335 -28.54 4.85 30.16
N VAL C 336 -29.41 4.83 31.15
CA VAL C 336 -29.96 6.03 31.75
C VAL C 336 -29.41 6.15 33.17
N VAL C 337 -28.90 7.33 33.49
CA VAL C 337 -28.38 7.64 34.82
C VAL C 337 -29.35 8.61 35.47
N ALA C 338 -29.76 8.27 36.69
CA ALA C 338 -30.64 9.10 37.50
C ALA C 338 -29.84 9.64 38.67
N HIS C 339 -29.67 10.96 38.72
CA HIS C 339 -28.90 11.63 39.75
C HIS C 339 -29.75 12.75 40.33
N GLU C 340 -29.33 13.25 41.49
CA GLU C 340 -30.00 14.35 42.14
C GLU C 340 -29.35 15.70 41.85
N ALA C 341 -28.36 15.74 40.96
CA ALA C 341 -27.73 16.99 40.55
C ALA C 341 -28.07 17.34 39.11
N LEU C 342 -28.53 16.38 38.33
CA LEU C 342 -28.92 16.65 36.95
C LEU C 342 -30.20 17.48 36.92
N PRO C 343 -30.36 18.34 35.91
CA PRO C 343 -31.57 19.17 35.88
C PRO C 343 -32.85 18.36 35.84
N ASN C 344 -32.95 17.42 34.90
CA ASN C 344 -34.12 16.56 34.78
C ASN C 344 -33.95 15.26 35.55
N ARG C 345 -32.85 15.10 36.29
CA ARG C 345 -32.58 13.88 37.04
C ARG C 345 -32.44 12.67 36.13
N VAL C 346 -32.06 12.90 34.87
CA VAL C 346 -31.83 11.81 33.93
C VAL C 346 -30.81 12.26 32.89
N THR C 347 -29.93 11.33 32.51
CA THR C 347 -29.08 11.53 31.33
C THR C 347 -29.00 10.17 30.62
N GLU C 348 -29.49 10.13 29.39
CA GLU C 348 -29.50 8.90 28.61
C GLU C 348 -28.36 8.89 27.60
N ARG C 349 -27.76 7.73 27.39
CA ARG C 349 -26.72 7.58 26.39
C ARG C 349 -26.86 6.20 25.76
N THR C 350 -26.66 6.13 24.45
CA THR C 350 -26.75 4.85 23.74
C THR C 350 -25.59 4.72 22.76
N VAL C 351 -25.25 3.48 22.44
CA VAL C 351 -24.19 3.17 21.48
C VAL C 351 -24.53 1.87 20.77
N ASP C 352 -24.13 1.78 19.50
CA ASP C 352 -24.24 0.56 18.72
C ASP C 352 -23.00 0.47 17.84
N LYS C 353 -22.96 -0.55 16.97
CA LYS C 353 -21.80 -0.73 16.10
C LYS C 353 -21.47 0.54 15.35
N SER C 354 -22.48 1.14 14.71
CA SER C 354 -22.28 2.34 13.90
C SER C 354 -22.17 3.55 14.83
N THR C 355 -21.16 3.50 15.69
CA THR C 355 -20.92 4.55 16.67
C THR C 355 -19.45 4.91 16.65
N GLY C 356 -19.15 6.18 16.38
CA GLY C 356 -17.77 6.61 16.33
C GLY C 356 -16.93 5.89 15.31
N LYS C 357 -17.56 5.23 14.33
CA LYS C 357 -16.83 4.45 13.35
C LYS C 357 -16.12 5.37 12.36
N PRO C 358 -15.06 4.87 11.72
CA PRO C 358 -14.34 5.69 10.75
C PRO C 358 -14.95 5.60 9.36
N THR C 359 -14.48 6.49 8.48
CA THR C 359 -14.91 6.51 7.09
C THR C 359 -13.95 5.64 6.28
N LEU C 360 -14.38 4.43 5.94
CA LEU C 360 -13.53 3.49 5.22
C LEU C 360 -13.34 3.93 3.77
N TYR C 361 -12.23 3.49 3.18
CA TYR C 361 -11.90 3.76 1.79
C TYR C 361 -11.64 2.45 1.07
N ASN C 362 -11.92 2.43 -0.23
CA ASN C 362 -11.58 1.28 -1.06
C ASN C 362 -11.24 1.83 -2.46
N VAL C 363 -9.97 2.07 -2.68
CA VAL C 363 -9.49 2.58 -3.96
C VAL C 363 -9.09 1.40 -4.83
N SER C 364 -9.26 1.57 -6.13
CA SER C 364 -8.92 0.52 -7.11
C SER C 364 -8.44 1.22 -8.37
N LEU C 365 -7.12 1.37 -8.50
CA LEU C 365 -6.54 2.04 -9.64
C LEU C 365 -6.25 1.04 -10.75
N VAL C 366 -6.79 1.31 -11.94
CA VAL C 366 -6.49 0.51 -13.11
C VAL C 366 -5.74 1.39 -14.09
N MET C 367 -4.40 1.39 -14.00
CA MET C 367 -3.56 2.20 -14.86
C MET C 367 -2.91 1.29 -15.89
N SER C 368 -3.71 0.86 -16.86
CA SER C 368 -3.24 -0.04 -17.91
C SER C 368 -2.31 0.69 -18.86
N ASP D 141 -17.82 -4.83 65.93
CA ASP D 141 -17.84 -6.19 65.33
C ASP D 141 -16.89 -7.13 66.06
N THR D 142 -17.30 -8.38 66.23
CA THR D 142 -16.48 -9.40 66.88
C THR D 142 -16.26 -9.08 68.35
N ALA D 143 -17.35 -8.71 69.04
CA ALA D 143 -17.26 -8.37 70.45
C ALA D 143 -17.00 -9.62 71.29
N ILE D 144 -15.90 -9.62 72.03
CA ILE D 144 -15.55 -10.74 72.90
C ILE D 144 -15.46 -12.02 72.07
N ARG D 145 -14.51 -12.06 71.14
CA ARG D 145 -14.33 -13.24 70.31
C ARG D 145 -13.01 -13.11 69.56
N VAL D 146 -12.36 -14.25 69.33
CA VAL D 146 -11.09 -14.31 68.63
C VAL D 146 -11.36 -14.59 67.16
N PHE D 147 -10.81 -13.76 66.28
CA PHE D 147 -11.00 -13.92 64.83
C PHE D 147 -9.64 -13.95 64.16
N ALA D 148 -9.22 -15.13 63.72
CA ALA D 148 -7.95 -15.30 63.02
C ALA D 148 -8.26 -15.32 61.52
N ILE D 149 -8.06 -14.19 60.87
CA ILE D 149 -8.38 -14.05 59.45
C ILE D 149 -7.09 -14.07 58.64
N PRO D 150 -7.01 -14.83 57.56
CA PRO D 150 -5.78 -14.89 56.77
C PRO D 150 -5.68 -13.72 55.81
N PRO D 151 -4.51 -13.50 55.23
CA PRO D 151 -4.39 -12.46 54.20
C PRO D 151 -5.04 -12.88 52.90
N SER D 152 -5.52 -11.89 52.16
CA SER D 152 -6.14 -12.15 50.88
C SER D 152 -5.08 -12.59 49.87
N PHE D 153 -5.55 -13.16 48.75
CA PHE D 153 -4.64 -13.51 47.67
C PHE D 153 -3.85 -12.30 47.20
N ALA D 154 -4.45 -11.11 47.25
CA ALA D 154 -3.72 -9.90 46.88
C ALA D 154 -2.58 -9.64 47.85
N SER D 155 -2.84 -9.74 49.16
CA SER D 155 -1.79 -9.56 50.14
C SER D 155 -0.72 -10.63 50.01
N ILE D 156 -1.11 -11.88 49.75
CA ILE D 156 -0.12 -12.94 49.55
C ILE D 156 0.75 -12.62 48.34
N PHE D 157 0.13 -12.19 47.24
CA PHE D 157 0.88 -11.96 46.01
C PHE D 157 1.75 -10.72 46.10
N LEU D 158 1.38 -9.76 46.94
CA LEU D 158 2.23 -8.60 47.15
C LEU D 158 3.38 -8.92 48.10
N THR D 159 3.05 -9.31 49.33
CA THR D 159 4.08 -9.61 50.32
C THR D 159 4.78 -10.93 50.05
N LYS D 160 4.18 -11.82 49.27
CA LYS D 160 4.79 -13.12 48.94
C LYS D 160 5.00 -13.97 50.19
N SER D 161 4.26 -13.69 51.26
CA SER D 161 4.37 -14.47 52.49
C SER D 161 3.12 -14.31 53.34
N THR D 162 2.47 -15.43 53.67
CA THR D 162 1.27 -15.38 54.49
C THR D 162 1.56 -14.71 55.83
N LYS D 163 0.50 -14.20 56.45
CA LYS D 163 0.60 -13.54 57.76
C LYS D 163 -0.76 -13.70 58.43
N LEU D 164 -0.86 -14.68 59.32
CA LEU D 164 -2.13 -15.00 59.96
C LEU D 164 -2.41 -13.99 61.07
N THR D 165 -3.17 -12.94 60.75
CA THR D 165 -3.54 -11.94 61.74
C THR D 165 -4.71 -12.45 62.57
N CYS D 166 -4.68 -12.14 63.86
CA CYS D 166 -5.71 -12.55 64.82
C CYS D 166 -6.18 -11.31 65.56
N LEU D 167 -7.39 -10.87 65.26
CA LEU D 167 -7.97 -9.67 65.84
C LEU D 167 -9.05 -10.02 66.85
N VAL D 168 -9.20 -9.14 67.84
CA VAL D 168 -10.25 -9.24 68.85
C VAL D 168 -10.83 -7.85 69.07
N THR D 169 -12.12 -7.80 69.36
CA THR D 169 -12.81 -6.54 69.59
C THR D 169 -13.61 -6.64 70.87
N ASP D 170 -13.89 -5.48 71.48
CA ASP D 170 -14.59 -5.42 72.76
C ASP D 170 -13.82 -6.14 73.86
N LEU D 171 -12.49 -6.16 73.75
CA LEU D 171 -11.67 -6.79 74.78
C LEU D 171 -11.55 -5.87 75.99
N THR D 172 -11.20 -6.47 77.12
CA THR D 172 -11.05 -5.71 78.35
C THR D 172 -9.97 -4.63 78.17
N THR D 173 -10.21 -3.48 78.80
CA THR D 173 -9.28 -2.36 78.70
C THR D 173 -7.95 -2.65 79.37
N TYR D 174 -7.86 -3.73 80.15
CA TYR D 174 -6.59 -4.11 80.76
C TYR D 174 -5.60 -4.59 79.70
N ASP D 175 -4.35 -4.16 79.82
CA ASP D 175 -3.29 -4.59 78.92
C ASP D 175 -2.77 -5.96 79.33
N SER D 176 -1.63 -6.36 78.77
CA SER D 176 -1.00 -7.64 79.09
C SER D 176 -1.91 -8.80 78.71
N VAL D 177 -2.18 -8.88 77.41
CA VAL D 177 -3.01 -9.92 76.83
C VAL D 177 -2.12 -10.86 76.02
N THR D 178 -2.28 -12.16 76.24
CA THR D 178 -1.45 -13.17 75.61
C THR D 178 -2.10 -13.67 74.34
N ILE D 179 -1.35 -13.67 73.24
CA ILE D 179 -1.82 -14.18 71.95
C ILE D 179 -0.80 -15.15 71.41
N SER D 180 -1.26 -16.25 70.84
CA SER D 180 -0.35 -17.28 70.35
C SER D 180 -1.00 -17.96 69.15
N TRP D 181 -0.39 -17.82 67.98
CA TRP D 181 -0.82 -18.54 66.79
C TRP D 181 -0.07 -19.87 66.76
N THR D 182 -0.82 -20.96 66.91
CA THR D 182 -0.28 -22.31 66.86
C THR D 182 -0.60 -22.94 65.51
N ARG D 183 0.27 -23.84 65.08
CA ARG D 183 0.08 -24.52 63.81
C ARG D 183 -0.84 -25.73 64.03
N GLN D 184 -1.05 -26.51 62.98
CA GLN D 184 -1.83 -27.74 63.12
C GLN D 184 -1.21 -28.66 64.16
N ASN D 185 0.09 -28.91 64.05
CA ASN D 185 0.78 -29.67 65.08
C ASN D 185 0.92 -28.88 66.38
N GLY D 186 0.90 -27.55 66.28
CA GLY D 186 0.98 -26.70 67.45
C GLY D 186 2.38 -26.18 67.67
N GLU D 187 2.63 -24.93 67.29
CA GLU D 187 3.97 -24.36 67.30
C GLU D 187 3.90 -22.89 67.64
N ALA D 188 5.02 -22.36 68.12
CA ALA D 188 5.15 -20.92 68.33
C ALA D 188 5.23 -20.16 67.02
N VAL D 189 5.36 -20.85 65.89
CA VAL D 189 5.46 -20.22 64.58
C VAL D 189 6.73 -19.39 64.55
N LYS D 190 6.62 -18.09 64.81
CA LYS D 190 7.79 -17.21 64.87
C LYS D 190 7.68 -16.25 66.04
N THR D 191 7.15 -16.72 67.16
CA THR D 191 6.94 -15.94 68.38
C THR D 191 5.84 -14.90 68.21
N HIS D 192 5.27 -14.75 67.01
CA HIS D 192 4.17 -13.82 66.81
C HIS D 192 4.60 -12.42 67.22
N THR D 193 5.59 -11.88 66.52
CA THR D 193 6.19 -10.59 66.86
C THR D 193 5.23 -9.47 66.49
N ASN D 194 5.72 -8.23 66.53
CA ASN D 194 4.89 -7.06 66.31
C ASN D 194 3.78 -7.03 67.35
N ILE D 195 4.16 -6.79 68.61
CA ILE D 195 3.21 -6.74 69.71
C ILE D 195 2.00 -5.90 69.30
N SER D 196 0.84 -6.31 69.78
CA SER D 196 -0.40 -5.63 69.41
C SER D 196 -0.33 -4.16 69.77
N GLU D 197 -0.73 -3.31 68.83
CA GLU D 197 -0.71 -1.88 69.07
C GLU D 197 -1.89 -1.47 69.95
N SER D 198 -1.74 -0.32 70.61
CA SER D 198 -2.75 0.16 71.53
C SER D 198 -3.92 0.77 70.77
N HIS D 199 -5.13 0.29 71.03
CA HIS D 199 -6.32 0.81 70.38
C HIS D 199 -6.95 1.88 71.27
N PRO D 200 -7.05 3.13 70.83
CA PRO D 200 -7.63 4.17 71.69
C PRO D 200 -9.14 4.10 71.81
N ASN D 201 -9.79 3.07 71.26
CA ASN D 201 -11.24 2.91 71.34
C ASN D 201 -11.67 2.06 72.54
N ALA D 202 -10.87 2.04 73.61
CA ALA D 202 -11.16 1.26 74.80
C ALA D 202 -11.12 -0.24 74.51
N THR D 203 -10.32 -0.64 73.53
CA THR D 203 -10.12 -2.05 73.20
C THR D 203 -8.64 -2.24 72.88
N PHE D 204 -8.30 -3.39 72.32
CA PHE D 204 -6.93 -3.71 71.95
C PHE D 204 -6.95 -4.47 70.63
N SER D 205 -6.34 -3.88 69.60
CA SER D 205 -6.28 -4.51 68.28
C SER D 205 -5.16 -5.55 68.31
N ALA D 206 -5.54 -6.79 68.60
CA ALA D 206 -4.57 -7.88 68.61
C ALA D 206 -4.06 -8.10 67.19
N VAL D 207 -2.75 -7.98 67.00
CA VAL D 207 -2.12 -8.16 65.70
C VAL D 207 -0.78 -8.84 65.92
N GLY D 208 -0.16 -9.25 64.82
CA GLY D 208 1.15 -9.86 64.87
C GLY D 208 1.70 -10.05 63.48
N GLU D 209 2.89 -10.63 63.40
CA GLU D 209 3.51 -10.92 62.12
C GLU D 209 4.12 -12.31 62.14
N ALA D 210 3.77 -13.11 61.14
CA ALA D 210 4.30 -14.46 61.00
C ALA D 210 4.36 -14.84 59.53
N SER D 211 5.55 -14.72 58.93
CA SER D 211 5.68 -14.98 57.50
C SER D 211 5.59 -16.48 57.24
N ILE D 212 4.42 -17.06 57.50
CA ILE D 212 4.25 -18.50 57.37
C ILE D 212 4.44 -18.90 55.92
N CYS D 213 5.03 -20.08 55.72
CA CYS D 213 5.30 -20.55 54.38
C CYS D 213 4.01 -20.62 53.57
N GLU D 214 4.01 -19.99 52.40
CA GLU D 214 2.83 -20.00 51.55
C GLU D 214 2.39 -21.40 51.19
N ASP D 215 3.36 -22.29 50.91
CA ASP D 215 3.02 -23.67 50.57
C ASP D 215 2.23 -24.34 51.68
N ASP D 216 2.62 -24.11 52.94
CA ASP D 216 1.87 -24.67 54.05
C ASP D 216 0.46 -24.13 54.11
N TRP D 217 0.29 -22.82 53.94
CA TRP D 217 -1.06 -22.25 53.95
C TRP D 217 -1.91 -22.84 52.84
N ASN D 218 -1.34 -23.04 51.66
CA ASN D 218 -2.06 -23.70 50.58
C ASN D 218 -2.28 -25.18 50.85
N SER D 219 -1.50 -25.78 51.73
CA SER D 219 -1.65 -27.20 52.04
C SER D 219 -2.94 -27.51 52.79
N GLY D 220 -3.62 -26.50 53.31
CA GLY D 220 -4.84 -26.72 54.06
C GLY D 220 -4.65 -27.04 55.51
N GLU D 221 -3.42 -26.99 56.02
CA GLU D 221 -3.17 -27.26 57.43
C GLU D 221 -3.88 -26.22 58.29
N ARG D 222 -4.53 -26.69 59.35
CA ARG D 222 -5.27 -25.79 60.21
C ARG D 222 -4.31 -24.86 60.95
N PHE D 223 -4.83 -23.71 61.38
CA PHE D 223 -4.04 -22.72 62.09
C PHE D 223 -4.88 -22.19 63.23
N THR D 224 -4.45 -22.46 64.46
CA THR D 224 -5.18 -22.06 65.65
C THR D 224 -4.62 -20.74 66.18
N CYS D 225 -5.47 -19.99 66.87
CA CYS D 225 -5.09 -18.75 67.53
C CYS D 225 -5.68 -18.81 68.95
N THR D 226 -4.81 -18.89 69.95
CA THR D 226 -5.22 -18.94 71.34
C THR D 226 -4.90 -17.61 71.99
N VAL D 227 -5.92 -16.94 72.51
CA VAL D 227 -5.78 -15.70 73.24
C VAL D 227 -6.10 -16.02 74.69
N THR D 228 -5.10 -15.92 75.56
CA THR D 228 -5.25 -16.16 76.98
C THR D 228 -5.05 -14.85 77.73
N HIS D 229 -5.92 -14.60 78.70
CA HIS D 229 -5.82 -13.41 79.52
C HIS D 229 -6.42 -13.72 80.88
N THR D 230 -5.75 -13.26 81.94
CA THR D 230 -6.24 -13.49 83.29
C THR D 230 -7.63 -12.92 83.49
N ASP D 231 -7.93 -11.77 82.88
CA ASP D 231 -9.22 -11.12 83.06
C ASP D 231 -10.35 -11.89 82.38
N LEU D 232 -10.08 -12.53 81.24
CA LEU D 232 -11.14 -13.21 80.51
C LEU D 232 -11.67 -14.39 81.31
N PRO D 233 -12.92 -14.78 81.07
CA PRO D 233 -13.48 -15.91 81.84
C PRO D 233 -12.64 -17.17 81.73
N SER D 234 -12.08 -17.43 80.56
CA SER D 234 -11.20 -18.58 80.35
C SER D 234 -10.40 -18.33 79.08
N PRO D 235 -9.30 -19.05 78.88
CA PRO D 235 -8.52 -18.86 77.65
C PRO D 235 -9.37 -19.16 76.43
N LEU D 236 -9.43 -18.20 75.51
CA LEU D 236 -10.20 -18.34 74.29
C LEU D 236 -9.32 -18.89 73.17
N LYS D 237 -9.96 -19.58 72.23
CA LYS D 237 -9.25 -20.24 71.15
C LYS D 237 -10.13 -20.26 69.91
N GLN D 238 -9.50 -20.04 68.75
CA GLN D 238 -10.19 -20.08 67.47
C GLN D 238 -9.32 -20.83 66.47
N THR D 239 -9.94 -21.27 65.38
CA THR D 239 -9.24 -21.97 64.32
C THR D 239 -9.57 -21.36 62.97
N ILE D 240 -8.64 -21.49 62.04
CA ILE D 240 -8.84 -21.01 60.68
C ILE D 240 -7.90 -21.80 59.78
N SER D 241 -8.46 -22.30 58.68
CA SER D 241 -7.69 -23.09 57.71
C SER D 241 -8.02 -22.60 56.32
N ARG D 242 -7.06 -22.75 55.42
CA ARG D 242 -7.29 -22.33 54.05
C ARG D 242 -8.41 -23.15 53.43
N PRO D 243 -9.44 -22.51 52.88
CA PRO D 243 -10.56 -23.29 52.31
C PRO D 243 -10.11 -24.10 51.10
N LYS D 244 -10.25 -25.42 51.18
CA LYS D 244 -9.80 -26.32 50.13
C LYS D 244 -10.99 -26.91 49.38
N GLY D 245 -10.88 -26.89 48.05
CA GLY D 245 -11.93 -27.43 47.20
C GLY D 245 -12.83 -26.35 46.64
N VAL D 246 -12.64 -26.02 45.36
CA VAL D 246 -13.44 -25.00 44.70
C VAL D 246 -13.24 -25.08 43.20
N ALA D 247 -14.30 -24.88 42.44
CA ALA D 247 -14.19 -24.88 40.99
C ALA D 247 -13.28 -23.76 40.52
N LEU D 248 -12.52 -24.03 39.47
CA LEU D 248 -11.57 -23.08 38.92
C LEU D 248 -12.03 -22.62 37.54
N HIS D 249 -11.72 -21.37 37.20
CA HIS D 249 -12.13 -20.79 35.95
C HIS D 249 -11.02 -19.86 35.47
N ARG D 250 -11.03 -19.58 34.16
CA ARG D 250 -9.99 -18.80 33.49
C ARG D 250 -10.36 -17.32 33.53
N PRO D 251 -9.65 -16.49 34.30
CA PRO D 251 -10.01 -15.06 34.30
C PRO D 251 -9.79 -14.45 32.94
N ASP D 252 -10.88 -14.06 32.27
CA ASP D 252 -10.79 -13.40 30.98
C ASP D 252 -10.71 -11.90 31.23
N VAL D 253 -9.58 -11.31 30.88
CA VAL D 253 -9.33 -9.89 31.10
C VAL D 253 -9.38 -9.17 29.76
N TYR D 254 -10.20 -8.13 29.68
CA TYR D 254 -10.30 -7.29 28.50
C TYR D 254 -10.08 -5.85 28.92
N LEU D 255 -9.27 -5.14 28.15
CA LEU D 255 -8.91 -3.76 28.45
C LEU D 255 -9.65 -2.85 27.49
N LEU D 256 -10.51 -1.98 28.04
CA LEU D 256 -11.29 -1.09 27.18
C LEU D 256 -10.66 0.29 27.13
N PRO D 257 -10.40 0.83 25.94
CA PRO D 257 -9.74 2.13 25.85
C PRO D 257 -10.69 3.24 26.22
N PRO D 258 -10.18 4.44 26.49
CA PRO D 258 -11.07 5.56 26.82
C PRO D 258 -12.00 5.88 25.66
N ALA D 259 -13.20 6.34 25.99
CA ALA D 259 -14.22 6.57 24.98
C ALA D 259 -13.86 7.79 24.12
N ARG D 260 -14.44 7.81 22.91
CA ARG D 260 -14.28 8.97 22.04
C ARG D 260 -14.67 10.26 22.77
N GLU D 261 -15.82 10.25 23.45
CA GLU D 261 -16.26 11.44 24.16
C GLU D 261 -15.28 11.84 25.25
N GLN D 262 -14.75 10.87 26.00
CA GLN D 262 -13.76 11.18 27.02
C GLN D 262 -12.57 11.92 26.42
N LEU D 263 -11.99 11.37 25.36
CA LEU D 263 -10.84 12.04 24.74
C LEU D 263 -11.21 13.42 24.23
N ASN D 264 -12.36 13.53 23.55
CA ASN D 264 -12.79 14.82 23.05
C ASN D 264 -13.01 15.83 24.17
N LEU D 265 -13.26 15.37 25.39
CA LEU D 265 -13.37 16.29 26.51
C LEU D 265 -12.07 17.04 26.74
N ARG D 266 -10.93 16.43 26.39
CA ARG D 266 -9.61 17.05 26.51
C ARG D 266 -9.36 17.49 27.95
N GLU D 267 -9.80 16.64 28.88
CA GLU D 267 -9.50 16.83 30.30
C GLU D 267 -8.61 15.72 30.81
N SER D 268 -9.07 14.48 30.68
CA SER D 268 -8.32 13.32 31.13
C SER D 268 -9.01 12.04 30.71
N ALA D 269 -8.23 11.06 30.24
CA ALA D 269 -8.77 9.77 29.87
C ALA D 269 -8.77 8.83 31.07
N THR D 270 -9.56 7.76 30.96
CA THR D 270 -9.67 6.76 32.02
C THR D 270 -9.73 5.39 31.36
N ILE D 271 -8.72 4.57 31.63
CA ILE D 271 -8.59 3.26 31.02
C ILE D 271 -9.11 2.22 32.00
N THR D 272 -10.02 1.38 31.55
CA THR D 272 -10.62 0.35 32.38
C THR D 272 -10.07 -1.02 32.02
N CYS D 273 -9.68 -1.78 33.05
CA CYS D 273 -9.19 -3.15 32.87
C CYS D 273 -10.25 -4.08 33.44
N LEU D 274 -11.25 -4.42 32.64
CA LEU D 274 -12.29 -5.32 33.11
C LEU D 274 -11.77 -6.74 33.12
N VAL D 275 -12.24 -7.52 34.09
CA VAL D 275 -11.91 -8.94 34.16
C VAL D 275 -13.15 -9.68 34.62
N THR D 276 -13.42 -10.83 34.00
CA THR D 276 -14.65 -11.55 34.32
C THR D 276 -14.41 -13.04 34.09
N GLY D 277 -15.28 -13.84 34.72
CA GLY D 277 -15.27 -15.27 34.51
C GLY D 277 -14.14 -15.97 35.25
N PHE D 278 -14.16 -15.90 36.58
CA PHE D 278 -13.12 -16.51 37.38
C PHE D 278 -13.66 -16.83 38.76
N SER D 279 -12.96 -17.71 39.46
CA SER D 279 -13.31 -18.11 40.81
C SER D 279 -12.09 -18.69 41.51
N PRO D 280 -11.96 -18.55 42.83
CA PRO D 280 -12.86 -17.83 43.75
C PRO D 280 -12.75 -16.32 43.56
N ALA D 281 -13.55 -15.54 44.27
CA ALA D 281 -13.51 -14.08 44.16
C ALA D 281 -12.29 -13.58 44.90
N ASP D 282 -11.11 -13.86 44.35
CA ASP D 282 -9.86 -13.45 44.96
C ASP D 282 -8.81 -13.17 43.88
N VAL D 283 -8.65 -11.91 43.52
CA VAL D 283 -7.67 -11.48 42.53
C VAL D 283 -7.17 -10.10 42.91
N PHE D 284 -6.18 -9.61 42.16
CA PHE D 284 -5.78 -8.22 42.27
C PHE D 284 -5.29 -7.77 40.92
N VAL D 285 -5.43 -6.48 40.64
CA VAL D 285 -5.07 -5.89 39.37
C VAL D 285 -4.03 -4.81 39.61
N GLN D 286 -2.93 -4.88 38.84
CA GLN D 286 -1.88 -3.89 38.96
C GLN D 286 -1.48 -3.40 37.58
N TRP D 287 -1.36 -2.09 37.44
CA TRP D 287 -1.04 -1.47 36.16
C TRP D 287 0.46 -1.27 36.02
N MET D 288 0.92 -1.33 34.77
CA MET D 288 2.32 -1.06 34.45
C MET D 288 2.35 -0.19 33.21
N GLN D 289 3.11 0.90 33.28
CA GLN D 289 3.37 1.77 32.14
C GLN D 289 4.84 1.64 31.79
N ARG D 290 5.13 1.22 30.56
CA ARG D 290 6.51 1.06 30.10
C ARG D 290 7.29 0.13 31.02
N GLY D 291 6.64 -0.92 31.53
CA GLY D 291 7.24 -1.82 32.47
C GLY D 291 7.36 -1.30 33.88
N GLN D 292 7.29 0.01 34.07
CA GLN D 292 7.36 0.58 35.41
C GLN D 292 6.05 0.34 36.15
N PRO D 293 6.07 -0.24 37.34
CA PRO D 293 4.82 -0.45 38.07
C PRO D 293 4.17 0.87 38.45
N LEU D 294 2.84 0.86 38.51
CA LEU D 294 2.06 2.05 38.82
C LEU D 294 1.55 1.97 40.24
N SER D 295 1.77 3.04 41.01
CA SER D 295 1.34 3.09 42.39
C SER D 295 -0.18 2.97 42.49
N PRO D 296 -0.68 2.40 43.57
CA PRO D 296 -2.13 2.28 43.76
C PRO D 296 -2.84 3.59 44.07
N GLU D 297 -2.09 4.68 44.29
CA GLU D 297 -2.68 5.98 44.54
C GLU D 297 -3.42 6.54 43.33
N LYS D 298 -3.01 6.19 42.12
CA LYS D 298 -3.57 6.76 40.91
C LYS D 298 -4.75 5.99 40.35
N TYR D 299 -4.86 4.70 40.65
CA TYR D 299 -5.96 3.89 40.15
C TYR D 299 -6.69 3.27 41.33
N VAL D 300 -7.95 2.92 41.10
CA VAL D 300 -8.78 2.26 42.09
C VAL D 300 -9.46 1.08 41.42
N THR D 301 -9.52 -0.04 42.12
CA THR D 301 -10.24 -1.22 41.66
C THR D 301 -11.34 -1.56 42.64
N SER D 302 -12.53 -1.82 42.12
CA SER D 302 -13.61 -2.32 42.95
C SER D 302 -13.24 -3.70 43.46
N ALA D 303 -13.89 -4.10 44.55
CA ALA D 303 -13.82 -5.47 44.97
C ALA D 303 -14.54 -6.33 43.95
N PRO D 304 -14.28 -7.63 43.92
CA PRO D 304 -15.02 -8.51 43.01
C PRO D 304 -16.51 -8.42 43.29
N MET D 305 -17.30 -8.62 42.23
CA MET D 305 -18.73 -8.80 42.37
C MET D 305 -19.08 -10.15 41.79
N PRO D 306 -20.21 -10.71 42.19
CA PRO D 306 -20.73 -11.88 41.47
C PRO D 306 -21.14 -11.52 40.06
N GLU D 307 -21.07 -12.50 39.17
CA GLU D 307 -21.50 -12.32 37.80
C GLU D 307 -23.01 -12.42 37.70
N PRO D 308 -23.60 -11.77 36.70
CA PRO D 308 -25.06 -11.80 36.56
C PRO D 308 -25.58 -13.15 36.09
N GLN D 309 -24.92 -13.73 35.08
CA GLN D 309 -25.41 -14.96 34.47
C GLN D 309 -24.81 -16.19 35.15
N ALA D 310 -23.49 -16.29 35.14
CA ALA D 310 -22.82 -17.41 35.78
C ALA D 310 -22.68 -17.13 37.27
N PRO D 311 -23.28 -17.93 38.15
CA PRO D 311 -23.20 -17.62 39.59
C PRO D 311 -21.82 -17.84 40.17
N GLY D 312 -21.17 -18.98 39.86
CA GLY D 312 -19.87 -19.25 40.41
C GLY D 312 -18.82 -18.23 40.02
N ARG D 313 -18.88 -17.73 38.79
CA ARG D 313 -17.91 -16.78 38.30
C ARG D 313 -18.14 -15.40 38.93
N TYR D 314 -17.11 -14.58 38.86
CA TYR D 314 -17.15 -13.21 39.36
C TYR D 314 -16.52 -12.29 38.32
N PHE D 315 -16.71 -10.99 38.52
CA PHE D 315 -16.07 -10.01 37.67
C PHE D 315 -15.64 -8.83 38.53
N ALA D 316 -14.73 -8.05 37.98
CA ALA D 316 -14.17 -6.89 38.68
C ALA D 316 -13.64 -5.93 37.63
N HIS D 317 -13.38 -4.70 38.07
CA HIS D 317 -12.89 -3.68 37.17
C HIS D 317 -11.89 -2.82 37.93
N SER D 318 -11.12 -2.05 37.17
CA SER D 318 -10.08 -1.20 37.74
C SER D 318 -9.85 -0.07 36.75
N ILE D 319 -10.07 1.16 37.18
CA ILE D 319 -9.93 2.32 36.33
C ILE D 319 -8.63 3.03 36.68
N LEU D 320 -7.90 3.40 35.64
CA LEU D 320 -6.64 4.13 35.75
C LEU D 320 -6.84 5.47 35.04
N THR D 321 -6.86 6.54 35.82
CA THR D 321 -6.96 7.87 35.24
C THR D 321 -5.62 8.28 34.65
N VAL D 322 -5.66 9.18 33.68
CA VAL D 322 -4.45 9.67 33.04
C VAL D 322 -4.79 10.99 32.36
N SER D 323 -3.79 11.86 32.24
CA SER D 323 -4.00 13.13 31.60
C SER D 323 -4.22 12.94 30.10
N GLU D 324 -5.10 13.78 29.53
CA GLU D 324 -5.38 13.69 28.10
C GLU D 324 -4.12 13.87 27.29
N GLU D 325 -3.33 14.91 27.61
CA GLU D 325 -2.12 15.18 26.83
C GLU D 325 -1.17 13.99 26.90
N GLU D 326 -1.02 13.38 28.06
CA GLU D 326 -0.17 12.20 28.17
C GLU D 326 -0.67 11.08 27.26
N TRP D 327 -1.96 10.76 27.31
CA TRP D 327 -2.48 9.69 26.45
C TRP D 327 -2.28 10.02 24.98
N ASN D 328 -2.43 11.29 24.60
CA ASN D 328 -2.15 11.70 23.23
C ASN D 328 -0.74 11.35 22.81
N THR D 329 0.21 11.31 23.76
CA THR D 329 1.54 10.83 23.45
C THR D 329 1.53 9.38 23.00
N GLY D 330 0.46 8.63 23.31
CA GLY D 330 0.38 7.24 22.93
C GLY D 330 1.27 6.33 23.74
N GLU D 331 1.54 6.66 24.99
CA GLU D 331 2.36 5.79 25.83
C GLU D 331 1.68 4.45 26.01
N THR D 332 2.50 3.40 26.10
CA THR D 332 1.97 2.06 26.35
C THR D 332 1.51 1.93 27.78
N TYR D 333 0.42 1.21 27.97
CA TYR D 333 -0.12 0.92 29.30
C TYR D 333 -0.60 -0.52 29.31
N THR D 334 -0.60 -1.14 30.49
CA THR D 334 -1.10 -2.49 30.61
C THR D 334 -1.59 -2.73 32.02
N CYS D 335 -2.48 -3.71 32.16
CA CYS D 335 -2.96 -4.19 33.44
C CYS D 335 -2.67 -5.67 33.56
N VAL D 336 -2.30 -6.11 34.77
CA VAL D 336 -2.00 -7.50 35.04
C VAL D 336 -2.89 -7.99 36.15
N VAL D 337 -3.46 -9.17 35.94
CA VAL D 337 -4.35 -9.83 36.88
C VAL D 337 -3.74 -11.16 37.27
N ALA D 338 -3.72 -11.41 38.58
CA ALA D 338 -3.24 -12.69 39.13
C ALA D 338 -4.40 -13.42 39.77
N HIS D 339 -4.51 -14.71 39.48
CA HIS D 339 -5.56 -15.53 40.05
C HIS D 339 -5.00 -16.94 40.20
N GLU D 340 -5.18 -17.52 41.38
CA GLU D 340 -4.69 -18.86 41.63
C GLU D 340 -5.07 -19.83 40.52
N ALA D 341 -6.21 -19.59 39.85
CA ALA D 341 -6.66 -20.52 38.82
C ALA D 341 -5.80 -20.45 37.56
N LEU D 342 -4.96 -19.43 37.41
CA LEU D 342 -4.14 -19.34 36.21
C LEU D 342 -2.98 -20.32 36.28
N PRO D 343 -2.56 -20.88 35.14
CA PRO D 343 -1.40 -21.79 35.17
C PRO D 343 -0.13 -21.10 35.65
N ASN D 344 0.26 -20.02 34.98
CA ASN D 344 1.41 -19.22 35.40
C ASN D 344 1.06 -18.25 36.53
N ARG D 345 -0.21 -18.14 36.90
CA ARG D 345 -0.66 -17.28 37.99
C ARG D 345 -0.55 -15.80 37.66
N VAL D 346 -0.34 -15.46 36.39
CA VAL D 346 -0.26 -14.06 35.97
C VAL D 346 -0.73 -13.97 34.53
N THR D 347 -1.59 -12.98 34.26
CA THR D 347 -2.01 -12.69 32.89
C THR D 347 -1.97 -11.18 32.71
N GLU D 348 -1.35 -10.71 31.64
CA GLU D 348 -1.19 -9.28 31.42
C GLU D 348 -1.78 -8.89 30.07
N ARG D 349 -2.26 -7.66 29.97
CA ARG D 349 -2.85 -7.14 28.74
C ARG D 349 -2.48 -5.67 28.61
N THR D 350 -1.93 -5.30 27.46
CA THR D 350 -1.56 -3.92 27.18
C THR D 350 -2.47 -3.38 26.08
N VAL D 351 -2.68 -2.07 26.12
CA VAL D 351 -3.49 -1.39 25.11
C VAL D 351 -2.96 0.02 24.93
N ASP D 352 -2.92 0.46 23.67
CA ASP D 352 -2.49 1.80 23.32
C ASP D 352 -3.46 2.36 22.30
N LYS D 353 -3.10 3.48 21.69
CA LYS D 353 -3.94 4.11 20.68
C LYS D 353 -4.03 3.30 19.40
N SER D 354 -2.95 2.60 19.02
CA SER D 354 -2.91 1.93 17.73
C SER D 354 -4.04 0.92 17.56
N THR D 355 -4.37 0.19 18.63
CA THR D 355 -5.40 -0.84 18.51
C THR D 355 -6.75 -0.25 18.13
N GLY D 356 -6.93 1.06 18.32
CA GLY D 356 -8.20 1.69 18.03
C GLY D 356 -8.30 2.29 16.64
N LYS D 357 -7.42 1.87 15.73
CA LYS D 357 -7.39 2.39 14.37
C LYS D 357 -7.43 1.23 13.39
N PRO D 358 -8.62 0.72 13.08
CA PRO D 358 -8.72 -0.35 12.08
C PRO D 358 -8.36 0.16 10.69
N THR D 359 -7.99 -0.78 9.83
CA THR D 359 -7.54 -0.44 8.48
C THR D 359 -8.60 0.35 7.75
N LEU D 360 -8.18 1.42 7.08
CA LEU D 360 -9.10 2.30 6.35
C LEU D 360 -8.88 2.25 4.85
N TYR D 361 -7.67 2.54 4.37
CA TYR D 361 -7.41 2.58 2.94
C TYR D 361 -7.19 1.16 2.43
N ASN D 362 -7.92 0.80 1.38
CA ASN D 362 -7.78 -0.51 0.74
C ASN D 362 -7.54 -0.24 -0.75
N VAL D 363 -6.27 -0.01 -1.09
CA VAL D 363 -5.93 0.26 -2.48
C VAL D 363 -5.70 -1.07 -3.20
N SER D 364 -6.30 -1.20 -4.37
CA SER D 364 -6.23 -2.43 -5.17
C SER D 364 -5.59 -2.07 -6.50
N LEU D 365 -4.26 -2.22 -6.57
CA LEU D 365 -3.52 -1.93 -7.79
C LEU D 365 -3.63 -3.11 -8.74
N VAL D 366 -3.89 -2.83 -10.01
CA VAL D 366 -4.03 -3.85 -11.04
C VAL D 366 -3.32 -3.39 -12.30
N MET D 367 -2.61 -4.29 -12.94
CA MET D 367 -1.88 -4.02 -14.17
C MET D 367 -1.47 -5.37 -14.77
N SER D 368 -0.57 -5.32 -15.75
CA SER D 368 -0.01 -6.53 -16.32
C SER D 368 -1.09 -7.43 -16.91
N ASP D 369 -1.79 -6.94 -17.93
CA ASP D 369 -2.77 -7.75 -18.64
C ASP D 369 -2.13 -9.04 -19.15
N ASP E 141 40.79 -34.14 42.19
CA ASP E 141 39.50 -34.88 42.14
C ASP E 141 39.25 -35.61 43.47
N THR E 142 38.28 -35.13 44.22
CA THR E 142 37.99 -35.71 45.53
C THR E 142 37.41 -37.12 45.38
N ALA E 143 37.82 -38.01 46.28
CA ALA E 143 37.35 -39.38 46.24
C ALA E 143 35.89 -39.47 46.65
N ILE E 144 35.27 -40.60 46.32
CA ILE E 144 33.86 -40.84 46.63
C ILE E 144 33.02 -39.78 45.93
N ARG E 145 32.69 -40.01 44.66
CA ARG E 145 31.96 -39.03 43.89
C ARG E 145 30.62 -38.73 44.54
N VAL E 146 30.45 -37.49 45.00
CA VAL E 146 29.22 -37.05 45.64
C VAL E 146 28.79 -35.74 44.99
N PHE E 147 27.51 -35.64 44.64
CA PHE E 147 26.94 -34.46 44.04
C PHE E 147 25.66 -34.08 44.77
N ALA E 148 25.47 -32.78 44.95
CA ALA E 148 24.28 -32.22 45.58
C ALA E 148 23.58 -31.33 44.56
N ILE E 149 22.70 -31.95 43.76
CA ILE E 149 21.99 -31.25 42.70
C ILE E 149 20.92 -30.37 43.34
N PRO E 150 20.96 -29.05 43.17
CA PRO E 150 19.90 -28.21 43.70
C PRO E 150 18.80 -28.01 42.66
N PRO E 151 17.61 -27.60 43.10
CA PRO E 151 16.50 -27.39 42.14
C PRO E 151 16.73 -26.13 41.31
N SER E 152 16.49 -26.25 40.01
CA SER E 152 16.75 -25.15 39.10
C SER E 152 15.63 -24.11 39.16
N PHE E 153 15.98 -22.89 38.76
CA PHE E 153 14.97 -21.85 38.61
C PHE E 153 13.87 -22.28 37.65
N ALA E 154 14.20 -23.09 36.66
CA ALA E 154 13.18 -23.68 35.81
C ALA E 154 12.41 -24.79 36.51
N SER E 155 13.03 -25.47 37.47
CA SER E 155 12.35 -26.46 38.29
C SER E 155 11.24 -25.88 39.15
N ILE E 156 11.42 -24.65 39.64
CA ILE E 156 10.46 -24.09 40.59
C ILE E 156 9.06 -24.11 40.00
N PHE E 157 8.91 -23.71 38.74
CA PHE E 157 7.61 -23.69 38.11
C PHE E 157 7.10 -25.07 37.78
N LEU E 158 7.99 -26.02 37.51
CA LEU E 158 7.59 -27.39 37.20
C LEU E 158 7.37 -28.22 38.46
N THR E 159 8.22 -28.03 39.47
CA THR E 159 8.05 -28.73 40.74
C THR E 159 7.18 -27.94 41.72
N LYS E 160 7.17 -26.61 41.63
CA LYS E 160 6.45 -25.77 42.57
C LYS E 160 6.98 -25.95 44.00
N SER E 161 8.15 -26.57 44.12
CA SER E 161 8.71 -26.88 45.43
C SER E 161 10.20 -27.11 45.34
N THR E 162 10.97 -26.37 46.13
CA THR E 162 12.41 -26.58 46.20
C THR E 162 12.70 -28.04 46.54
N LYS E 163 13.38 -28.75 45.64
CA LYS E 163 13.73 -30.15 45.82
C LYS E 163 15.24 -30.27 45.79
N LEU E 164 15.83 -30.70 46.89
CA LEU E 164 17.26 -30.92 47.01
C LEU E 164 17.56 -32.41 46.84
N THR E 165 18.46 -32.73 45.92
CA THR E 165 18.83 -34.11 45.63
C THR E 165 20.30 -34.33 45.92
N CYS E 166 20.59 -35.48 46.53
CA CYS E 166 21.95 -35.88 46.88
C CYS E 166 22.21 -37.22 46.18
N LEU E 167 22.98 -37.16 45.10
CA LEU E 167 23.24 -38.34 44.28
C LEU E 167 24.74 -38.64 44.26
N VAL E 168 25.07 -39.90 43.99
CA VAL E 168 26.46 -40.36 43.92
C VAL E 168 26.64 -41.10 42.60
N THR E 169 27.72 -40.76 41.89
CA THR E 169 28.00 -41.31 40.57
C THR E 169 28.88 -42.54 40.72
N ASP E 170 28.38 -43.69 40.26
CA ASP E 170 29.16 -44.92 40.27
C ASP E 170 29.72 -45.22 41.65
N LEU E 171 28.85 -45.41 42.62
CA LEU E 171 29.27 -45.68 44.00
C LEU E 171 28.21 -46.52 44.69
N THR E 172 28.63 -47.33 45.65
CA THR E 172 27.69 -48.09 46.46
C THR E 172 26.79 -48.97 45.60
N THR E 173 27.37 -49.98 44.96
CA THR E 173 26.66 -50.84 44.02
C THR E 173 25.66 -51.77 44.71
N TYR E 174 25.37 -51.55 45.99
CA TYR E 174 24.38 -52.34 46.71
C TYR E 174 23.44 -51.40 47.43
N ASP E 175 22.28 -51.94 47.81
CA ASP E 175 21.24 -51.18 48.49
C ASP E 175 21.56 -51.02 49.98
N SER E 176 20.57 -50.56 50.75
CA SER E 176 20.74 -50.32 52.19
C SER E 176 21.63 -49.11 52.46
N VAL E 177 21.38 -48.02 51.74
CA VAL E 177 22.14 -46.79 51.87
C VAL E 177 21.27 -45.76 52.59
N THR E 178 21.86 -45.07 53.55
CA THR E 178 21.13 -44.10 54.36
C THR E 178 21.54 -42.68 53.99
N ILE E 179 20.52 -41.81 53.84
CA ILE E 179 20.72 -40.41 53.51
C ILE E 179 20.18 -39.57 54.66
N SER E 180 20.75 -38.38 54.84
CA SER E 180 20.28 -37.44 55.84
C SER E 180 20.46 -36.03 55.31
N TRP E 181 19.35 -35.32 55.10
CA TRP E 181 19.37 -33.94 54.66
C TRP E 181 19.05 -33.06 55.86
N THR E 182 19.98 -32.19 56.23
CA THR E 182 19.86 -31.35 57.40
C THR E 182 19.96 -29.88 57.00
N ARG E 183 19.34 -29.01 57.79
CA ARG E 183 19.35 -27.59 57.52
C ARG E 183 20.45 -26.92 58.34
N GLN E 184 20.58 -25.60 58.24
CA GLN E 184 21.58 -24.89 59.02
C GLN E 184 21.35 -25.06 60.51
N ASN E 185 20.09 -24.98 60.95
CA ASN E 185 19.78 -25.14 62.37
C ASN E 185 20.11 -26.54 62.87
N GLY E 186 20.28 -27.50 61.97
CA GLY E 186 20.53 -28.88 62.35
C GLY E 186 19.31 -29.78 62.29
N GLU E 187 18.16 -29.27 61.87
CA GLU E 187 16.96 -30.08 61.75
C GLU E 187 17.03 -30.96 60.51
N ALA E 188 16.56 -32.19 60.64
CA ALA E 188 16.59 -33.15 59.54
C ALA E 188 15.28 -33.10 58.77
N VAL E 189 15.38 -32.88 57.46
CA VAL E 189 14.22 -32.88 56.58
C VAL E 189 13.84 -34.31 56.26
N LYS E 190 12.69 -34.51 55.64
CA LYS E 190 12.25 -35.85 55.30
C LYS E 190 13.33 -36.59 54.54
N THR E 191 13.29 -37.92 54.61
CA THR E 191 14.29 -38.75 53.98
C THR E 191 14.02 -38.86 52.48
N HIS E 192 14.75 -39.75 51.83
CA HIS E 192 14.51 -40.02 50.41
C HIS E 192 13.07 -40.46 50.20
N THR E 193 12.66 -40.47 48.94
CA THR E 193 11.35 -40.97 48.56
C THR E 193 11.36 -41.32 47.08
N ASN E 194 10.66 -42.40 46.72
CA ASN E 194 10.57 -42.83 45.34
C ASN E 194 11.97 -43.07 44.75
N ILE E 195 12.70 -44.03 45.32
CA ILE E 195 14.02 -44.39 44.83
C ILE E 195 13.91 -44.87 43.40
N SER E 196 14.87 -44.48 42.57
CA SER E 196 14.89 -44.91 41.18
C SER E 196 15.40 -46.36 41.08
N GLU E 197 15.33 -46.90 39.87
CA GLU E 197 15.75 -48.27 39.65
C GLU E 197 17.28 -48.37 39.64
N SER E 198 17.78 -49.60 39.75
CA SER E 198 19.21 -49.83 39.75
C SER E 198 19.82 -49.42 38.42
N HIS E 199 21.04 -48.89 38.47
CA HIS E 199 21.73 -48.46 37.27
C HIS E 199 22.07 -49.67 36.40
N PRO E 200 22.12 -49.49 35.07
CA PRO E 200 22.48 -50.62 34.20
C PRO E 200 23.88 -51.16 34.44
N ASN E 201 24.74 -50.41 35.15
CA ASN E 201 26.10 -50.83 35.43
C ASN E 201 26.20 -51.71 36.67
N ALA E 202 25.12 -52.38 37.05
CA ALA E 202 25.08 -53.21 38.25
C ALA E 202 25.40 -52.38 39.49
N THR E 203 24.91 -51.14 39.48
CA THR E 203 25.11 -50.22 40.60
C THR E 203 23.77 -49.63 40.98
N PHE E 204 23.37 -49.80 42.24
CA PHE E 204 22.12 -49.25 42.72
C PHE E 204 22.16 -47.73 42.61
N SER E 205 21.08 -47.14 42.10
CA SER E 205 20.99 -45.69 41.91
C SER E 205 20.59 -45.05 43.24
N ALA E 206 21.55 -44.99 44.15
CA ALA E 206 21.32 -44.43 45.49
C ALA E 206 21.14 -42.92 45.37
N VAL E 207 19.92 -42.46 45.58
CA VAL E 207 19.58 -41.04 45.50
C VAL E 207 18.76 -40.66 46.72
N GLY E 208 19.00 -39.45 47.21
CA GLY E 208 18.28 -38.96 48.38
C GLY E 208 17.65 -37.59 48.16
N GLU E 209 16.33 -37.51 48.30
CA GLU E 209 15.64 -36.27 48.00
C GLU E 209 15.16 -35.59 49.30
N ALA E 210 14.85 -34.31 49.16
CA ALA E 210 14.36 -33.51 50.29
C ALA E 210 13.50 -32.39 49.73
N SER E 211 12.30 -32.22 50.28
CA SER E 211 11.42 -31.13 49.89
C SER E 211 11.39 -30.11 51.01
N ILE E 212 11.76 -28.88 50.67
CA ILE E 212 11.85 -27.79 51.65
C ILE E 212 11.12 -26.58 51.12
N CYS E 213 10.42 -25.89 52.01
CA CYS E 213 9.66 -24.71 51.62
C CYS E 213 10.60 -23.67 51.00
N GLU E 214 10.13 -23.05 49.92
CA GLU E 214 10.98 -22.10 49.19
C GLU E 214 11.40 -20.94 50.07
N ASP E 215 10.70 -20.68 51.17
CA ASP E 215 11.14 -19.62 52.08
C ASP E 215 12.57 -19.86 52.55
N ASP E 216 12.90 -21.11 52.88
CA ASP E 216 14.27 -21.44 53.28
C ASP E 216 15.27 -21.20 52.16
N TRP E 217 15.00 -21.74 50.96
CA TRP E 217 15.94 -21.61 49.86
C TRP E 217 16.17 -20.14 49.51
N ASN E 218 15.10 -19.34 49.47
CA ASN E 218 15.26 -17.91 49.28
C ASN E 218 16.07 -17.28 50.41
N SER E 219 15.83 -17.72 51.65
CA SER E 219 16.64 -17.24 52.76
C SER E 219 18.10 -17.63 52.58
N GLY E 220 18.36 -18.87 52.13
CA GLY E 220 19.71 -19.32 51.90
C GLY E 220 20.24 -20.24 52.98
N GLU E 221 19.38 -21.15 53.45
CA GLU E 221 19.83 -22.13 54.43
C GLU E 221 20.99 -22.95 53.88
N ARG E 222 22.03 -23.10 54.70
CA ARG E 222 23.21 -23.87 54.31
C ARG E 222 22.90 -25.34 54.58
N PHE E 223 22.28 -25.99 53.60
CA PHE E 223 21.87 -27.38 53.75
C PHE E 223 23.11 -28.28 53.79
N THR E 224 22.92 -29.48 54.32
CA THR E 224 24.00 -30.44 54.43
C THR E 224 23.45 -31.85 54.22
N CYS E 225 23.96 -32.53 53.21
CA CYS E 225 23.63 -33.93 52.96
C CYS E 225 24.71 -34.83 53.54
N THR E 226 24.26 -35.96 54.07
CA THR E 226 25.17 -36.97 54.62
C THR E 226 24.74 -38.33 54.12
N VAL E 227 25.72 -39.13 53.69
CA VAL E 227 25.49 -40.48 53.18
C VAL E 227 26.23 -41.45 54.09
N THR E 228 25.54 -42.49 54.55
CA THR E 228 26.14 -43.50 55.40
C THR E 228 25.74 -44.88 54.90
N HIS E 229 26.71 -45.80 54.90
CA HIS E 229 26.46 -47.18 54.52
C HIS E 229 27.60 -48.04 55.05
N THR E 230 27.25 -49.27 55.45
CA THR E 230 28.25 -50.19 55.95
C THR E 230 29.36 -50.43 54.93
N ASP E 231 29.05 -50.37 53.64
CA ASP E 231 30.05 -50.59 52.61
C ASP E 231 31.09 -49.48 52.57
N LEU E 232 30.67 -48.23 52.80
CA LEU E 232 31.59 -47.10 52.71
C LEU E 232 32.52 -47.04 53.92
N PRO E 233 33.72 -46.47 53.77
CA PRO E 233 34.61 -46.37 54.94
C PRO E 233 34.01 -45.56 56.07
N SER E 234 33.54 -44.35 55.80
CA SER E 234 32.91 -43.51 56.79
C SER E 234 31.99 -42.53 56.08
N PRO E 235 30.90 -42.11 56.72
CA PRO E 235 29.99 -41.17 56.06
C PRO E 235 30.63 -39.81 55.86
N LEU E 236 30.22 -39.13 54.79
CA LEU E 236 30.71 -37.80 54.49
C LEU E 236 29.64 -36.77 54.84
N LYS E 237 30.04 -35.49 54.86
CA LYS E 237 29.13 -34.40 55.19
C LYS E 237 29.31 -33.31 54.13
N GLN E 238 28.56 -33.44 53.03
CA GLN E 238 28.55 -32.45 51.98
C GLN E 238 27.67 -31.28 52.38
N THR E 239 28.14 -30.07 52.09
CA THR E 239 27.39 -28.86 52.42
C THR E 239 27.15 -28.04 51.17
N ILE E 240 25.95 -27.47 51.07
CA ILE E 240 25.55 -26.61 49.97
C ILE E 240 24.82 -25.42 50.54
N SER E 241 24.67 -24.37 49.73
CA SER E 241 23.92 -23.20 50.13
C SER E 241 23.41 -22.51 48.87
N ARG E 242 22.19 -22.00 48.94
CA ARG E 242 21.63 -21.29 47.81
C ARG E 242 22.54 -20.12 47.46
N PRO E 243 23.10 -20.05 46.24
CA PRO E 243 23.97 -18.93 45.91
C PRO E 243 23.24 -17.61 46.02
N LYS E 244 23.96 -16.58 46.46
CA LYS E 244 23.36 -15.26 46.61
C LYS E 244 24.41 -14.21 46.29
N GLY E 245 23.94 -13.09 45.74
CA GLY E 245 24.81 -12.00 45.35
C GLY E 245 25.07 -11.97 43.86
N VAL E 246 24.31 -11.13 43.14
CA VAL E 246 24.49 -10.96 41.71
C VAL E 246 23.70 -9.74 41.28
N ALA E 247 24.12 -9.12 40.18
CA ALA E 247 23.41 -7.96 39.66
C ALA E 247 22.18 -8.41 38.91
N LEU E 248 21.04 -7.79 39.22
CA LEU E 248 19.75 -8.16 38.64
C LEU E 248 19.32 -7.11 37.62
N HIS E 249 18.90 -7.58 36.45
CA HIS E 249 18.37 -6.71 35.41
C HIS E 249 17.22 -7.39 34.70
N ARG E 250 16.37 -6.58 34.11
CA ARG E 250 15.14 -7.06 33.50
C ARG E 250 15.43 -7.81 32.20
N PRO E 251 14.84 -8.98 31.99
CA PRO E 251 15.04 -9.70 30.73
C PRO E 251 14.18 -9.15 29.60
N ASP E 252 14.84 -8.45 28.68
CA ASP E 252 14.16 -7.84 27.54
C ASP E 252 13.88 -8.93 26.53
N VAL E 253 12.62 -9.16 26.23
CA VAL E 253 12.19 -10.27 25.38
C VAL E 253 11.66 -9.71 24.07
N TYR E 254 12.10 -10.31 22.96
CA TYR E 254 11.52 -10.04 21.66
C TYR E 254 11.13 -11.39 21.06
N LEU E 255 10.30 -11.34 20.02
CA LEU E 255 9.93 -12.55 19.31
C LEU E 255 9.96 -12.26 17.82
N LEU E 256 10.66 -13.11 17.07
CA LEU E 256 10.84 -12.94 15.64
C LEU E 256 10.07 -14.01 14.87
N PRO E 257 9.41 -13.66 13.78
CA PRO E 257 8.64 -14.66 13.04
C PRO E 257 9.52 -15.40 12.05
N PRO E 258 9.03 -16.49 11.47
CA PRO E 258 9.86 -17.26 10.54
C PRO E 258 10.26 -16.43 9.34
N ALA E 259 11.44 -16.74 8.79
CA ALA E 259 11.93 -16.02 7.63
C ALA E 259 11.04 -16.30 6.42
N ARG E 260 10.97 -15.31 5.53
CA ARG E 260 10.17 -15.46 4.32
C ARG E 260 10.55 -16.71 3.56
N GLU E 261 11.85 -17.00 3.47
CA GLU E 261 12.32 -18.12 2.67
C GLU E 261 11.85 -19.45 3.22
N GLN E 262 11.94 -19.65 4.53
CA GLN E 262 11.44 -20.88 5.13
C GLN E 262 9.98 -21.09 4.79
N LEU E 263 9.16 -20.05 4.89
CA LEU E 263 7.76 -20.16 4.50
C LEU E 263 7.62 -20.52 3.03
N ASN E 264 8.38 -19.87 2.16
CA ASN E 264 8.32 -20.19 0.74
C ASN E 264 8.66 -21.65 0.49
N LEU E 265 9.53 -22.23 1.31
CA LEU E 265 9.85 -23.65 1.18
C LEU E 265 8.64 -24.54 1.45
N ARG E 266 7.67 -24.06 2.24
CA ARG E 266 6.48 -24.83 2.57
C ARG E 266 6.84 -26.11 3.31
N GLU E 267 7.97 -26.09 4.02
CA GLU E 267 8.43 -27.27 4.76
C GLU E 267 7.94 -27.21 6.20
N SER E 268 8.34 -26.15 6.92
CA SER E 268 7.90 -25.96 8.29
C SER E 268 8.32 -24.60 8.80
N ALA E 269 7.37 -23.83 9.34
CA ALA E 269 7.69 -22.54 9.94
C ALA E 269 8.48 -22.73 11.23
N THR E 270 9.30 -21.74 11.55
CA THR E 270 10.09 -21.74 12.77
C THR E 270 10.02 -20.37 13.41
N ILE E 271 9.72 -20.33 14.70
CA ILE E 271 9.53 -19.08 15.44
C ILE E 271 10.60 -18.99 16.52
N THR E 272 11.15 -17.80 16.71
CA THR E 272 12.24 -17.57 17.64
C THR E 272 11.78 -16.64 18.76
N CYS E 273 11.99 -17.08 20.00
CA CYS E 273 11.79 -16.26 21.19
C CYS E 273 13.17 -15.86 21.70
N LEU E 274 13.50 -14.58 21.55
CA LEU E 274 14.81 -14.07 21.92
C LEU E 274 14.73 -13.39 23.28
N VAL E 275 15.65 -13.75 24.17
CA VAL E 275 15.72 -13.16 25.51
C VAL E 275 17.11 -12.54 25.63
N THR E 276 17.17 -11.25 25.97
CA THR E 276 18.44 -10.54 26.03
C THR E 276 18.52 -9.72 27.29
N GLY E 277 19.75 -9.51 27.75
CA GLY E 277 20.04 -8.55 28.79
C GLY E 277 19.50 -8.93 30.15
N PHE E 278 19.50 -10.22 30.48
CA PHE E 278 19.03 -10.69 31.77
C PHE E 278 20.19 -11.22 32.59
N SER E 279 19.95 -11.37 33.89
CA SER E 279 20.94 -11.88 34.82
C SER E 279 20.26 -12.39 36.08
N PRO E 280 20.78 -13.46 36.70
CA PRO E 280 21.92 -14.29 36.29
C PRO E 280 21.50 -15.35 35.28
N ALA E 281 22.27 -16.42 35.11
CA ALA E 281 21.95 -17.46 34.14
C ALA E 281 20.80 -18.30 34.69
N ASP E 282 19.62 -17.68 34.79
CA ASP E 282 18.44 -18.40 35.22
C ASP E 282 17.20 -17.84 34.53
N VAL E 283 16.71 -18.55 33.52
CA VAL E 283 15.46 -18.19 32.84
C VAL E 283 14.73 -19.48 32.51
N PHE E 284 13.41 -19.44 32.60
CA PHE E 284 12.57 -20.56 32.19
C PHE E 284 11.62 -20.05 31.12
N VAL E 285 11.78 -20.56 29.90
CA VAL E 285 10.99 -20.12 28.76
C VAL E 285 10.02 -21.23 28.38
N GLN E 286 8.79 -20.85 28.04
CA GLN E 286 7.78 -21.80 27.64
C GLN E 286 6.93 -21.20 26.52
N TRP E 287 6.18 -22.06 25.84
CA TRP E 287 5.32 -21.65 24.73
C TRP E 287 3.89 -22.01 25.04
N MET E 288 2.97 -21.18 24.57
CA MET E 288 1.55 -21.42 24.74
C MET E 288 0.82 -21.05 23.45
N GLN E 289 -0.28 -21.75 23.20
CA GLN E 289 -1.12 -21.52 22.03
C GLN E 289 -2.57 -21.62 22.46
N ARG E 290 -3.31 -20.52 22.33
CA ARG E 290 -4.72 -20.49 22.74
C ARG E 290 -4.86 -20.74 24.24
N GLY E 291 -3.97 -20.14 25.01
CA GLY E 291 -4.01 -20.26 26.45
C GLY E 291 -3.21 -21.42 27.00
N GLN E 292 -3.70 -22.64 26.79
CA GLN E 292 -3.02 -23.81 27.33
C GLN E 292 -1.65 -23.98 26.65
N PRO E 293 -0.72 -24.63 27.33
CA PRO E 293 0.63 -24.80 26.76
C PRO E 293 0.65 -25.91 25.71
N LEU E 294 1.76 -25.98 25.00
CA LEU E 294 1.98 -27.01 24.01
C LEU E 294 2.92 -28.08 24.58
N SER E 295 3.09 -29.15 23.83
CA SER E 295 3.95 -30.24 24.29
C SER E 295 5.38 -29.71 24.45
N PRO E 296 6.10 -30.20 25.46
CA PRO E 296 7.50 -29.78 25.61
C PRO E 296 8.35 -30.13 24.41
N GLU E 297 8.04 -31.23 23.73
CA GLU E 297 8.81 -31.68 22.58
C GLU E 297 8.67 -30.77 21.36
N LYS E 298 7.61 -29.98 21.27
CA LYS E 298 7.39 -29.14 20.10
C LYS E 298 8.33 -27.94 20.05
N TYR E 299 8.99 -27.62 21.16
CA TYR E 299 9.93 -26.49 21.19
C TYR E 299 11.22 -26.92 21.88
N VAL E 300 12.26 -26.16 21.62
CA VAL E 300 13.56 -26.35 22.27
C VAL E 300 14.06 -24.98 22.69
N THR E 301 15.00 -24.96 23.63
CA THR E 301 15.55 -23.71 24.13
C THR E 301 17.06 -23.78 24.19
N SER E 302 17.70 -22.63 23.97
CA SER E 302 19.13 -22.51 24.15
C SER E 302 19.42 -22.14 25.60
N ALA E 303 20.67 -22.26 26.02
CA ALA E 303 21.07 -21.96 27.37
C ALA E 303 21.69 -20.57 27.41
N PRO E 304 21.88 -19.99 28.59
CA PRO E 304 22.56 -18.69 28.66
C PRO E 304 24.02 -18.81 28.26
N MET E 305 24.53 -17.72 27.68
CA MET E 305 25.97 -17.54 27.50
C MET E 305 26.28 -16.06 27.63
N PRO E 306 27.51 -15.71 27.99
CA PRO E 306 27.87 -14.29 28.01
C PRO E 306 27.70 -13.67 26.63
N GLU E 307 27.84 -12.36 26.56
CA GLU E 307 27.50 -11.64 25.35
C GLU E 307 28.72 -10.92 24.78
N PRO E 308 28.77 -10.75 23.46
CA PRO E 308 30.00 -10.25 22.83
C PRO E 308 30.44 -8.90 23.37
N GLN E 309 29.58 -7.89 23.23
CA GLN E 309 29.87 -6.56 23.72
C GLN E 309 28.97 -6.14 24.87
N ALA E 310 27.86 -6.84 25.07
CA ALA E 310 26.97 -6.52 26.18
C ALA E 310 27.61 -6.93 27.50
N PRO E 311 27.21 -6.31 28.60
CA PRO E 311 27.84 -6.60 29.89
C PRO E 311 27.47 -7.96 30.45
N GLY E 312 27.84 -8.21 31.71
CA GLY E 312 27.72 -9.52 32.31
C GLY E 312 26.36 -10.19 32.14
N ARG E 313 25.36 -9.46 31.68
CA ARG E 313 24.10 -10.08 31.31
C ARG E 313 24.32 -11.09 30.18
N TYR E 314 23.48 -12.12 30.16
CA TYR E 314 23.48 -13.15 29.13
C TYR E 314 22.26 -12.98 28.21
N PHE E 315 22.12 -13.93 27.29
CA PHE E 315 20.95 -14.02 26.43
C PHE E 315 20.67 -15.48 26.14
N ALA E 316 19.53 -15.74 25.51
CA ALA E 316 19.14 -17.10 25.18
C ALA E 316 18.08 -17.06 24.08
N HIS E 317 17.83 -18.23 23.50
CA HIS E 317 16.91 -18.40 22.39
C HIS E 317 15.97 -19.54 22.68
N SER E 318 14.78 -19.48 22.07
CA SER E 318 13.86 -20.61 22.09
C SER E 318 13.34 -20.78 20.67
N ILE E 319 13.52 -21.97 20.13
CA ILE E 319 12.99 -22.31 18.82
C ILE E 319 11.68 -23.05 19.00
N LEU E 320 10.71 -22.73 18.14
CA LEU E 320 9.46 -23.48 18.07
C LEU E 320 9.21 -23.77 16.60
N THR E 321 9.38 -25.03 16.21
CA THR E 321 9.10 -25.45 14.85
C THR E 321 7.67 -25.97 14.75
N VAL E 322 7.02 -25.69 13.64
CA VAL E 322 5.62 -26.07 13.44
C VAL E 322 5.40 -26.22 11.94
N SER E 323 4.30 -26.89 11.58
CA SER E 323 3.95 -27.03 10.17
C SER E 323 3.72 -25.65 9.56
N GLU E 324 4.27 -25.46 8.35
CA GLU E 324 4.14 -24.17 7.69
C GLU E 324 2.68 -23.81 7.45
N GLU E 325 1.85 -24.79 7.10
CA GLU E 325 0.44 -24.52 6.85
C GLU E 325 -0.25 -23.88 8.04
N GLU E 326 0.26 -24.09 9.26
CA GLU E 326 -0.36 -23.58 10.46
C GLU E 326 0.06 -22.16 10.80
N TRP E 327 1.21 -21.70 10.31
CA TRP E 327 1.66 -20.36 10.63
C TRP E 327 0.72 -19.30 10.08
N ASN E 328 0.03 -19.59 8.97
CA ASN E 328 -0.89 -18.61 8.40
C ASN E 328 -2.02 -18.30 9.35
N THR E 329 -2.58 -19.31 10.01
CA THR E 329 -3.69 -19.10 10.93
C THR E 329 -3.31 -18.24 12.13
N GLY E 330 -2.02 -18.09 12.41
CA GLY E 330 -1.56 -17.30 13.55
C GLY E 330 -1.52 -18.11 14.82
N GLU E 331 -2.68 -18.61 15.24
CA GLU E 331 -2.84 -19.52 16.37
C GLU E 331 -2.45 -18.90 17.71
N THR E 332 -2.11 -17.61 17.75
CA THR E 332 -1.77 -16.92 18.99
C THR E 332 -0.65 -17.65 19.73
N TYR E 333 0.50 -17.71 19.06
CA TYR E 333 1.69 -18.35 19.63
C TYR E 333 2.36 -17.35 20.55
N THR E 334 2.38 -17.64 21.85
CA THR E 334 2.95 -16.76 22.85
C THR E 334 4.09 -17.44 23.59
N CYS E 335 5.04 -16.64 24.02
CA CYS E 335 6.25 -17.08 24.70
C CYS E 335 6.25 -16.46 26.09
N VAL E 336 6.41 -17.31 27.11
CA VAL E 336 6.42 -16.88 28.50
C VAL E 336 7.84 -17.00 29.03
N VAL E 337 8.29 -15.96 29.70
CA VAL E 337 9.65 -15.85 30.21
C VAL E 337 9.59 -15.68 31.72
N ALA E 338 10.29 -16.55 32.44
CA ALA E 338 10.34 -16.51 33.90
C ALA E 338 11.76 -16.22 34.34
N HIS E 339 11.93 -15.12 35.07
CA HIS E 339 13.24 -14.70 35.57
C HIS E 339 13.02 -13.70 36.67
N GLU E 340 14.04 -13.52 37.52
CA GLU E 340 14.00 -12.52 38.57
C GLU E 340 14.14 -11.14 37.93
N ALA E 341 14.27 -10.11 38.77
CA ALA E 341 14.46 -8.74 38.30
C ALA E 341 13.27 -8.27 37.46
N LEU E 342 12.09 -8.73 37.83
CA LEU E 342 10.86 -8.30 37.17
C LEU E 342 9.82 -8.02 38.25
N PRO E 343 8.96 -7.01 38.04
CA PRO E 343 7.90 -6.76 39.02
C PRO E 343 7.01 -7.97 39.24
N ASN E 344 6.73 -8.73 38.20
CA ASN E 344 6.05 -10.01 38.31
C ASN E 344 7.00 -11.08 37.80
N ARG E 345 6.98 -12.26 38.42
CA ARG E 345 7.95 -13.28 38.06
C ARG E 345 7.82 -13.72 36.62
N VAL E 346 6.64 -13.60 36.02
CA VAL E 346 6.40 -14.05 34.65
C VAL E 346 6.21 -12.83 33.76
N THR E 347 6.67 -12.96 32.52
CA THR E 347 6.45 -11.94 31.49
C THR E 347 6.03 -12.62 30.20
N GLU E 348 4.93 -12.16 29.63
CA GLU E 348 4.39 -12.70 28.40
C GLU E 348 4.92 -11.95 27.19
N ARG E 349 4.86 -12.60 26.04
CA ARG E 349 5.06 -11.91 24.78
C ARG E 349 4.41 -12.72 23.67
N THR E 350 4.05 -12.05 22.58
CA THR E 350 3.54 -12.74 21.41
C THR E 350 3.37 -11.71 20.30
N VAL E 351 3.53 -12.16 19.06
CA VAL E 351 3.38 -11.32 17.89
C VAL E 351 2.94 -12.19 16.72
N ASP E 352 2.42 -11.54 15.68
CA ASP E 352 2.06 -12.22 14.45
C ASP E 352 2.42 -11.31 13.29
N LYS E 353 2.24 -11.83 12.07
CA LYS E 353 2.64 -11.08 10.88
C LYS E 353 2.07 -9.68 10.87
N SER E 354 0.82 -9.50 11.33
CA SER E 354 0.24 -8.17 11.35
C SER E 354 1.03 -7.20 12.22
N THR E 355 1.83 -7.70 13.16
CA THR E 355 2.57 -6.81 14.04
C THR E 355 3.58 -5.95 13.29
N GLY E 356 3.95 -6.35 12.08
CA GLY E 356 4.91 -5.58 11.30
C GLY E 356 4.33 -4.32 10.71
N LYS E 357 3.35 -4.46 9.83
CA LYS E 357 2.82 -3.33 9.08
C LYS E 357 1.98 -2.42 9.98
N PRO E 358 1.76 -1.17 9.55
CA PRO E 358 0.94 -0.27 10.37
C PRO E 358 -0.50 -0.69 10.48
N THR E 359 -0.97 -1.62 9.64
CA THR E 359 -2.34 -2.12 9.63
C THR E 359 -3.35 -1.05 9.23
N LEU E 360 -2.91 0.16 8.90
CA LEU E 360 -3.82 1.21 8.47
C LEU E 360 -4.28 1.03 7.03
N TYR E 361 -3.57 0.24 6.23
CA TYR E 361 -3.94 0.02 4.84
C TYR E 361 -3.44 -1.34 4.40
N ASN E 362 -4.11 -1.90 3.39
CA ASN E 362 -3.77 -3.23 2.86
C ASN E 362 -3.64 -3.08 1.35
N VAL E 363 -2.42 -2.80 0.90
CA VAL E 363 -2.15 -2.56 -0.52
C VAL E 363 -2.23 -3.91 -1.22
N SER E 364 -3.34 -4.16 -1.91
CA SER E 364 -3.53 -5.41 -2.63
C SER E 364 -2.82 -5.36 -3.98
N LEU E 365 -2.91 -6.45 -4.73
CA LEU E 365 -2.30 -6.53 -6.04
C LEU E 365 -2.93 -7.69 -6.79
N VAL E 366 -3.54 -7.42 -7.94
CA VAL E 366 -4.20 -8.44 -8.73
C VAL E 366 -3.84 -8.23 -10.20
N MET E 367 -3.64 -9.35 -10.90
CA MET E 367 -3.36 -9.31 -12.33
C MET E 367 -4.55 -8.71 -13.07
N SER E 368 -4.25 -7.82 -14.02
CA SER E 368 -5.30 -7.12 -14.77
C SER E 368 -5.91 -7.99 -15.84
N ILE F 28 -3.04 29.79 -23.34
CA ILE F 28 -2.41 28.63 -22.64
C ILE F 28 -3.47 27.60 -22.28
N VAL F 29 -4.65 28.06 -21.89
CA VAL F 29 -5.73 27.17 -21.49
C VAL F 29 -6.30 26.51 -22.75
N LEU F 30 -5.91 25.25 -22.98
CA LEU F 30 -6.34 24.57 -24.19
C LEU F 30 -7.85 24.34 -24.21
N VAL F 31 -8.37 23.77 -23.12
CA VAL F 31 -9.79 23.42 -23.04
C VAL F 31 -10.31 23.83 -21.66
N ASP F 32 -11.50 24.42 -21.66
CA ASP F 32 -12.12 24.90 -20.42
C ASP F 32 -13.59 24.50 -20.40
N ASN F 33 -13.88 23.23 -20.68
CA ASN F 33 -15.27 22.80 -20.80
C ASN F 33 -15.98 22.95 -19.46
N LYS F 34 -17.04 23.77 -19.44
CA LYS F 34 -17.81 23.95 -18.22
C LYS F 34 -18.88 22.89 -18.04
N CYS F 35 -19.18 22.11 -19.08
CA CYS F 35 -20.14 21.02 -18.94
C CYS F 35 -19.63 19.99 -17.94
N LYS F 36 -18.35 19.64 -18.03
CA LYS F 36 -17.72 18.72 -17.09
C LYS F 36 -16.68 19.39 -16.21
N CYS F 37 -16.52 20.70 -16.31
CA CYS F 37 -15.59 21.45 -15.47
C CYS F 37 -14.14 20.99 -15.72
N ALA F 38 -13.87 20.54 -16.94
CA ALA F 38 -12.56 20.05 -17.33
C ALA F 38 -11.73 21.20 -17.88
N ARG F 39 -10.65 21.54 -17.19
CA ARG F 39 -9.73 22.59 -17.59
C ARG F 39 -8.35 21.99 -17.77
N ILE F 40 -7.73 22.25 -18.91
CA ILE F 40 -6.43 21.69 -19.26
C ILE F 40 -5.53 22.85 -19.67
N THR F 41 -4.72 23.35 -18.73
CA THR F 41 -3.87 24.49 -19.02
C THR F 41 -2.65 24.13 -19.85
N SER F 42 -2.15 22.90 -19.73
CA SER F 42 -0.96 22.49 -20.45
C SER F 42 0.22 23.41 -20.11
N ASN F 59 -1.48 21.35 -16.25
CA ASN F 59 -2.58 21.15 -15.31
C ASN F 59 -3.74 20.47 -16.04
N ILE F 60 -4.40 19.55 -15.34
CA ILE F 60 -5.62 18.91 -15.81
C ILE F 60 -6.53 18.79 -14.60
N ARG F 61 -7.56 19.64 -14.53
CA ARG F 61 -8.44 19.69 -13.37
C ARG F 61 -9.83 19.23 -13.80
N ILE F 62 -10.40 18.30 -13.03
CA ILE F 62 -11.72 17.75 -13.30
C ILE F 62 -12.43 17.54 -11.97
N ILE F 63 -13.51 18.25 -11.74
CA ILE F 63 -14.33 18.08 -10.56
C ILE F 63 -15.51 17.18 -10.92
N VAL F 64 -15.81 16.24 -10.04
CA VAL F 64 -16.79 15.19 -10.32
C VAL F 64 -17.84 15.17 -9.20
N PRO F 65 -18.79 16.09 -9.21
CA PRO F 65 -19.79 16.12 -8.13
C PRO F 65 -20.56 14.80 -8.03
N LEU F 66 -20.65 14.26 -6.82
CA LEU F 66 -21.31 12.98 -6.63
C LEU F 66 -22.82 13.11 -6.64
N ASN F 67 -23.35 14.18 -6.01
CA ASN F 67 -24.80 14.31 -5.89
C ASN F 67 -25.39 14.81 -7.21
N ASN F 68 -25.92 13.88 -8.01
CA ASN F 68 -26.64 14.23 -9.22
C ASN F 68 -27.32 13.00 -9.80
N ARG F 69 -28.52 13.17 -10.33
CA ARG F 69 -29.28 12.05 -10.86
C ARG F 69 -28.74 11.66 -12.24
N GLU F 70 -29.00 10.41 -12.62
CA GLU F 70 -28.56 9.92 -13.92
C GLU F 70 -29.02 10.86 -15.03
N ASN F 71 -30.33 11.02 -15.18
CA ASN F 71 -30.87 11.92 -16.18
C ASN F 71 -30.94 13.34 -15.65
N ILE F 72 -30.40 14.29 -16.43
CA ILE F 72 -30.46 15.69 -16.04
C ILE F 72 -31.79 16.34 -16.39
N SER F 73 -32.52 15.78 -17.37
CA SER F 73 -33.78 16.37 -17.77
C SER F 73 -34.75 16.44 -16.60
N ASP F 74 -34.86 15.36 -15.83
CA ASP F 74 -35.71 15.33 -14.64
C ASP F 74 -34.91 14.68 -13.51
N PRO F 75 -35.25 14.97 -12.26
CA PRO F 75 -34.53 14.32 -11.15
C PRO F 75 -34.95 12.88 -10.95
N THR F 76 -36.13 12.52 -11.44
CA THR F 76 -36.63 11.17 -11.26
C THR F 76 -35.89 10.21 -12.19
N SER F 77 -34.64 9.91 -11.84
CA SER F 77 -33.81 8.97 -12.59
C SER F 77 -32.79 8.38 -11.63
N PRO F 78 -32.26 7.20 -11.94
CA PRO F 78 -31.25 6.60 -11.06
C PRO F 78 -30.09 7.56 -10.83
N LEU F 79 -29.26 7.22 -9.85
CA LEU F 79 -28.06 8.01 -9.54
C LEU F 79 -26.90 7.39 -10.30
N ARG F 80 -26.46 8.07 -11.35
CA ARG F 80 -25.35 7.59 -12.17
C ARG F 80 -24.04 7.93 -11.47
N THR F 81 -23.45 6.93 -10.79
CA THR F 81 -22.18 7.14 -10.12
C THR F 81 -20.98 7.07 -11.06
N ARG F 82 -21.13 6.39 -12.20
CA ARG F 82 -20.04 6.29 -13.15
C ARG F 82 -19.77 7.66 -13.78
N PHE F 83 -18.50 7.90 -14.08
CA PHE F 83 -18.09 9.15 -14.70
C PHE F 83 -17.02 8.87 -15.75
N VAL F 84 -17.18 9.49 -16.91
CA VAL F 84 -16.30 9.28 -18.05
C VAL F 84 -15.79 10.65 -18.50
N TYR F 85 -14.49 10.72 -18.81
CA TYR F 85 -13.88 11.97 -19.28
C TYR F 85 -13.00 11.63 -20.48
N HIS F 86 -13.61 11.62 -21.67
CA HIS F 86 -12.88 11.33 -22.89
C HIS F 86 -12.27 12.62 -23.41
N LEU F 87 -10.94 12.72 -23.34
CA LEU F 87 -10.26 13.94 -23.74
C LEU F 87 -10.49 14.24 -25.21
N SER F 88 -10.42 13.24 -26.07
CA SER F 88 -10.65 13.45 -27.49
C SER F 88 -12.07 13.96 -27.74
N ASP F 89 -13.07 13.26 -27.20
CA ASP F 89 -14.45 13.71 -27.38
C ASP F 89 -14.68 15.07 -26.74
N LEU F 90 -14.13 15.32 -25.56
CA LEU F 90 -14.30 16.61 -24.91
C LEU F 90 -13.73 17.74 -25.75
N CYS F 91 -12.77 17.45 -26.63
CA CYS F 91 -12.14 18.45 -27.47
C CYS F 91 -12.83 18.60 -28.82
N LYS F 92 -14.10 18.23 -28.91
CA LYS F 92 -14.87 18.39 -30.14
C LYS F 92 -15.22 19.87 -30.35
N THR F 122 -24.06 14.23 -22.61
CA THR F 122 -24.61 13.90 -21.30
C THR F 122 -23.80 14.57 -20.19
N CYS F 123 -24.12 15.84 -19.93
CA CYS F 123 -23.42 16.59 -18.90
C CYS F 123 -23.84 16.12 -17.51
N TYR F 124 -23.04 16.51 -16.52
CA TYR F 124 -23.30 16.16 -15.13
C TYR F 124 -23.52 17.37 -14.24
N THR F 125 -22.68 18.40 -14.36
CA THR F 125 -22.80 19.59 -13.53
C THR F 125 -23.76 20.58 -14.19
N TYR F 126 -23.84 21.79 -13.63
CA TYR F 126 -24.66 22.85 -14.18
C TYR F 126 -23.84 24.12 -14.25
N ASP F 127 -23.82 24.76 -15.41
CA ASP F 127 -23.01 25.97 -15.59
C ASP F 127 -23.60 27.12 -14.79
N ARG F 128 -22.72 28.02 -14.35
CA ARG F 128 -23.16 29.16 -13.55
C ARG F 128 -24.09 30.07 -14.36
N ASN F 129 -23.76 30.30 -15.64
CA ASN F 129 -24.62 31.09 -16.49
C ASN F 129 -25.87 30.34 -16.95
N LYS F 130 -25.81 29.01 -16.97
CA LYS F 130 -26.94 28.22 -17.41
C LYS F 130 -27.97 28.05 -16.29
N CYS F 131 -29.24 28.19 -16.65
CA CYS F 131 -30.36 28.01 -15.73
C CYS F 131 -31.28 26.94 -16.30
N TYR F 132 -31.13 25.71 -15.83
CA TYR F 132 -31.97 24.63 -16.32
C TYR F 132 -33.41 24.82 -15.85
N THR F 133 -34.29 23.91 -16.30
CA THR F 133 -35.70 23.99 -15.99
C THR F 133 -36.35 22.65 -16.27
N ALA F 134 -37.44 22.38 -15.55
CA ALA F 134 -38.23 21.17 -15.78
C ALA F 134 -39.68 21.49 -15.45
N VAL F 135 -40.61 20.85 -16.15
CA VAL F 135 -42.03 21.08 -15.92
C VAL F 135 -42.53 20.08 -14.88
N VAL F 136 -43.38 20.55 -13.97
CA VAL F 136 -43.92 19.70 -12.91
C VAL F 136 -45.41 19.98 -12.72
N PRO F 137 -46.20 19.01 -12.29
CA PRO F 137 -47.62 19.25 -12.05
C PRO F 137 -47.87 19.81 -10.65
N LEU F 138 -49.03 20.45 -10.52
CA LEU F 138 -49.48 21.04 -9.27
C LEU F 138 -50.99 20.89 -9.17
N VAL F 139 -51.48 20.63 -7.96
CA VAL F 139 -52.91 20.51 -7.69
C VAL F 139 -53.22 21.21 -6.38
N TYR F 140 -54.05 22.27 -6.46
CA TYR F 140 -54.47 22.95 -5.25
C TYR F 140 -55.96 22.83 -5.00
N GLY F 141 -56.78 23.32 -5.93
CA GLY F 141 -58.22 23.30 -5.74
C GLY F 141 -58.99 22.69 -6.89
N GLY F 142 -58.42 22.74 -8.09
CA GLY F 142 -59.13 22.32 -9.28
C GLY F 142 -58.52 21.11 -9.95
N GLU F 143 -57.77 21.34 -11.03
CA GLU F 143 -57.21 20.28 -11.85
C GLU F 143 -55.70 20.41 -11.84
N THR F 144 -55.03 19.30 -12.14
CA THR F 144 -53.58 19.30 -12.22
C THR F 144 -53.12 20.19 -13.36
N LYS F 145 -52.20 21.11 -13.06
CA LYS F 145 -51.67 22.02 -14.07
C LYS F 145 -50.15 21.94 -14.07
N MET F 146 -49.56 22.04 -15.25
CA MET F 146 -48.12 21.95 -15.41
C MET F 146 -47.50 23.35 -15.34
N VAL F 147 -46.44 23.48 -14.55
CA VAL F 147 -45.72 24.74 -14.40
C VAL F 147 -44.22 24.45 -14.46
N GLU F 148 -43.49 25.35 -15.10
CA GLU F 148 -42.04 25.24 -15.17
C GLU F 148 -41.40 25.65 -13.85
N THR F 149 -40.35 24.93 -13.46
CA THR F 149 -39.59 25.22 -12.25
C THR F 149 -38.11 25.06 -12.57
N ALA F 150 -37.30 26.00 -12.07
CA ALA F 150 -35.87 26.01 -12.33
C ALA F 150 -35.13 25.22 -11.27
N LEU F 151 -34.23 24.34 -11.72
CA LEU F 151 -33.42 23.56 -10.78
C LEU F 151 -32.40 24.40 -10.04
N THR F 152 -32.02 25.56 -10.57
CA THR F 152 -31.08 26.46 -9.92
C THR F 152 -31.61 27.89 -10.03
N PRO F 153 -32.69 28.20 -9.31
CA PRO F 153 -33.26 29.56 -9.40
C PRO F 153 -32.27 30.65 -9.05
N ASP F 154 -31.34 30.38 -8.12
CA ASP F 154 -30.34 31.39 -7.77
C ASP F 154 -29.50 31.77 -8.98
N ALA F 155 -29.09 30.78 -9.78
CA ALA F 155 -28.39 31.07 -11.02
C ALA F 155 -29.28 31.80 -12.01
N CYS F 156 -30.56 31.45 -12.08
CA CYS F 156 -31.46 32.09 -13.03
C CYS F 156 -31.60 33.58 -12.75
N TYR F 157 -31.67 33.97 -11.48
CA TYR F 157 -31.89 35.36 -11.12
C TYR F 157 -30.87 35.83 -10.09
N HIS F 160 -30.90 33.83 1.71
CA HIS F 160 -31.31 34.64 2.86
C HIS F 160 -31.24 33.83 4.14
N ILE G 144 46.07 -43.61 35.09
CA ILE G 144 46.80 -42.94 33.98
C ILE G 144 45.98 -43.03 32.70
N ARG G 145 45.58 -41.87 32.18
CA ARG G 145 44.72 -41.82 31.01
C ARG G 145 45.27 -40.77 30.05
N VAL G 146 45.09 -41.00 28.76
CA VAL G 146 45.43 -40.02 27.73
C VAL G 146 44.29 -39.97 26.73
N PHE G 147 43.81 -38.76 26.43
CA PHE G 147 42.76 -38.57 25.46
C PHE G 147 43.19 -37.53 24.45
N ALA G 148 42.95 -37.81 23.18
CA ALA G 148 43.34 -36.93 22.09
C ALA G 148 42.11 -36.55 21.28
N ILE G 149 42.13 -35.33 20.76
CA ILE G 149 41.04 -34.84 19.92
C ILE G 149 41.61 -34.29 18.62
N PRO G 150 40.96 -34.54 17.49
CA PRO G 150 41.39 -33.94 16.23
C PRO G 150 40.65 -32.64 15.95
N PRO G 151 41.11 -31.51 16.48
CA PRO G 151 40.40 -30.25 16.17
C PRO G 151 40.57 -29.92 14.70
N SER G 152 39.83 -30.64 13.86
CA SER G 152 40.07 -30.58 12.41
C SER G 152 39.27 -29.46 11.77
N PHE G 153 37.94 -29.52 11.85
CA PHE G 153 37.12 -28.54 11.13
C PHE G 153 37.27 -27.15 11.72
N ALA G 154 37.62 -27.05 13.00
CA ALA G 154 37.90 -25.74 13.58
C ALA G 154 39.26 -25.23 13.14
N SER G 155 40.33 -25.95 13.49
CA SER G 155 41.68 -25.48 13.18
C SER G 155 41.87 -25.23 11.70
N ILE G 156 41.19 -26.01 10.84
CA ILE G 156 41.26 -25.73 9.41
C ILE G 156 40.82 -24.31 9.11
N PHE G 157 39.71 -23.88 9.68
CA PHE G 157 39.15 -22.57 9.36
C PHE G 157 39.77 -21.46 10.20
N LEU G 158 40.49 -21.80 11.26
CA LEU G 158 41.27 -20.81 11.99
C LEU G 158 42.64 -20.53 11.37
N THR G 159 43.36 -21.56 10.90
CA THR G 159 44.68 -21.34 10.34
C THR G 159 44.96 -22.17 9.09
N LYS G 160 43.97 -22.91 8.57
CA LYS G 160 44.14 -23.66 7.32
C LYS G 160 45.13 -24.81 7.50
N SER G 161 45.11 -25.43 8.67
CA SER G 161 46.00 -26.56 8.94
C SER G 161 45.41 -27.47 10.01
N THR G 162 44.96 -28.66 9.61
CA THR G 162 44.40 -29.59 10.58
C THR G 162 45.47 -29.97 11.61
N LYS G 163 45.03 -30.13 12.85
CA LYS G 163 45.91 -30.50 13.94
C LYS G 163 45.22 -31.52 14.83
N LEU G 164 46.02 -32.29 15.56
CA LEU G 164 45.53 -33.24 16.54
C LEU G 164 46.26 -32.98 17.85
N THR G 165 45.52 -32.87 18.94
CA THR G 165 46.10 -32.56 20.24
C THR G 165 45.82 -33.70 21.22
N CYS G 166 46.66 -33.80 22.24
CA CYS G 166 46.59 -34.85 23.24
C CYS G 166 46.71 -34.26 24.64
N LEU G 167 46.02 -34.86 25.60
CA LEU G 167 46.09 -34.44 26.99
C LEU G 167 46.09 -35.67 27.87
N VAL G 168 47.00 -35.70 28.85
CA VAL G 168 47.11 -36.82 29.78
C VAL G 168 46.61 -36.36 31.15
N THR G 169 46.15 -37.33 31.94
CA THR G 169 45.60 -37.07 33.26
C THR G 169 45.86 -38.27 34.15
N ASP G 170 45.83 -38.01 35.46
CA ASP G 170 46.20 -39.00 36.47
C ASP G 170 47.59 -39.56 36.13
N LEU G 171 48.57 -38.65 36.08
CA LEU G 171 49.95 -39.03 35.82
C LEU G 171 50.85 -38.03 36.54
N THR G 172 52.03 -38.49 36.92
CA THR G 172 52.98 -37.63 37.61
C THR G 172 53.43 -36.49 36.70
N THR G 173 53.80 -35.38 37.31
CA THR G 173 54.27 -34.18 36.60
C THR G 173 55.79 -34.17 36.55
N TYR G 174 56.39 -35.35 36.46
CA TYR G 174 57.85 -35.45 36.35
C TYR G 174 58.31 -34.80 35.05
N ASP G 175 59.40 -34.03 35.15
CA ASP G 175 59.93 -33.34 33.98
C ASP G 175 60.52 -34.36 33.00
N SER G 176 61.06 -33.84 31.90
CA SER G 176 61.58 -34.68 30.84
C SER G 176 60.46 -35.53 30.26
N VAL G 177 59.39 -34.88 29.82
CA VAL G 177 58.22 -35.57 29.27
C VAL G 177 58.44 -35.78 27.77
N THR G 178 58.39 -37.03 27.35
CA THR G 178 58.62 -37.39 25.95
C THR G 178 57.29 -37.39 25.22
N ILE G 179 57.11 -36.44 24.31
CA ILE G 179 55.90 -36.34 23.50
C ILE G 179 56.22 -36.84 22.10
N SER G 180 55.23 -37.46 21.46
CA SER G 180 55.41 -38.00 20.12
C SER G 180 54.10 -37.94 19.37
N TRP G 181 54.18 -38.06 18.06
CA TRP G 181 53.00 -38.10 17.20
C TRP G 181 53.40 -38.64 15.84
N THR G 182 52.62 -39.61 15.35
CA THR G 182 52.90 -40.22 14.07
C THR G 182 51.80 -41.22 13.75
N ARG G 183 51.69 -41.56 12.47
CA ARG G 183 50.67 -42.51 12.02
C ARG G 183 51.13 -43.94 12.35
N GLN G 184 50.39 -44.92 11.84
CA GLN G 184 50.80 -46.31 11.96
C GLN G 184 52.08 -46.59 11.17
N ASN G 185 52.34 -45.84 10.10
CA ASN G 185 53.51 -46.06 9.26
C ASN G 185 54.79 -45.65 9.98
N GLY G 186 54.74 -44.54 10.72
CA GLY G 186 55.91 -44.04 11.41
C GLY G 186 56.29 -42.64 10.99
N GLU G 187 55.31 -41.87 10.50
CA GLU G 187 55.53 -40.52 10.01
C GLU G 187 55.63 -39.58 11.21
N ALA G 188 56.83 -39.09 11.49
CA ALA G 188 57.05 -38.24 12.65
C ALA G 188 56.36 -36.89 12.43
N VAL G 189 56.49 -36.00 13.42
CA VAL G 189 55.85 -34.70 13.37
C VAL G 189 56.91 -33.62 13.57
N LYS G 190 56.48 -32.37 13.37
CA LYS G 190 57.38 -31.23 13.47
C LYS G 190 57.78 -31.00 14.92
N THR G 191 58.69 -30.05 15.12
CA THR G 191 59.14 -29.69 16.46
C THR G 191 58.12 -28.79 17.13
N HIS G 192 57.79 -29.13 18.38
CA HIS G 192 56.89 -28.29 19.16
C HIS G 192 57.59 -27.00 19.57
N THR G 193 56.82 -26.06 20.10
CA THR G 193 57.35 -24.79 20.56
C THR G 193 56.44 -24.23 21.63
N ASN G 194 57.06 -23.75 22.72
CA ASN G 194 56.30 -23.15 23.82
C ASN G 194 55.25 -24.11 24.34
N ILE G 195 55.68 -25.25 24.85
CA ILE G 195 54.77 -26.24 25.43
C ILE G 195 54.30 -25.73 26.79
N SER G 196 53.04 -25.99 27.11
CA SER G 196 52.47 -25.52 28.36
C SER G 196 53.12 -26.23 29.55
N GLU G 197 53.10 -25.56 30.70
CA GLU G 197 53.69 -26.08 31.91
C GLU G 197 52.77 -27.10 32.56
N SER G 198 53.11 -27.54 33.76
CA SER G 198 52.29 -28.52 34.47
C SER G 198 51.01 -27.87 34.98
N HIS G 199 49.98 -28.70 35.16
CA HIS G 199 48.69 -28.24 35.63
C HIS G 199 48.74 -27.89 37.10
N PRO G 200 47.79 -27.09 37.58
CA PRO G 200 47.76 -26.78 39.03
C PRO G 200 47.61 -28.02 39.89
N ASN G 201 47.04 -29.09 39.37
CA ASN G 201 46.84 -30.34 40.10
C ASN G 201 48.03 -31.29 39.97
N ALA G 202 49.22 -30.76 39.68
CA ALA G 202 50.44 -31.56 39.56
C ALA G 202 50.29 -32.59 38.44
N THR G 203 49.96 -32.08 37.25
CA THR G 203 49.76 -32.91 36.08
C THR G 203 50.28 -32.18 34.86
N PHE G 204 51.29 -32.73 34.20
CA PHE G 204 51.81 -32.12 33.00
C PHE G 204 50.74 -32.04 31.91
N SER G 205 50.68 -30.89 31.25
CA SER G 205 49.70 -30.71 30.17
C SER G 205 49.96 -31.69 29.03
N ALA G 206 51.21 -31.81 28.60
CA ALA G 206 51.58 -32.72 27.52
C ALA G 206 50.72 -32.49 26.28
N VAL G 207 50.81 -31.28 25.74
CA VAL G 207 50.02 -30.90 24.57
C VAL G 207 50.74 -31.44 23.33
N GLY G 208 50.21 -32.52 22.75
CA GLY G 208 50.77 -33.03 21.52
C GLY G 208 50.34 -32.21 20.31
N GLU G 209 51.15 -32.27 19.26
CA GLU G 209 50.90 -31.50 18.06
C GLU G 209 51.10 -32.38 16.84
N ALA G 210 50.40 -32.05 15.76
CA ALA G 210 50.58 -32.74 14.48
C ALA G 210 50.03 -31.85 13.38
N SER G 211 50.89 -31.40 12.48
CA SER G 211 50.46 -30.61 11.33
C SER G 211 50.33 -31.53 10.11
N ILE G 212 49.37 -32.44 10.21
CA ILE G 212 49.14 -33.47 9.21
C ILE G 212 48.35 -32.86 8.05
N CYS G 213 48.47 -33.48 6.88
CA CYS G 213 47.69 -33.06 5.73
C CYS G 213 46.20 -33.35 5.97
N GLU G 214 45.36 -32.50 5.38
CA GLU G 214 43.92 -32.61 5.63
C GLU G 214 43.29 -33.81 4.94
N ASP G 215 43.85 -34.24 3.81
CA ASP G 215 43.29 -35.38 3.10
C ASP G 215 43.35 -36.66 3.92
N ASP G 216 44.37 -36.80 4.76
CA ASP G 216 44.52 -38.03 5.54
C ASP G 216 43.36 -38.24 6.52
N TRP G 217 42.94 -37.19 7.21
CA TRP G 217 41.82 -37.33 8.14
C TRP G 217 40.56 -37.77 7.41
N ASN G 218 40.30 -37.19 6.23
CA ASN G 218 39.19 -37.66 5.41
C ASN G 218 39.35 -39.11 5.02
N SER G 219 40.57 -39.52 4.68
CA SER G 219 40.82 -40.94 4.42
C SER G 219 40.60 -41.79 5.66
N GLY G 220 40.55 -41.19 6.84
CA GLY G 220 40.32 -41.94 8.05
C GLY G 220 41.50 -42.74 8.54
N GLU G 221 42.72 -42.28 8.32
CA GLU G 221 43.90 -43.01 8.74
C GLU G 221 43.94 -43.14 10.26
N ARG G 222 44.54 -44.24 10.72
CA ARG G 222 44.65 -44.51 12.16
C ARG G 222 45.74 -43.61 12.72
N PHE G 223 45.33 -42.47 13.25
CA PHE G 223 46.28 -41.49 13.82
C PHE G 223 46.44 -41.80 15.30
N THR G 224 47.48 -42.55 15.63
CA THR G 224 47.75 -42.94 17.01
C THR G 224 48.53 -41.84 17.71
N CYS G 225 47.97 -41.31 18.79
CA CYS G 225 48.63 -40.28 19.57
C CYS G 225 49.78 -40.92 20.34
N THR G 226 50.96 -40.88 19.74
CA THR G 226 52.13 -41.48 20.35
C THR G 226 52.50 -40.74 21.62
N VAL G 227 52.88 -41.50 22.64
CA VAL G 227 53.27 -40.92 23.93
C VAL G 227 54.17 -41.91 24.64
N THR G 228 55.14 -41.38 25.37
CA THR G 228 56.06 -42.20 26.15
C THR G 228 56.61 -41.39 27.31
N HIS G 229 56.99 -42.08 28.37
CA HIS G 229 57.58 -41.44 29.53
C HIS G 229 58.29 -42.49 30.37
N THR G 230 59.30 -42.05 31.12
CA THR G 230 60.06 -42.97 31.95
C THR G 230 59.19 -43.61 33.02
N ASP G 231 58.26 -42.84 33.59
CA ASP G 231 57.40 -43.38 34.65
C ASP G 231 56.56 -44.55 34.15
N LEU G 232 56.07 -44.49 32.91
CA LEU G 232 55.17 -45.50 32.41
C LEU G 232 55.89 -46.83 32.25
N PRO G 233 55.15 -47.95 32.36
CA PRO G 233 55.78 -49.26 32.18
C PRO G 233 55.98 -49.62 30.72
N SER G 234 55.04 -49.20 29.88
CA SER G 234 55.09 -49.48 28.45
C SER G 234 54.51 -48.29 27.72
N PRO G 235 54.88 -48.10 26.45
CA PRO G 235 54.30 -46.98 25.68
C PRO G 235 52.86 -47.25 25.27
N LEU G 236 51.92 -46.54 25.87
CA LEU G 236 50.52 -46.71 25.52
C LEU G 236 50.22 -46.07 24.17
N LYS G 237 49.13 -46.51 23.56
CA LYS G 237 48.72 -46.06 22.24
C LYS G 237 47.25 -45.64 22.26
N GLN G 238 46.92 -44.63 21.46
CA GLN G 238 45.55 -44.13 21.37
C GLN G 238 45.36 -43.51 19.99
N THR G 239 44.49 -44.13 19.18
CA THR G 239 44.23 -43.68 17.83
C THR G 239 42.75 -43.41 17.65
N ILE G 240 42.43 -42.45 16.79
CA ILE G 240 41.04 -42.06 16.53
C ILE G 240 40.94 -41.62 15.07
N SER G 241 39.81 -41.92 14.46
CA SER G 241 39.57 -41.63 13.05
C SER G 241 38.15 -41.10 12.88
N ARG G 242 37.93 -40.40 11.78
CA ARG G 242 36.60 -39.87 11.50
C ARG G 242 35.63 -41.02 11.23
N PRO G 243 34.46 -41.02 11.87
CA PRO G 243 33.49 -42.09 11.59
C PRO G 243 33.07 -42.08 10.13
N LYS G 244 32.82 -43.28 9.61
CA LYS G 244 32.49 -43.43 8.19
C LYS G 244 30.99 -43.30 7.99
N GLY G 245 30.57 -42.11 7.54
CA GLY G 245 29.18 -41.87 7.20
C GLY G 245 28.40 -41.29 8.35
N VAL G 246 28.05 -40.00 8.25
CA VAL G 246 27.18 -39.36 9.23
C VAL G 246 26.11 -38.57 8.49
N ALA G 247 24.98 -39.21 8.22
CA ALA G 247 23.83 -38.53 7.62
C ALA G 247 24.24 -37.64 6.46
N LEU G 248 24.97 -36.57 6.76
CA LEU G 248 25.41 -35.60 5.75
C LEU G 248 24.20 -34.98 5.07
N HIS G 249 23.39 -34.27 5.83
CA HIS G 249 22.20 -33.60 5.31
C HIS G 249 22.53 -32.16 4.95
N ARG G 250 21.82 -31.64 3.96
CA ARG G 250 22.06 -30.31 3.42
C ARG G 250 21.69 -29.28 4.47
N PRO G 251 22.62 -28.45 4.94
CA PRO G 251 22.26 -27.38 5.88
C PRO G 251 21.31 -26.39 5.23
N ASP G 252 20.75 -25.52 6.06
CA ASP G 252 19.76 -24.54 5.62
C ASP G 252 19.90 -23.33 6.53
N VAL G 253 20.29 -22.20 5.94
CA VAL G 253 20.50 -20.95 6.67
C VAL G 253 19.25 -20.12 6.55
N TYR G 254 18.96 -19.34 7.60
CA TYR G 254 17.85 -18.39 7.58
C TYR G 254 18.25 -17.21 8.45
N LEU G 255 18.24 -16.02 7.86
CA LEU G 255 18.67 -14.80 8.54
C LEU G 255 17.44 -13.98 8.90
N LEU G 256 17.29 -13.67 10.18
CA LEU G 256 16.15 -12.92 10.69
C LEU G 256 16.57 -11.49 11.03
N PRO G 257 15.85 -10.47 10.55
CA PRO G 257 16.23 -9.10 10.84
C PRO G 257 15.86 -8.73 12.27
N PRO G 258 16.29 -7.56 12.74
CA PRO G 258 15.96 -7.15 14.11
C PRO G 258 14.46 -7.08 14.31
N ALA G 259 14.06 -6.94 15.57
CA ALA G 259 12.66 -6.85 15.94
C ALA G 259 12.21 -5.39 15.96
N ARG G 260 10.94 -5.18 15.61
CA ARG G 260 10.38 -3.83 15.63
C ARG G 260 10.59 -3.18 16.99
N GLU G 261 10.26 -3.90 18.07
CA GLU G 261 10.39 -3.33 19.41
C GLU G 261 11.84 -2.99 19.73
N GLN G 262 12.77 -3.88 19.39
CA GLN G 262 14.17 -3.63 19.69
C GLN G 262 14.64 -2.34 19.05
N LEU G 263 14.40 -2.18 17.74
CA LEU G 263 14.80 -0.95 17.07
C LEU G 263 14.08 0.26 17.65
N ASN G 264 12.77 0.12 17.93
CA ASN G 264 12.04 1.22 18.55
C ASN G 264 12.71 1.67 19.83
N LEU G 265 13.27 0.73 20.59
CA LEU G 265 14.01 1.10 21.79
C LEU G 265 15.26 1.90 21.45
N ARG G 266 15.77 1.77 20.23
CA ARG G 266 16.90 2.57 19.78
C ARG G 266 18.11 2.39 20.69
N GLU G 267 18.55 1.15 20.90
CA GLU G 267 19.73 0.91 21.72
C GLU G 267 20.75 0.07 20.97
N SER G 268 20.30 -0.96 20.26
CA SER G 268 21.19 -1.81 19.48
C SER G 268 20.38 -2.77 18.61
N ALA G 269 20.69 -2.84 17.33
CA ALA G 269 20.11 -3.88 16.48
C ALA G 269 20.87 -5.17 16.67
N THR G 270 20.13 -6.25 16.93
CA THR G 270 20.71 -7.55 17.24
C THR G 270 20.27 -8.54 16.17
N ILE G 271 21.11 -8.74 15.17
CA ILE G 271 20.79 -9.59 14.02
C ILE G 271 21.10 -11.03 14.40
N THR G 272 20.34 -11.95 13.82
CA THR G 272 20.47 -13.38 14.10
C THR G 272 20.71 -14.15 12.80
N CYS G 273 21.22 -15.36 12.94
CA CYS G 273 21.33 -16.25 11.78
C CYS G 273 21.18 -17.70 12.19
N LEU G 274 19.97 -18.25 12.05
CA LEU G 274 19.77 -19.63 12.46
C LEU G 274 20.10 -20.59 11.31
N VAL G 275 20.37 -21.84 11.68
CA VAL G 275 20.77 -22.86 10.73
C VAL G 275 20.17 -24.18 11.17
N THR G 276 19.74 -24.98 10.20
CA THR G 276 19.02 -26.21 10.52
C THR G 276 19.27 -27.25 9.44
N GLY G 277 18.94 -28.50 9.77
CA GLY G 277 18.97 -29.57 8.78
C GLY G 277 20.35 -30.04 8.39
N PHE G 278 21.22 -30.28 9.37
CA PHE G 278 22.58 -30.75 9.07
C PHE G 278 23.11 -31.50 10.27
N SER G 279 23.48 -32.76 10.07
CA SER G 279 23.94 -33.60 11.16
C SER G 279 25.42 -33.33 11.49
N PRO G 280 26.32 -33.30 10.49
CA PRO G 280 27.72 -32.99 10.81
C PRO G 280 27.83 -31.66 11.55
N ALA G 281 28.23 -31.71 12.81
CA ALA G 281 28.24 -30.55 13.67
C ALA G 281 29.52 -29.75 13.43
N ASP G 282 29.81 -28.78 14.32
CA ASP G 282 31.01 -27.97 14.23
C ASP G 282 30.95 -26.98 13.07
N VAL G 283 29.76 -26.65 12.63
CA VAL G 283 29.62 -25.69 11.54
C VAL G 283 30.03 -24.31 12.03
N PHE G 284 31.05 -23.75 11.41
CA PHE G 284 31.62 -22.48 11.84
C PHE G 284 30.82 -21.35 11.21
N VAL G 285 30.23 -20.52 12.06
CA VAL G 285 29.38 -19.41 11.60
C VAL G 285 30.15 -18.11 11.80
N GLN G 286 30.32 -17.37 10.71
CA GLN G 286 31.06 -16.11 10.75
C GLN G 286 30.23 -15.03 10.07
N TRP G 287 30.48 -13.78 10.42
CA TRP G 287 29.69 -12.68 9.89
C TRP G 287 30.56 -11.77 9.04
N MET G 288 29.94 -11.19 8.02
CA MET G 288 30.62 -10.33 7.07
C MET G 288 29.76 -9.11 6.78
N GLN G 289 30.42 -7.99 6.44
CA GLN G 289 29.72 -6.78 6.07
C GLN G 289 30.62 -5.99 5.12
N ARG G 290 30.04 -5.47 4.05
CA ARG G 290 30.80 -4.72 3.05
C ARG G 290 31.98 -5.54 2.53
N GLY G 291 31.77 -6.85 2.42
CA GLY G 291 32.84 -7.74 2.00
C GLY G 291 34.02 -7.79 2.94
N GLN G 292 33.77 -7.65 4.23
CA GLN G 292 34.80 -7.68 5.26
C GLN G 292 34.39 -8.62 6.37
N PRO G 293 35.34 -9.15 7.13
CA PRO G 293 35.00 -10.09 8.20
C PRO G 293 34.51 -9.36 9.45
N LEU G 294 34.09 -10.16 10.42
CA LEU G 294 33.61 -9.67 11.71
C LEU G 294 34.46 -10.27 12.82
N SER G 295 34.81 -9.44 13.78
CA SER G 295 35.65 -9.88 14.88
C SER G 295 34.86 -10.75 15.85
N PRO G 296 35.49 -11.76 16.44
CA PRO G 296 34.76 -12.61 17.39
C PRO G 296 34.15 -11.83 18.55
N GLU G 297 34.83 -10.79 19.03
CA GLU G 297 34.29 -10.01 20.13
C GLU G 297 32.98 -9.33 19.78
N LYS G 298 32.66 -9.20 18.49
CA LYS G 298 31.44 -8.53 18.05
C LYS G 298 30.24 -9.46 18.01
N TYR G 299 30.45 -10.75 17.76
CA TYR G 299 29.35 -11.69 17.60
C TYR G 299 29.65 -12.94 18.41
N VAL G 300 28.61 -13.72 18.69
CA VAL G 300 28.74 -14.95 19.46
C VAL G 300 27.87 -16.02 18.81
N THR G 301 28.40 -17.24 18.75
CA THR G 301 27.70 -18.38 18.19
C THR G 301 27.42 -19.38 19.30
N SER G 302 26.27 -20.03 19.23
CA SER G 302 25.98 -21.13 20.14
C SER G 302 26.61 -22.41 19.62
N ALA G 303 26.73 -23.37 20.53
CA ALA G 303 27.00 -24.73 20.11
C ALA G 303 25.72 -25.33 19.53
N PRO G 304 25.83 -26.36 18.72
CA PRO G 304 24.63 -26.98 18.15
C PRO G 304 23.88 -27.79 19.20
N MET G 305 22.58 -27.92 18.96
CA MET G 305 21.71 -28.76 19.78
C MET G 305 20.81 -29.56 18.86
N PRO G 306 20.38 -30.75 19.27
CA PRO G 306 19.53 -31.57 18.39
C PRO G 306 18.23 -30.85 18.06
N GLU G 307 17.75 -31.08 16.84
CA GLU G 307 16.52 -30.45 16.38
C GLU G 307 15.34 -30.94 17.20
N PRO G 308 14.28 -30.13 17.33
CA PRO G 308 13.11 -30.56 18.11
C PRO G 308 12.50 -31.86 17.62
N GLN G 309 12.26 -31.96 16.30
CA GLN G 309 11.58 -33.12 15.71
C GLN G 309 12.36 -33.60 14.49
N ALA G 310 13.68 -33.71 14.65
CA ALA G 310 14.53 -34.21 13.58
C ALA G 310 15.81 -34.77 14.18
N PRO G 311 15.78 -36.00 14.71
CA PRO G 311 16.99 -36.54 15.35
C PRO G 311 18.19 -36.60 14.41
N GLY G 312 17.95 -36.78 13.12
CA GLY G 312 19.01 -36.78 12.14
C GLY G 312 19.48 -35.39 11.74
N ARG G 313 18.96 -34.35 12.38
CA ARG G 313 19.32 -32.97 12.05
C ARG G 313 19.66 -32.21 13.32
N TYR G 314 20.73 -31.43 13.25
CA TYR G 314 21.10 -30.50 14.32
C TYR G 314 20.78 -29.09 13.87
N PHE G 315 20.91 -28.15 14.80
CA PHE G 315 20.81 -26.74 14.50
C PHE G 315 21.87 -26.00 15.30
N ALA G 316 21.79 -24.67 15.27
CA ALA G 316 22.74 -23.81 15.96
C ALA G 316 22.14 -22.41 15.97
N HIS G 317 22.95 -21.43 16.38
CA HIS G 317 22.51 -20.04 16.38
C HIS G 317 23.73 -19.14 16.45
N SER G 318 23.52 -17.89 16.05
CA SER G 318 24.62 -16.93 15.98
C SER G 318 24.00 -15.54 16.00
N ILE G 319 24.48 -14.70 16.91
CA ILE G 319 23.98 -13.34 17.08
C ILE G 319 25.09 -12.37 16.76
N LEU G 320 24.76 -11.34 15.99
CA LEU G 320 25.66 -10.21 15.72
C LEU G 320 25.00 -8.96 16.26
N THR G 321 25.56 -8.38 17.31
CA THR G 321 25.09 -7.11 17.81
C THR G 321 25.65 -5.97 16.96
N VAL G 322 24.96 -4.84 16.98
CA VAL G 322 25.44 -3.66 16.27
C VAL G 322 24.66 -2.47 16.82
N SER G 323 25.26 -1.29 16.69
CA SER G 323 24.57 -0.08 17.11
C SER G 323 23.29 0.08 16.31
N GLU G 324 22.21 0.43 16.99
CA GLU G 324 20.93 0.62 16.32
C GLU G 324 21.04 1.70 15.25
N GLU G 325 21.77 2.77 15.53
CA GLU G 325 21.93 3.84 14.56
C GLU G 325 22.53 3.35 13.25
N GLU G 326 23.57 2.51 13.33
CA GLU G 326 24.15 1.97 12.10
C GLU G 326 23.11 1.22 11.29
N TRP G 327 22.30 0.38 11.92
CA TRP G 327 21.24 -0.31 11.20
C TRP G 327 20.28 0.69 10.57
N ASN G 328 19.92 1.74 11.32
CA ASN G 328 19.02 2.76 10.76
C ASN G 328 19.61 3.40 9.52
N THR G 329 20.91 3.69 9.52
CA THR G 329 21.55 4.24 8.33
C THR G 329 21.48 3.30 7.15
N GLY G 330 21.20 2.02 7.36
CA GLY G 330 21.13 1.06 6.29
C GLY G 330 22.47 0.42 6.05
N GLU G 331 22.52 -0.91 6.17
CA GLU G 331 23.78 -1.63 6.03
C GLU G 331 23.48 -3.06 5.61
N THR G 332 24.45 -3.70 4.98
CA THR G 332 24.32 -5.09 4.58
C THR G 332 25.15 -5.99 5.48
N TYR G 333 24.65 -7.18 5.72
CA TYR G 333 25.34 -8.16 6.55
C TYR G 333 25.07 -9.55 6.01
N THR G 334 26.02 -10.46 6.24
CA THR G 334 25.93 -11.82 5.71
C THR G 334 26.45 -12.78 6.75
N CYS G 335 25.80 -13.93 6.88
CA CYS G 335 26.19 -14.96 7.85
C CYS G 335 26.61 -16.22 7.10
N VAL G 336 27.90 -16.53 7.14
CA VAL G 336 28.49 -17.63 6.42
C VAL G 336 28.50 -18.85 7.33
N VAL G 337 27.96 -19.96 6.83
CA VAL G 337 27.95 -21.24 7.53
C VAL G 337 28.91 -22.18 6.83
N ALA G 338 29.99 -22.54 7.52
CA ALA G 338 30.94 -23.53 7.05
C ALA G 338 30.51 -24.87 7.63
N HIS G 339 30.34 -25.86 6.77
CA HIS G 339 29.82 -27.16 7.16
C HIS G 339 30.61 -28.26 6.47
N GLU G 340 30.57 -29.45 7.07
CA GLU G 340 31.25 -30.63 6.53
C GLU G 340 30.43 -31.19 5.37
N ALA G 341 30.32 -30.39 4.32
CA ALA G 341 29.70 -30.80 3.06
C ALA G 341 30.73 -30.61 1.95
N LEU G 342 30.54 -31.35 0.85
CA LEU G 342 31.54 -31.30 -0.21
C LEU G 342 31.67 -29.91 -0.80
N PRO G 343 30.60 -29.22 -1.18
CA PRO G 343 30.75 -27.81 -1.60
C PRO G 343 30.92 -26.92 -0.38
N ASN G 344 32.14 -26.45 -0.15
CA ASN G 344 32.42 -25.60 0.99
C ASN G 344 31.49 -24.40 0.98
N ARG G 345 31.29 -23.81 2.15
CA ARG G 345 30.44 -22.64 2.25
C ARG G 345 29.06 -22.97 1.70
N VAL G 346 28.43 -24.01 2.25
CA VAL G 346 27.24 -24.57 1.61
C VAL G 346 26.20 -23.50 1.30
N THR G 347 26.15 -22.43 2.09
CA THR G 347 25.24 -21.33 1.80
C THR G 347 25.73 -20.08 2.53
N GLU G 348 25.53 -18.93 1.89
CA GLU G 348 25.92 -17.65 2.46
C GLU G 348 24.82 -16.65 2.13
N ARG G 349 24.06 -16.28 3.16
CA ARG G 349 22.91 -15.41 2.97
C ARG G 349 23.09 -14.10 3.73
N THR G 350 22.49 -13.05 3.20
CA THR G 350 22.64 -11.70 3.69
C THR G 350 21.29 -11.01 3.82
N VAL G 351 21.28 -9.94 4.60
CA VAL G 351 20.12 -9.07 4.77
C VAL G 351 20.61 -7.64 4.87
N ASP G 352 19.65 -6.71 4.83
CA ASP G 352 19.94 -5.28 4.81
C ASP G 352 18.78 -4.55 5.48
N LYS G 353 18.75 -3.22 5.28
CA LYS G 353 17.62 -2.43 5.77
C LYS G 353 16.31 -2.93 5.16
N SER G 354 16.19 -2.82 3.83
CA SER G 354 14.96 -3.15 3.13
C SER G 354 15.07 -4.58 2.60
N THR G 355 14.75 -5.54 3.46
CA THR G 355 14.85 -6.96 3.10
C THR G 355 13.50 -7.54 2.69
N GLY G 356 12.43 -7.19 3.39
CA GLY G 356 11.10 -7.70 3.11
C GLY G 356 10.21 -6.77 2.33
N LYS G 357 10.70 -5.60 1.93
CA LYS G 357 9.86 -4.64 1.23
C LYS G 357 9.42 -5.19 -0.13
N PRO G 358 8.30 -4.72 -0.66
CA PRO G 358 7.81 -5.27 -1.94
C PRO G 358 8.57 -4.73 -3.14
N THR G 359 9.19 -3.56 -3.03
CA THR G 359 10.02 -2.98 -4.08
C THR G 359 9.21 -2.59 -5.32
N LEU G 360 7.90 -2.78 -5.29
CA LEU G 360 7.04 -2.45 -6.42
C LEU G 360 6.18 -1.21 -6.19
N TYR G 361 6.00 -0.78 -4.95
CA TYR G 361 5.18 0.38 -4.66
C TYR G 361 5.56 0.97 -3.31
N ASN G 362 6.18 2.14 -3.34
CA ASN G 362 6.43 2.90 -2.12
C ASN G 362 5.11 3.48 -1.62
N VAL G 363 5.00 3.56 -0.29
CA VAL G 363 3.84 4.18 0.36
C VAL G 363 4.37 5.13 1.43
N SER G 364 3.55 6.11 1.80
CA SER G 364 3.97 7.11 2.76
C SER G 364 2.74 7.71 3.42
N LEU G 365 2.97 8.43 4.51
CA LEU G 365 1.89 9.07 5.27
C LEU G 365 2.38 10.39 5.84
N VAL G 366 1.43 11.26 6.14
CA VAL G 366 1.73 12.56 6.72
C VAL G 366 0.71 12.88 7.80
N ASP H 141 48.20 -28.83 -22.96
CA ASP H 141 48.73 -28.94 -24.35
C ASP H 141 49.47 -30.25 -24.55
N THR H 142 49.49 -30.72 -25.80
CA THR H 142 50.12 -31.98 -26.17
C THR H 142 51.05 -31.71 -27.36
N ALA H 143 51.84 -30.66 -27.25
CA ALA H 143 52.72 -30.23 -28.35
C ALA H 143 53.87 -31.24 -28.50
N ILE H 144 53.50 -32.41 -29.00
CA ILE H 144 54.44 -33.48 -29.32
C ILE H 144 55.18 -33.93 -28.06
N ARG H 145 56.06 -33.08 -27.54
CA ARG H 145 56.88 -33.47 -26.40
C ARG H 145 56.00 -33.76 -25.19
N VAL H 146 56.62 -34.41 -24.19
CA VAL H 146 55.91 -34.71 -22.96
C VAL H 146 55.44 -33.44 -22.28
N PHE H 147 54.21 -33.46 -21.78
CA PHE H 147 53.62 -32.34 -21.08
C PHE H 147 53.06 -32.84 -19.75
N ALA H 148 52.97 -31.92 -18.78
CA ALA H 148 52.43 -32.22 -17.47
C ALA H 148 51.36 -31.20 -17.11
N ILE H 149 50.35 -31.66 -16.38
CA ILE H 149 49.23 -30.82 -15.96
C ILE H 149 49.45 -30.41 -14.52
N PRO H 150 49.99 -29.22 -14.24
CA PRO H 150 50.18 -28.79 -12.85
C PRO H 150 48.84 -28.64 -12.14
N PRO H 151 48.86 -28.42 -10.83
CA PRO H 151 47.60 -28.37 -10.07
C PRO H 151 46.85 -27.07 -10.27
N SER H 152 46.06 -26.99 -11.35
CA SER H 152 45.31 -25.78 -11.65
C SER H 152 44.20 -25.54 -10.64
N PHE H 153 43.94 -24.27 -10.36
CA PHE H 153 42.84 -23.92 -9.47
C PHE H 153 41.51 -24.46 -9.97
N ALA H 154 41.23 -24.28 -11.26
CA ALA H 154 40.01 -24.85 -11.82
C ALA H 154 40.01 -26.36 -11.67
N SER H 155 41.14 -27.01 -11.96
CA SER H 155 41.24 -28.45 -11.74
C SER H 155 41.11 -28.80 -10.27
N ILE H 156 41.74 -28.02 -9.38
CA ILE H 156 41.62 -28.30 -7.95
C ILE H 156 40.16 -28.33 -7.54
N PHE H 157 39.38 -27.33 -7.96
CA PHE H 157 37.99 -27.26 -7.54
C PHE H 157 37.12 -28.30 -8.23
N LEU H 158 37.27 -28.48 -9.54
CA LEU H 158 36.42 -29.43 -10.25
C LEU H 158 36.66 -30.85 -9.75
N THR H 159 37.93 -31.24 -9.59
CA THR H 159 38.29 -32.53 -9.04
C THR H 159 38.35 -32.53 -7.51
N LYS H 160 38.18 -31.36 -6.88
CA LYS H 160 38.29 -31.26 -5.44
C LYS H 160 39.69 -31.65 -5.02
N SER H 161 40.00 -32.95 -5.11
CA SER H 161 41.33 -33.45 -4.77
C SER H 161 42.30 -33.11 -5.89
N THR H 162 43.43 -32.50 -5.52
CA THR H 162 44.46 -32.18 -6.49
C THR H 162 45.10 -33.47 -7.02
N LYS H 163 45.57 -33.41 -8.26
CA LYS H 163 46.26 -34.53 -8.87
C LYS H 163 47.06 -34.02 -10.06
N LEU H 164 48.33 -34.44 -10.15
CA LEU H 164 49.19 -34.08 -11.26
C LEU H 164 49.36 -35.27 -12.19
N THR H 165 49.18 -35.03 -13.49
CA THR H 165 49.27 -36.08 -14.49
C THR H 165 50.19 -35.62 -15.62
N CYS H 166 50.53 -36.55 -16.51
CA CYS H 166 51.36 -36.26 -17.67
C CYS H 166 50.77 -36.94 -18.90
N LEU H 167 51.12 -36.39 -20.06
CA LEU H 167 50.67 -36.93 -21.33
C LEU H 167 51.75 -36.68 -22.37
N VAL H 168 51.89 -37.63 -23.30
CA VAL H 168 52.84 -37.50 -24.41
C VAL H 168 52.15 -37.94 -25.69
N THR H 169 52.65 -37.45 -26.82
CA THR H 169 52.07 -37.75 -28.11
C THR H 169 53.14 -37.61 -29.18
N ASP H 170 52.86 -38.20 -30.34
CA ASP H 170 53.76 -38.13 -31.50
C ASP H 170 55.12 -38.72 -31.17
N LEU H 171 55.09 -40.00 -30.81
CA LEU H 171 56.31 -40.75 -30.54
C LEU H 171 56.20 -42.12 -31.17
N THR H 172 57.35 -42.75 -31.37
CA THR H 172 57.38 -44.08 -31.97
C THR H 172 56.63 -45.08 -31.09
N THR H 173 56.05 -46.08 -31.75
CA THR H 173 55.27 -47.09 -31.02
C THR H 173 56.21 -47.96 -30.21
N TYR H 174 56.31 -47.68 -28.91
CA TYR H 174 57.21 -48.41 -28.03
C TYR H 174 56.57 -48.56 -26.66
N ASP H 175 56.60 -49.78 -26.14
CA ASP H 175 56.12 -50.08 -24.81
C ASP H 175 57.26 -49.94 -23.81
N SER H 176 57.06 -50.39 -22.58
CA SER H 176 58.06 -50.27 -21.52
C SER H 176 58.36 -48.81 -21.19
N VAL H 177 57.38 -47.94 -21.40
CA VAL H 177 57.52 -46.52 -21.09
C VAL H 177 56.70 -46.23 -19.83
N THR H 178 57.34 -46.24 -18.67
CA THR H 178 56.65 -46.05 -17.41
C THR H 178 56.79 -44.60 -16.94
N ILE H 179 55.72 -44.10 -16.33
CA ILE H 179 55.69 -42.73 -15.83
C ILE H 179 56.07 -42.77 -14.36
N SER H 180 57.22 -42.15 -14.03
CA SER H 180 57.72 -42.12 -12.67
C SER H 180 57.71 -40.68 -12.15
N TRP H 181 57.08 -40.48 -11.00
CA TRP H 181 56.92 -39.15 -10.43
C TRP H 181 57.97 -38.88 -9.37
N THR H 182 58.69 -37.77 -9.53
CA THR H 182 59.76 -37.41 -8.62
C THR H 182 59.57 -35.96 -8.19
N ARG H 183 59.91 -35.69 -6.93
CA ARG H 183 59.93 -34.32 -6.43
C ARG H 183 61.22 -33.65 -6.90
N GLN H 184 61.49 -32.45 -6.37
CA GLN H 184 62.77 -31.82 -6.66
C GLN H 184 63.90 -32.49 -5.89
N ASN H 185 63.60 -33.10 -4.75
CA ASN H 185 64.59 -33.83 -3.97
C ASN H 185 64.57 -35.34 -4.23
N GLY H 186 63.49 -35.86 -4.79
CA GLY H 186 63.36 -37.29 -5.01
C GLY H 186 62.29 -37.90 -4.13
N GLU H 187 61.14 -38.22 -4.72
CA GLU H 187 60.04 -38.83 -3.99
C GLU H 187 59.08 -39.52 -4.94
N ALA H 188 58.92 -40.82 -4.79
CA ALA H 188 57.94 -41.55 -5.57
C ALA H 188 56.55 -41.25 -5.06
N VAL H 189 55.66 -40.87 -5.95
CA VAL H 189 54.29 -40.54 -5.58
C VAL H 189 53.45 -41.81 -5.65
N LYS H 190 52.67 -42.04 -4.61
CA LYS H 190 51.82 -43.22 -4.53
C LYS H 190 50.59 -43.04 -5.40
N THR H 191 49.74 -44.07 -5.43
CA THR H 191 48.49 -44.04 -6.17
C THR H 191 48.71 -43.64 -7.62
N HIS H 192 49.82 -44.12 -8.18
CA HIS H 192 50.16 -43.89 -9.58
C HIS H 192 50.18 -45.23 -10.29
N THR H 193 49.26 -45.42 -11.24
CA THR H 193 49.15 -46.71 -11.91
C THR H 193 48.51 -46.48 -13.28
N ASN H 194 48.07 -47.56 -13.92
CA ASN H 194 47.43 -47.51 -15.23
C ASN H 194 48.33 -46.82 -16.24
N ILE H 195 47.81 -46.58 -17.44
CA ILE H 195 48.59 -45.96 -18.51
C ILE H 195 47.64 -45.51 -19.62
N SER H 196 47.99 -44.43 -20.31
CA SER H 196 47.19 -43.99 -21.45
C SER H 196 47.41 -44.93 -22.63
N GLU H 197 46.31 -45.38 -23.22
CA GLU H 197 46.39 -46.28 -24.36
C GLU H 197 46.96 -45.55 -25.58
N SER H 198 47.55 -46.33 -26.48
CA SER H 198 48.13 -45.75 -27.69
C SER H 198 47.07 -45.03 -28.50
N HIS H 199 47.44 -43.89 -29.06
CA HIS H 199 46.50 -43.09 -29.83
C HIS H 199 46.16 -43.80 -31.14
N PRO H 200 45.06 -43.40 -31.79
CA PRO H 200 44.75 -43.97 -33.12
C PRO H 200 45.84 -43.72 -34.13
N ASN H 201 46.70 -42.72 -33.92
CA ASN H 201 47.83 -42.43 -34.79
C ASN H 201 49.02 -43.34 -34.53
N ALA H 202 48.82 -44.45 -33.81
CA ALA H 202 49.89 -45.39 -33.50
C ALA H 202 51.03 -44.72 -32.74
N THR H 203 50.71 -43.69 -31.97
CA THR H 203 51.69 -42.98 -31.14
C THR H 203 51.48 -43.42 -29.69
N PHE H 204 52.50 -44.03 -29.10
CA PHE H 204 52.39 -44.50 -27.74
C PHE H 204 52.13 -43.33 -26.79
N SER H 205 51.25 -43.55 -25.82
CA SER H 205 50.85 -42.54 -24.87
C SER H 205 51.01 -43.07 -23.45
N ALA H 206 51.08 -42.15 -22.50
CA ALA H 206 51.25 -42.51 -21.10
C ALA H 206 50.53 -41.49 -20.24
N VAL H 207 50.19 -41.91 -19.02
CA VAL H 207 49.50 -41.05 -18.07
C VAL H 207 49.89 -41.47 -16.67
N GLY H 208 49.85 -40.52 -15.74
CA GLY H 208 50.19 -40.76 -14.36
C GLY H 208 49.38 -39.89 -13.42
N GLU H 209 49.58 -40.10 -12.13
CA GLU H 209 48.86 -39.36 -11.10
C GLU H 209 49.81 -39.08 -9.95
N ALA H 210 49.52 -38.02 -9.21
CA ALA H 210 50.34 -37.64 -8.06
C ALA H 210 49.45 -36.94 -7.04
N SER H 211 49.32 -37.55 -5.86
CA SER H 211 48.48 -37.01 -4.80
C SER H 211 49.30 -36.05 -3.96
N ILE H 212 48.90 -34.78 -3.95
CA ILE H 212 49.56 -33.75 -3.17
C ILE H 212 48.48 -32.92 -2.49
N CYS H 213 48.88 -31.84 -1.83
CA CYS H 213 47.94 -30.88 -1.26
C CYS H 213 48.44 -29.48 -1.56
N GLU H 214 47.50 -28.53 -1.52
CA GLU H 214 47.83 -27.15 -1.84
C GLU H 214 49.00 -26.65 -1.01
N ASP H 215 49.09 -27.09 0.25
CA ASP H 215 50.23 -26.73 1.08
C ASP H 215 51.56 -27.10 0.41
N ASP H 216 51.58 -28.22 -0.33
CA ASP H 216 52.81 -28.62 -1.01
C ASP H 216 53.27 -27.55 -1.98
N TRP H 217 52.36 -27.04 -2.82
CA TRP H 217 52.73 -25.94 -3.69
C TRP H 217 53.09 -24.70 -2.89
N ASN H 218 52.34 -24.41 -1.83
CA ASN H 218 52.61 -23.21 -1.05
C ASN H 218 54.03 -23.20 -0.51
N SER H 219 54.50 -24.33 0.02
CA SER H 219 55.87 -24.42 0.51
C SER H 219 56.87 -24.19 -0.62
N GLY H 220 56.61 -24.75 -1.79
CA GLY H 220 57.48 -24.56 -2.94
C GLY H 220 57.96 -25.87 -3.54
N GLU H 221 57.38 -26.98 -3.10
CA GLU H 221 57.80 -28.29 -3.58
C GLU H 221 57.45 -28.42 -5.07
N ARG H 222 58.37 -29.01 -5.83
CA ARG H 222 58.25 -29.11 -7.28
C ARG H 222 58.05 -30.58 -7.65
N PHE H 223 56.83 -30.92 -8.05
CA PHE H 223 56.48 -32.28 -8.41
C PHE H 223 56.52 -32.44 -9.93
N THR H 224 57.21 -33.48 -10.39
CA THR H 224 57.43 -33.67 -11.82
C THR H 224 57.28 -35.15 -12.14
N CYS H 225 57.25 -35.45 -13.43
CA CYS H 225 57.20 -36.82 -13.91
C CYS H 225 58.22 -37.00 -15.03
N THR H 226 58.70 -38.23 -15.18
CA THR H 226 59.64 -38.60 -16.23
C THR H 226 59.21 -39.93 -16.81
N VAL H 227 59.69 -40.21 -18.01
CA VAL H 227 59.37 -41.45 -18.72
C VAL H 227 60.62 -42.32 -18.76
N THR H 228 60.47 -43.55 -18.27
CA THR H 228 61.56 -44.53 -18.27
C THR H 228 61.33 -45.47 -19.44
N HIS H 229 62.13 -45.31 -20.49
CA HIS H 229 62.04 -46.15 -21.67
C HIS H 229 63.42 -46.69 -22.01
N THR H 230 63.45 -47.93 -22.50
CA THR H 230 64.72 -48.55 -22.86
C THR H 230 65.45 -47.74 -23.94
N ASP H 231 64.72 -47.31 -24.97
CA ASP H 231 65.32 -46.51 -26.02
C ASP H 231 65.68 -45.11 -25.57
N LEU H 232 64.89 -44.53 -24.65
CA LEU H 232 65.10 -43.16 -24.18
C LEU H 232 65.13 -43.18 -22.66
N PRO H 233 66.19 -43.70 -22.06
CA PRO H 233 66.32 -43.70 -20.60
C PRO H 233 66.66 -42.35 -20.01
N SER H 234 67.00 -41.36 -20.82
CA SER H 234 67.36 -40.06 -20.30
C SER H 234 66.18 -39.46 -19.53
N PRO H 235 66.44 -38.78 -18.42
CA PRO H 235 65.33 -38.24 -17.62
C PRO H 235 64.65 -37.07 -18.28
N LEU H 236 63.44 -37.28 -18.80
CA LEU H 236 62.67 -36.23 -19.46
C LEU H 236 61.77 -35.53 -18.44
N LYS H 237 62.41 -34.97 -17.42
CA LYS H 237 61.71 -34.25 -16.36
C LYS H 237 61.40 -32.82 -16.80
N GLN H 238 60.33 -32.27 -16.21
CA GLN H 238 59.89 -30.90 -16.46
C GLN H 238 59.75 -30.22 -15.10
N THR H 239 60.76 -29.44 -14.72
CA THR H 239 60.80 -28.81 -13.41
C THR H 239 59.81 -27.66 -13.33
N ILE H 240 58.52 -27.97 -13.20
CA ILE H 240 57.47 -26.97 -13.06
C ILE H 240 56.59 -27.36 -11.89
N SER H 241 56.31 -26.38 -11.02
CA SER H 241 55.39 -26.60 -9.92
C SER H 241 54.11 -25.76 -10.10
N ARG H 242 54.29 -24.44 -10.20
CA ARG H 242 53.21 -23.49 -10.40
C ARG H 242 53.82 -22.09 -10.48
N PRO H 243 53.08 -21.06 -10.89
CA PRO H 243 53.67 -19.74 -10.90
C PRO H 243 53.54 -18.95 -9.61
N LYS H 244 54.35 -17.90 -9.51
CA LYS H 244 54.34 -17.06 -8.31
C LYS H 244 53.89 -15.67 -8.76
N GLY H 245 52.57 -15.49 -8.80
CA GLY H 245 52.02 -14.24 -9.25
C GLY H 245 51.97 -13.22 -8.13
N VAL H 246 52.65 -12.11 -8.31
CA VAL H 246 52.72 -11.07 -7.28
C VAL H 246 51.41 -10.29 -7.19
N ALA H 247 50.84 -9.90 -8.33
CA ALA H 247 49.61 -9.13 -8.31
C ALA H 247 48.50 -9.94 -7.66
N LEU H 248 47.80 -9.29 -6.72
CA LEU H 248 46.67 -9.93 -6.05
C LEU H 248 45.68 -8.85 -5.65
N HIS H 249 44.40 -9.15 -5.83
CA HIS H 249 43.32 -8.22 -5.55
C HIS H 249 41.99 -8.94 -5.72
N ARG H 250 40.98 -8.44 -5.02
CA ARG H 250 39.71 -9.12 -4.93
C ARG H 250 39.02 -9.20 -6.30
N PRO H 251 38.34 -10.31 -6.59
CA PRO H 251 37.51 -10.34 -7.80
C PRO H 251 36.24 -9.54 -7.61
N ASP H 252 35.42 -9.44 -8.66
CA ASP H 252 34.16 -8.72 -8.56
C ASP H 252 33.19 -9.38 -9.52
N VAL H 253 32.05 -9.84 -9.00
CA VAL H 253 31.06 -10.55 -9.77
C VAL H 253 29.81 -9.70 -9.88
N TYR H 254 29.33 -9.51 -11.10
CA TYR H 254 28.05 -8.86 -11.35
C TYR H 254 27.23 -9.79 -12.22
N LEU H 255 25.99 -10.04 -11.81
CA LEU H 255 25.13 -10.99 -12.50
C LEU H 255 24.05 -10.22 -13.24
N LEU H 256 24.12 -10.23 -14.56
CA LEU H 256 23.31 -9.37 -15.42
C LEU H 256 22.22 -10.20 -16.10
N PRO H 257 20.96 -9.77 -16.04
CA PRO H 257 19.87 -10.59 -16.57
C PRO H 257 19.69 -10.37 -18.05
N PRO H 258 19.03 -11.29 -18.74
CA PRO H 258 18.78 -11.10 -20.18
C PRO H 258 17.96 -9.85 -20.43
N ALA H 259 18.24 -9.21 -21.56
CA ALA H 259 17.56 -7.96 -21.89
C ALA H 259 16.10 -8.24 -22.26
N ARG H 260 15.27 -7.21 -22.09
CA ARG H 260 13.85 -7.34 -22.37
C ARG H 260 13.60 -7.80 -23.79
N GLU H 261 14.50 -7.49 -24.71
CA GLU H 261 14.34 -7.98 -26.08
C GLU H 261 14.36 -9.50 -26.13
N GLN H 262 15.32 -10.11 -25.44
CA GLN H 262 15.41 -11.57 -25.42
C GLN H 262 14.12 -12.19 -24.91
N LEU H 263 13.58 -11.69 -23.81
CA LEU H 263 12.33 -12.20 -23.27
C LEU H 263 11.17 -11.97 -24.23
N ASN H 264 11.06 -10.77 -24.80
CA ASN H 264 10.00 -10.48 -25.75
C ASN H 264 10.03 -11.44 -26.92
N LEU H 265 11.22 -11.89 -27.31
CA LEU H 265 11.33 -12.85 -28.41
C LEU H 265 10.80 -14.23 -28.02
N ARG H 266 10.53 -14.48 -26.74
CA ARG H 266 10.02 -15.77 -26.29
C ARG H 266 10.95 -16.91 -26.71
N GLU H 267 12.25 -16.65 -26.62
CA GLU H 267 13.28 -17.61 -26.99
C GLU H 267 14.06 -18.02 -25.75
N SER H 268 15.10 -18.82 -25.97
CA SER H 268 15.96 -19.26 -24.87
C SER H 268 16.70 -18.09 -24.26
N ALA H 269 16.27 -17.67 -23.06
CA ALA H 269 16.94 -16.59 -22.36
C ALA H 269 18.32 -17.03 -21.92
N THR H 270 19.21 -16.04 -21.76
CA THR H 270 20.57 -16.29 -21.31
C THR H 270 20.92 -15.28 -20.23
N ILE H 271 21.47 -15.78 -19.13
CA ILE H 271 21.87 -14.93 -18.00
C ILE H 271 23.39 -14.85 -18.01
N THR H 272 23.94 -13.66 -17.73
CA THR H 272 25.37 -13.46 -17.82
C THR H 272 25.96 -13.23 -16.44
N CYS H 273 27.16 -13.77 -16.20
CA CYS H 273 27.87 -13.59 -14.94
C CYS H 273 29.24 -12.99 -15.25
N LEU H 274 29.32 -11.67 -15.24
CA LEU H 274 30.60 -11.01 -15.45
C LEU H 274 31.43 -11.08 -14.20
N VAL H 275 32.72 -11.42 -14.36
CA VAL H 275 33.67 -11.41 -13.27
C VAL H 275 34.87 -10.58 -13.74
N THR H 276 35.37 -9.71 -12.87
CA THR H 276 36.39 -8.77 -13.32
C THR H 276 37.28 -8.38 -12.15
N GLY H 277 38.41 -7.76 -12.48
CA GLY H 277 39.27 -7.15 -11.50
C GLY H 277 39.97 -8.14 -10.59
N PHE H 278 40.58 -9.17 -11.18
CA PHE H 278 41.28 -10.18 -10.39
C PHE H 278 42.53 -10.62 -11.13
N SER H 279 43.59 -10.89 -10.37
CA SER H 279 44.79 -11.51 -10.89
C SER H 279 45.22 -12.62 -9.94
N PRO H 280 45.89 -13.65 -10.44
CA PRO H 280 46.28 -13.87 -11.84
C PRO H 280 45.12 -14.50 -12.61
N ALA H 281 45.40 -15.11 -13.77
CA ALA H 281 44.35 -15.71 -14.58
C ALA H 281 43.89 -17.03 -13.99
N ASP H 282 43.20 -16.98 -12.85
CA ASP H 282 42.75 -18.20 -12.19
C ASP H 282 41.39 -18.00 -11.54
N VAL H 283 40.36 -18.61 -12.08
CA VAL H 283 39.02 -18.57 -11.48
C VAL H 283 38.23 -19.78 -11.95
N PHE H 284 37.22 -20.13 -11.17
CA PHE H 284 36.30 -21.23 -11.47
C PHE H 284 34.90 -20.77 -11.11
N VAL H 285 34.03 -20.66 -12.11
CA VAL H 285 32.66 -20.22 -11.87
C VAL H 285 31.72 -21.38 -12.11
N GLN H 286 30.56 -21.36 -11.49
CA GLN H 286 29.57 -22.41 -11.67
C GLN H 286 28.19 -21.82 -11.42
N TRP H 287 27.17 -22.52 -11.89
CA TRP H 287 25.79 -22.09 -11.74
C TRP H 287 25.02 -23.09 -10.86
N MET H 288 24.08 -22.56 -10.09
CA MET H 288 23.24 -23.39 -9.25
C MET H 288 21.83 -22.82 -9.25
N GLN H 289 20.86 -23.68 -8.95
CA GLN H 289 19.47 -23.26 -8.83
C GLN H 289 18.91 -23.85 -7.55
N ARG H 290 18.57 -22.99 -6.59
CA ARG H 290 18.08 -23.43 -5.29
C ARG H 290 19.11 -24.31 -4.59
N GLY H 291 20.39 -23.98 -4.74
CA GLY H 291 21.46 -24.73 -4.11
C GLY H 291 21.50 -26.18 -4.54
N GLN H 292 21.46 -26.41 -5.84
CA GLN H 292 21.40 -27.76 -6.40
C GLN H 292 22.44 -27.89 -7.50
N PRO H 293 22.88 -29.11 -7.79
CA PRO H 293 23.88 -29.30 -8.84
C PRO H 293 23.35 -28.92 -10.21
N LEU H 294 24.26 -28.42 -11.04
CA LEU H 294 23.95 -28.04 -12.41
C LEU H 294 24.91 -28.79 -13.34
N SER H 295 24.36 -29.36 -14.41
CA SER H 295 25.19 -30.15 -15.31
C SER H 295 26.26 -29.26 -15.95
N PRO H 296 27.41 -29.83 -16.31
CA PRO H 296 28.43 -29.04 -17.01
C PRO H 296 27.89 -28.42 -18.29
N GLU H 297 26.92 -29.06 -18.93
CA GLU H 297 26.24 -28.50 -20.09
C GLU H 297 25.31 -27.37 -19.65
N LYS H 298 24.70 -26.71 -20.64
CA LYS H 298 23.74 -25.64 -20.46
C LYS H 298 24.39 -24.34 -19.98
N TYR H 299 25.70 -24.32 -19.79
CA TYR H 299 26.39 -23.13 -19.34
C TYR H 299 27.82 -23.15 -19.87
N VAL H 300 28.29 -22.00 -20.30
CA VAL H 300 29.64 -21.85 -20.83
C VAL H 300 30.33 -20.73 -20.09
N THR H 301 31.66 -20.81 -20.03
CA THR H 301 32.49 -19.83 -19.35
C THR H 301 33.57 -19.36 -20.32
N SER H 302 33.97 -18.10 -20.19
CA SER H 302 35.00 -17.53 -21.04
C SER H 302 36.34 -17.53 -20.30
N ALA H 303 37.38 -17.87 -21.04
CA ALA H 303 38.72 -17.79 -20.48
C ALA H 303 39.07 -16.32 -20.24
N PRO H 304 39.95 -16.04 -19.29
CA PRO H 304 40.25 -14.66 -18.95
C PRO H 304 41.23 -14.01 -19.91
N MET H 305 41.43 -12.71 -19.70
CA MET H 305 42.37 -11.92 -20.48
C MET H 305 42.51 -10.56 -19.81
N PRO H 306 43.46 -9.74 -20.24
CA PRO H 306 43.59 -8.41 -19.65
C PRO H 306 42.41 -7.53 -20.03
N GLU H 307 42.47 -6.28 -19.57
CA GLU H 307 41.44 -5.29 -19.85
C GLU H 307 42.06 -3.91 -19.82
N PRO H 308 41.45 -2.95 -20.53
CA PRO H 308 42.11 -1.63 -20.68
C PRO H 308 42.36 -0.92 -19.36
N GLN H 309 41.44 -1.05 -18.40
CA GLN H 309 41.57 -0.29 -17.16
C GLN H 309 42.84 -0.63 -16.39
N ALA H 310 43.19 -1.92 -16.33
CA ALA H 310 44.38 -2.34 -15.61
C ALA H 310 44.96 -3.55 -16.33
N PRO H 311 46.29 -3.61 -16.51
CA PRO H 311 46.87 -4.75 -17.23
C PRO H 311 46.85 -6.02 -16.39
N GLY H 312 47.19 -5.89 -15.11
CA GLY H 312 47.17 -7.06 -14.24
C GLY H 312 45.79 -7.64 -14.07
N ARG H 313 44.77 -6.77 -14.00
CA ARG H 313 43.42 -7.22 -13.73
C ARG H 313 42.86 -7.95 -14.94
N TYR H 314 42.21 -9.09 -14.70
CA TYR H 314 41.59 -9.89 -15.73
C TYR H 314 40.08 -9.94 -15.52
N PHE H 315 39.38 -10.45 -16.54
CA PHE H 315 37.94 -10.64 -16.44
C PHE H 315 37.55 -11.87 -17.23
N ALA H 316 36.33 -12.34 -17.00
CA ALA H 316 35.77 -13.49 -17.67
C ALA H 316 34.25 -13.42 -17.60
N HIS H 317 33.61 -14.24 -18.43
CA HIS H 317 32.16 -14.29 -18.54
C HIS H 317 31.66 -15.68 -18.24
N SER H 318 30.36 -15.77 -18.00
CA SER H 318 29.69 -17.06 -17.99
C SER H 318 28.24 -16.89 -18.43
N ILE H 319 27.87 -17.54 -19.52
CA ILE H 319 26.51 -17.50 -20.03
C ILE H 319 25.78 -18.74 -19.54
N LEU H 320 24.50 -18.56 -19.21
CA LEU H 320 23.66 -19.67 -18.80
C LEU H 320 22.39 -19.61 -19.63
N THR H 321 22.22 -20.58 -20.52
CA THR H 321 21.04 -20.67 -21.36
C THR H 321 19.93 -21.42 -20.65
N VAL H 322 18.69 -21.02 -20.91
CA VAL H 322 17.54 -21.70 -20.35
C VAL H 322 16.30 -21.28 -21.13
N SER H 323 15.32 -22.18 -21.20
CA SER H 323 14.07 -21.86 -21.86
C SER H 323 13.36 -20.71 -21.13
N GLU H 324 12.68 -19.88 -21.92
CA GLU H 324 12.01 -18.71 -21.38
C GLU H 324 11.02 -19.08 -20.26
N GLU H 325 10.33 -20.21 -20.39
CA GLU H 325 9.30 -20.55 -19.42
C GLU H 325 9.90 -20.74 -18.03
N GLU H 326 11.10 -21.33 -17.95
CA GLU H 326 11.75 -21.50 -16.65
C GLU H 326 12.03 -20.16 -16.00
N TRP H 327 12.54 -19.20 -16.77
CA TRP H 327 12.73 -17.85 -16.25
C TRP H 327 11.41 -17.22 -15.84
N ASN H 328 10.33 -17.51 -16.57
CA ASN H 328 9.01 -17.05 -16.14
C ASN H 328 8.62 -17.62 -14.79
N THR H 329 8.90 -18.91 -14.56
CA THR H 329 8.58 -19.52 -13.28
C THR H 329 9.32 -18.81 -12.14
N GLY H 330 10.61 -18.53 -12.34
CA GLY H 330 11.37 -17.74 -11.41
C GLY H 330 12.75 -18.29 -11.11
N GLU H 331 12.88 -19.61 -11.04
CA GLU H 331 14.18 -20.27 -11.01
C GLU H 331 15.12 -19.69 -9.95
N THR H 332 15.42 -18.40 -10.05
CA THR H 332 16.26 -17.72 -9.06
C THR H 332 17.66 -18.33 -9.02
N TYR H 333 18.41 -18.17 -10.10
CA TYR H 333 19.72 -18.82 -10.23
C TYR H 333 20.75 -18.15 -9.33
N THR H 334 21.90 -18.80 -9.20
CA THR H 334 22.99 -18.31 -8.36
C THR H 334 24.30 -18.64 -9.04
N CYS H 335 25.10 -17.62 -9.30
CA CYS H 335 26.42 -17.77 -9.91
C CYS H 335 27.46 -17.75 -8.81
N VAL H 336 28.30 -18.78 -8.76
CA VAL H 336 29.31 -18.91 -7.73
C VAL H 336 30.68 -18.77 -8.38
N VAL H 337 31.57 -18.01 -7.72
CA VAL H 337 32.90 -17.74 -8.25
C VAL H 337 33.92 -18.20 -7.20
N ALA H 338 35.03 -18.75 -7.68
CA ALA H 338 36.14 -19.17 -6.84
C ALA H 338 37.41 -18.49 -7.31
N HIS H 339 38.14 -17.92 -6.36
CA HIS H 339 39.40 -17.25 -6.65
C HIS H 339 40.32 -17.44 -5.46
N GLU H 340 41.63 -17.39 -5.73
CA GLU H 340 42.61 -17.57 -4.67
C GLU H 340 42.78 -16.31 -3.83
N ALA H 341 42.22 -15.18 -4.27
CA ALA H 341 42.29 -13.95 -3.49
C ALA H 341 41.03 -13.67 -2.69
N LEU H 342 40.08 -14.60 -2.65
CA LEU H 342 38.87 -14.35 -1.90
C LEU H 342 39.01 -14.88 -0.47
N PRO H 343 38.83 -14.04 0.55
CA PRO H 343 39.08 -14.51 1.93
C PRO H 343 38.25 -15.73 2.29
N ASN H 344 36.99 -15.77 1.86
CA ASN H 344 36.13 -16.92 2.12
C ASN H 344 36.20 -17.95 1.02
N ARG H 345 37.32 -18.02 0.29
CA ARG H 345 37.50 -19.00 -0.77
C ARG H 345 36.58 -18.68 -1.95
N VAL H 346 35.27 -18.90 -1.79
CA VAL H 346 34.31 -18.76 -2.86
C VAL H 346 33.21 -17.80 -2.43
N THR H 347 32.66 -17.09 -3.42
CA THR H 347 31.50 -16.24 -3.21
C THR H 347 30.40 -16.66 -4.18
N GLU H 348 29.22 -16.08 -4.01
CA GLU H 348 28.11 -16.37 -4.90
C GLU H 348 27.14 -15.20 -4.90
N ARG H 349 26.33 -15.14 -5.95
CA ARG H 349 25.36 -14.05 -6.11
C ARG H 349 24.14 -14.61 -6.83
N THR H 350 22.96 -14.36 -6.25
CA THR H 350 21.71 -14.90 -6.76
C THR H 350 20.90 -13.83 -7.45
N VAL H 351 20.15 -14.23 -8.48
CA VAL H 351 19.21 -13.34 -9.17
C VAL H 351 17.95 -14.11 -9.48
N ASP H 352 16.81 -13.46 -9.23
CA ASP H 352 15.46 -13.91 -9.56
C ASP H 352 15.00 -13.20 -10.83
N LYS H 353 13.71 -13.31 -11.14
CA LYS H 353 13.19 -12.66 -12.33
C LYS H 353 13.53 -11.18 -12.33
N SER H 354 13.00 -10.43 -11.36
CA SER H 354 13.24 -9.00 -11.24
C SER H 354 13.90 -8.76 -9.88
N THR H 355 15.22 -8.88 -9.85
CA THR H 355 15.94 -8.68 -8.59
C THR H 355 15.86 -7.23 -8.12
N GLY H 356 15.98 -6.28 -9.04
CA GLY H 356 15.90 -4.88 -8.66
C GLY H 356 15.49 -3.98 -9.80
N LYS H 357 14.46 -3.17 -9.56
CA LYS H 357 13.95 -2.23 -10.53
C LYS H 357 13.31 -1.08 -9.78
N PRO H 358 13.25 0.11 -10.38
CA PRO H 358 12.65 1.25 -9.68
C PRO H 358 11.17 0.99 -9.38
N THR H 359 10.73 1.52 -8.24
CA THR H 359 9.33 1.39 -7.86
C THR H 359 8.46 2.06 -8.90
N LEU H 360 7.41 1.36 -9.33
CA LEU H 360 6.53 1.89 -10.37
C LEU H 360 5.49 2.83 -9.78
N TYR H 361 4.65 2.33 -8.88
CA TYR H 361 3.52 3.08 -8.34
C TYR H 361 3.97 3.70 -7.02
N ASN H 362 4.36 4.97 -7.05
CA ASN H 362 4.84 5.66 -5.85
C ASN H 362 3.65 6.31 -5.15
N VAL H 363 2.74 5.46 -4.67
CA VAL H 363 1.57 5.96 -3.96
C VAL H 363 2.00 6.76 -2.74
N SER H 364 1.15 7.70 -2.34
CA SER H 364 1.42 8.55 -1.19
C SER H 364 0.11 8.93 -0.53
N LEU H 365 0.03 8.79 0.79
CA LEU H 365 -1.16 9.11 1.55
C LEU H 365 -0.89 10.35 2.40
N VAL H 366 -1.86 11.27 2.42
CA VAL H 366 -1.74 12.49 3.21
C VAL H 366 -3.07 12.77 3.87
N MET H 367 -3.03 13.15 5.14
CA MET H 367 -4.24 13.47 5.89
C MET H 367 -4.69 14.90 5.59
N ASP I 141 48.34 -21.75 -36.11
CA ASP I 141 49.71 -22.01 -36.60
C ASP I 141 50.46 -20.70 -36.82
N THR I 142 51.43 -20.42 -35.93
CA THR I 142 52.25 -19.21 -36.02
C THR I 142 53.70 -19.55 -36.35
N ALA I 143 54.30 -20.45 -35.60
CA ALA I 143 55.68 -20.86 -35.83
C ALA I 143 55.71 -22.10 -36.71
N ILE I 144 56.58 -22.11 -37.72
CA ILE I 144 56.66 -23.21 -38.66
C ILE I 144 55.29 -23.41 -39.29
N ARG I 145 55.01 -22.67 -40.37
CA ARG I 145 53.74 -22.82 -41.08
C ARG I 145 54.00 -22.57 -42.55
N VAL I 146 54.26 -23.64 -43.29
CA VAL I 146 54.42 -23.56 -44.74
C VAL I 146 53.07 -23.80 -45.40
N PHE I 147 52.23 -22.77 -45.43
CA PHE I 147 50.91 -22.86 -46.04
C PHE I 147 50.54 -21.47 -46.57
N ALA I 148 49.26 -21.28 -46.86
CA ALA I 148 48.72 -19.96 -47.17
C ALA I 148 47.38 -19.83 -46.48
N ILE I 149 47.13 -18.66 -45.89
CA ILE I 149 45.91 -18.39 -45.15
C ILE I 149 45.34 -17.07 -45.63
N PRO I 150 44.03 -16.92 -45.77
CA PRO I 150 43.47 -15.64 -46.20
C PRO I 150 43.17 -14.76 -45.01
N PRO I 151 43.07 -13.44 -45.21
CA PRO I 151 42.63 -12.56 -44.13
C PRO I 151 41.19 -12.85 -43.72
N SER I 152 40.91 -12.66 -42.44
CA SER I 152 39.60 -12.98 -41.88
C SER I 152 38.64 -11.83 -42.15
N PHE I 153 37.39 -11.98 -41.70
CA PHE I 153 36.38 -10.96 -41.93
C PHE I 153 36.79 -9.60 -41.38
N ALA I 154 37.40 -9.56 -40.20
CA ALA I 154 37.86 -8.29 -39.65
C ALA I 154 38.93 -7.64 -40.52
N SER I 155 39.88 -8.44 -41.03
CA SER I 155 40.94 -7.87 -41.86
C SER I 155 40.38 -7.34 -43.17
N ILE I 156 39.55 -8.12 -43.86
CA ILE I 156 38.93 -7.63 -45.09
C ILE I 156 38.10 -6.40 -44.82
N PHE I 157 37.40 -6.36 -43.68
CA PHE I 157 36.56 -5.20 -43.37
C PHE I 157 37.40 -3.95 -43.14
N LEU I 158 38.43 -4.05 -42.29
CA LEU I 158 39.27 -2.90 -42.00
C LEU I 158 40.00 -2.42 -43.25
N THR I 159 40.68 -3.33 -43.94
CA THR I 159 41.38 -2.96 -45.16
C THR I 159 40.42 -2.72 -46.32
N LYS I 160 39.24 -3.35 -46.30
CA LYS I 160 38.24 -3.17 -47.34
C LYS I 160 38.74 -3.72 -48.68
N SER I 161 39.80 -4.51 -48.65
CA SER I 161 40.40 -5.06 -49.86
C SER I 161 40.84 -6.48 -49.57
N THR I 162 40.09 -7.45 -50.09
CA THR I 162 40.43 -8.85 -49.86
C THR I 162 41.83 -9.15 -50.39
N LYS I 163 42.61 -9.86 -49.57
CA LYS I 163 43.97 -10.23 -49.92
C LYS I 163 44.15 -11.71 -49.59
N LEU I 164 45.39 -12.17 -49.65
CA LEU I 164 45.71 -13.54 -49.26
C LEU I 164 47.21 -13.68 -49.10
N THR I 165 47.64 -14.25 -47.97
CA THR I 165 49.05 -14.39 -47.63
C THR I 165 49.47 -15.84 -47.70
N CYS I 166 50.73 -16.06 -48.09
CA CYS I 166 51.32 -17.39 -48.17
C CYS I 166 52.65 -17.34 -47.41
N LEU I 167 52.69 -18.03 -46.28
CA LEU I 167 53.89 -18.06 -45.45
C LEU I 167 54.60 -19.38 -45.63
N VAL I 168 55.89 -19.30 -45.97
CA VAL I 168 56.72 -20.49 -46.16
C VAL I 168 58.11 -20.19 -45.64
N THR I 169 58.50 -20.87 -44.56
CA THR I 169 59.79 -20.61 -43.93
C THR I 169 60.14 -21.70 -42.93
N ASP I 170 61.27 -21.52 -42.24
CA ASP I 170 61.76 -22.46 -41.23
C ASP I 170 62.13 -23.82 -41.81
N LEU I 171 62.27 -23.91 -43.14
CA LEU I 171 62.70 -25.12 -43.80
C LEU I 171 64.16 -25.08 -44.21
N THR I 172 64.62 -23.95 -44.74
CA THR I 172 66.02 -23.76 -45.09
C THR I 172 66.26 -22.27 -45.30
N THR I 173 67.53 -21.89 -45.35
CA THR I 173 67.89 -20.50 -45.60
C THR I 173 67.31 -20.05 -46.93
N TYR I 174 66.40 -19.07 -46.88
CA TYR I 174 65.73 -18.57 -48.08
C TYR I 174 66.23 -17.15 -48.36
N ASP I 175 67.09 -17.02 -49.37
CA ASP I 175 67.63 -15.73 -49.77
C ASP I 175 67.44 -15.56 -51.27
N SER I 176 66.89 -14.42 -51.67
CA SER I 176 66.65 -14.12 -53.08
C SER I 176 65.79 -15.19 -53.73
N VAL I 177 64.80 -15.69 -52.98
CA VAL I 177 63.92 -16.75 -53.45
C VAL I 177 62.70 -16.11 -54.11
N THR I 178 62.18 -16.79 -55.13
CA THR I 178 61.05 -16.27 -55.89
C THR I 178 59.73 -16.65 -55.21
N ILE I 179 58.69 -15.91 -55.58
CA ILE I 179 57.34 -16.15 -55.08
C ILE I 179 56.37 -15.93 -56.23
N SER I 180 55.38 -16.80 -56.36
CA SER I 180 54.37 -16.68 -57.40
C SER I 180 53.00 -16.94 -56.80
N TRP I 181 51.98 -16.40 -57.48
CA TRP I 181 50.58 -16.53 -57.05
C TRP I 181 49.77 -17.02 -58.24
N THR I 182 49.72 -18.34 -58.42
CA THR I 182 48.96 -18.95 -59.50
C THR I 182 47.50 -19.00 -59.08
N ARG I 183 46.67 -18.23 -59.78
CA ARG I 183 45.25 -18.17 -59.50
C ARG I 183 44.53 -19.18 -60.37
N GLN I 184 43.20 -19.25 -60.26
CA GLN I 184 42.43 -20.18 -61.09
C GLN I 184 42.66 -19.91 -62.57
N ASN I 185 42.64 -18.64 -62.96
CA ASN I 185 42.97 -18.27 -64.34
C ASN I 185 44.44 -18.50 -64.68
N GLY I 186 45.28 -18.76 -63.68
CA GLY I 186 46.69 -18.95 -63.91
C GLY I 186 47.38 -17.66 -64.28
N GLU I 187 47.31 -16.67 -63.39
CA GLU I 187 47.95 -15.39 -63.60
C GLU I 187 48.62 -14.95 -62.31
N ALA I 188 49.93 -14.79 -62.35
CA ALA I 188 50.66 -14.34 -61.17
C ALA I 188 50.19 -12.95 -60.75
N VAL I 189 50.14 -12.71 -59.45
CA VAL I 189 49.72 -11.42 -58.92
C VAL I 189 50.91 -10.50 -58.82
N LYS I 190 50.65 -9.21 -58.65
CA LYS I 190 51.69 -8.20 -58.59
C LYS I 190 51.49 -7.41 -57.29
N THR I 191 52.22 -6.30 -57.18
CA THR I 191 52.11 -5.42 -56.00
C THR I 191 52.56 -6.16 -54.74
N HIS I 192 53.82 -6.57 -54.75
CA HIS I 192 54.40 -7.33 -53.65
C HIS I 192 55.20 -6.39 -52.75
N THR I 193 54.95 -6.47 -51.45
CA THR I 193 55.51 -5.52 -50.50
C THR I 193 55.65 -6.19 -49.14
N ASN I 194 56.36 -5.51 -48.24
CA ASN I 194 56.56 -6.01 -46.88
C ASN I 194 57.35 -7.31 -46.89
N ILE I 195 58.56 -7.27 -47.45
CA ILE I 195 59.42 -8.44 -47.52
C ILE I 195 60.77 -8.08 -46.92
N SER I 196 61.24 -8.89 -45.97
CA SER I 196 62.50 -8.64 -45.29
C SER I 196 63.14 -9.98 -44.95
N GLU I 197 64.44 -9.94 -44.63
CA GLU I 197 65.21 -11.14 -44.36
C GLU I 197 65.94 -10.98 -43.03
N SER I 198 66.75 -11.98 -42.70
CA SER I 198 67.52 -11.99 -41.45
C SER I 198 66.59 -11.92 -40.24
N HIS I 199 65.70 -12.91 -40.16
CA HIS I 199 64.74 -12.96 -39.07
C HIS I 199 65.45 -13.25 -37.75
N PRO I 200 65.08 -12.58 -36.66
CA PRO I 200 65.75 -12.82 -35.37
C PRO I 200 65.54 -14.23 -34.83
N ASN I 201 64.55 -14.96 -35.31
CA ASN I 201 64.26 -16.31 -34.82
C ASN I 201 65.01 -17.39 -35.58
N ALA I 202 66.19 -17.08 -36.11
CA ALA I 202 67.00 -18.05 -36.82
C ALA I 202 66.26 -18.61 -38.03
N THR I 203 65.91 -17.75 -38.98
CA THR I 203 65.27 -18.19 -40.21
C THR I 203 65.27 -17.06 -41.23
N PHE I 204 64.60 -17.28 -42.36
CA PHE I 204 64.46 -16.27 -43.41
C PHE I 204 62.98 -16.13 -43.73
N SER I 205 62.48 -14.90 -43.67
CA SER I 205 61.07 -14.65 -43.91
C SER I 205 60.86 -14.14 -45.34
N ALA I 206 60.06 -14.88 -46.10
CA ALA I 206 59.77 -14.51 -47.48
C ALA I 206 58.29 -14.68 -47.77
N VAL I 207 57.44 -14.22 -46.86
CA VAL I 207 56.00 -14.39 -46.98
C VAL I 207 55.50 -13.61 -48.19
N GLY I 208 54.74 -14.29 -49.05
CA GLY I 208 54.15 -13.67 -50.20
C GLY I 208 52.72 -13.23 -49.93
N GLU I 209 52.22 -12.34 -50.77
CA GLU I 209 50.89 -11.77 -50.57
C GLU I 209 50.29 -11.40 -51.91
N ALA I 210 48.96 -11.37 -51.96
CA ALA I 210 48.21 -10.94 -53.13
C ALA I 210 47.06 -10.04 -52.70
N SER I 211 46.62 -9.19 -53.63
CA SER I 211 45.53 -8.26 -53.37
C SER I 211 44.58 -8.29 -54.57
N ILE I 212 43.34 -8.66 -54.32
CA ILE I 212 42.30 -8.74 -55.34
C ILE I 212 41.03 -8.13 -54.78
N CYS I 213 39.96 -8.17 -55.58
CA CYS I 213 38.65 -7.76 -55.13
C CYS I 213 37.79 -8.99 -54.82
N GLU I 214 36.65 -8.74 -54.18
CA GLU I 214 35.82 -9.81 -53.67
C GLU I 214 34.96 -10.47 -54.74
N ASP I 215 34.95 -9.92 -55.96
CA ASP I 215 34.16 -10.54 -57.03
C ASP I 215 34.56 -11.99 -57.24
N ASP I 216 35.85 -12.30 -57.15
CA ASP I 216 36.35 -13.65 -57.35
C ASP I 216 36.66 -14.38 -56.06
N TRP I 217 37.02 -13.66 -54.99
CA TRP I 217 37.35 -14.33 -53.73
C TRP I 217 36.15 -15.10 -53.19
N ASN I 218 34.96 -14.47 -53.21
CA ASN I 218 33.75 -15.18 -52.83
C ASN I 218 33.35 -16.25 -53.84
N SER I 219 33.80 -16.13 -55.09
CA SER I 219 33.44 -17.13 -56.09
C SER I 219 33.92 -18.53 -55.69
N GLY I 220 34.97 -18.61 -54.87
CA GLY I 220 35.46 -19.88 -54.39
C GLY I 220 36.44 -20.54 -55.33
N GLU I 221 37.52 -19.84 -55.66
CA GLU I 221 38.56 -20.36 -56.53
C GLU I 221 39.52 -21.22 -55.71
N ARG I 222 40.64 -21.63 -56.29
CA ARG I 222 41.69 -22.33 -55.54
C ARG I 222 43.01 -21.61 -55.80
N PHE I 223 43.23 -20.53 -55.05
CA PHE I 223 44.45 -19.76 -55.23
C PHE I 223 45.64 -20.53 -54.64
N THR I 224 46.75 -20.52 -55.39
CA THR I 224 47.93 -21.27 -55.01
C THR I 224 49.13 -20.34 -55.02
N CYS I 225 50.08 -20.61 -54.13
CA CYS I 225 51.34 -19.86 -54.07
C CYS I 225 52.47 -20.85 -54.31
N THR I 226 53.35 -20.55 -55.26
CA THR I 226 54.45 -21.44 -55.57
C THR I 226 55.79 -20.75 -55.31
N VAL I 227 56.69 -21.48 -54.67
CA VAL I 227 58.04 -21.02 -54.36
C VAL I 227 59.01 -22.11 -54.77
N THR I 228 59.93 -21.79 -55.68
CA THR I 228 60.99 -22.70 -56.08
C THR I 228 62.28 -22.24 -55.42
N HIS I 229 62.89 -23.12 -54.63
CA HIS I 229 64.09 -22.80 -53.88
C HIS I 229 65.29 -23.56 -54.43
N THR I 230 66.48 -23.07 -54.09
CA THR I 230 67.71 -23.69 -54.57
C THR I 230 67.83 -25.13 -54.10
N ASP I 231 67.70 -25.35 -52.78
CA ASP I 231 67.77 -26.71 -52.27
C ASP I 231 66.59 -27.56 -52.71
N LEU I 232 65.51 -26.92 -53.19
CA LEU I 232 64.30 -27.62 -53.61
C LEU I 232 63.95 -27.12 -55.01
N PRO I 233 64.67 -27.58 -56.04
CA PRO I 233 64.32 -27.18 -57.41
C PRO I 233 62.90 -27.53 -57.78
N SER I 234 62.33 -28.55 -57.14
CA SER I 234 60.92 -28.87 -57.34
C SER I 234 60.06 -27.68 -56.88
N PRO I 235 58.94 -27.44 -57.55
CA PRO I 235 58.11 -26.29 -57.19
C PRO I 235 57.33 -26.56 -55.91
N LEU I 236 57.55 -25.71 -54.90
CA LEU I 236 56.86 -25.84 -53.61
C LEU I 236 55.55 -25.07 -53.71
N LYS I 237 54.49 -25.78 -54.04
CA LYS I 237 53.18 -25.17 -54.24
C LYS I 237 52.28 -25.41 -53.03
N GLN I 238 51.46 -24.39 -52.73
CA GLN I 238 50.51 -24.48 -51.63
C GLN I 238 49.19 -23.92 -52.15
N THR I 239 48.20 -24.79 -52.29
CA THR I 239 46.88 -24.37 -52.76
C THR I 239 45.94 -24.16 -51.59
N ILE I 240 45.07 -23.16 -51.73
CA ILE I 240 44.07 -22.83 -50.72
C ILE I 240 42.70 -22.78 -51.41
N SER I 241 41.66 -22.77 -50.58
CA SER I 241 40.30 -22.70 -51.07
C SER I 241 39.41 -22.17 -49.95
N ARG I 242 38.15 -21.94 -50.27
CA ARG I 242 37.17 -21.42 -49.34
C ARG I 242 35.95 -22.32 -49.29
N PRO I 243 35.24 -22.35 -48.17
CA PRO I 243 34.07 -23.23 -48.05
C PRO I 243 32.96 -22.76 -48.98
N LYS I 244 32.51 -23.66 -49.85
CA LYS I 244 31.47 -23.36 -50.83
C LYS I 244 30.08 -23.75 -50.32
N GLY I 245 29.97 -24.19 -49.08
CA GLY I 245 28.67 -24.51 -48.50
C GLY I 245 28.72 -24.60 -46.99
N VAL I 246 27.79 -23.91 -46.32
CA VAL I 246 27.71 -23.93 -44.86
C VAL I 246 26.41 -23.28 -44.43
N ALA I 247 25.84 -23.76 -43.33
CA ALA I 247 24.61 -23.16 -42.81
C ALA I 247 24.89 -21.74 -42.31
N LEU I 248 24.01 -20.82 -42.66
CA LEU I 248 24.12 -19.42 -42.26
C LEU I 248 22.89 -19.04 -41.44
N HIS I 249 23.12 -18.34 -40.33
CA HIS I 249 22.05 -17.88 -39.47
C HIS I 249 22.29 -16.44 -39.05
N ARG I 250 21.21 -15.69 -38.93
CA ARG I 250 21.28 -14.29 -38.55
C ARG I 250 21.91 -14.15 -37.17
N PRO I 251 22.83 -13.21 -36.97
CA PRO I 251 23.43 -13.03 -35.65
C PRO I 251 22.48 -12.30 -34.70
N ASP I 252 22.05 -13.04 -33.67
CA ASP I 252 21.13 -12.50 -32.67
C ASP I 252 21.97 -11.64 -31.73
N VAL I 253 21.84 -10.32 -31.88
CA VAL I 253 22.56 -9.37 -31.06
C VAL I 253 21.68 -8.90 -29.92
N TYR I 254 22.28 -8.71 -28.75
CA TYR I 254 21.58 -8.22 -27.57
C TYR I 254 22.57 -7.41 -26.76
N LEU I 255 22.27 -6.14 -26.55
CA LEU I 255 23.15 -5.22 -25.85
C LEU I 255 22.66 -5.09 -24.41
N LEU I 256 23.46 -5.57 -23.45
CA LEU I 256 23.02 -5.56 -22.06
C LEU I 256 23.64 -4.39 -21.32
N PRO I 257 22.88 -3.65 -20.51
CA PRO I 257 23.39 -2.43 -19.92
C PRO I 257 24.21 -2.74 -18.67
N PRO I 258 24.86 -1.74 -18.09
CA PRO I 258 25.63 -1.98 -16.87
C PRO I 258 24.74 -2.45 -15.73
N ALA I 259 25.30 -3.28 -14.87
CA ALA I 259 24.57 -3.79 -13.72
C ALA I 259 24.47 -2.71 -12.65
N ARG I 260 23.40 -2.78 -11.85
CA ARG I 260 23.19 -1.80 -10.80
C ARG I 260 24.36 -1.79 -9.83
N GLU I 261 24.81 -2.97 -9.40
CA GLU I 261 25.97 -3.08 -8.54
C GLU I 261 27.28 -2.72 -9.23
N GLN I 262 27.30 -2.66 -10.57
CA GLN I 262 28.50 -2.28 -11.30
C GLN I 262 28.81 -0.80 -11.17
N LEU I 263 27.79 0.05 -11.06
CA LEU I 263 27.99 1.49 -11.04
C LEU I 263 27.47 2.15 -9.76
N ASN I 264 26.77 1.40 -8.92
CA ASN I 264 26.30 1.97 -7.65
C ASN I 264 27.46 2.52 -6.84
N LEU I 265 28.64 1.94 -6.97
CA LEU I 265 29.82 2.34 -6.20
C LEU I 265 30.57 3.49 -6.84
N ARG I 266 29.98 4.16 -7.83
CA ARG I 266 30.62 5.28 -8.52
C ARG I 266 31.96 4.83 -9.13
N GLU I 267 31.84 3.85 -10.03
CA GLU I 267 33.02 3.27 -10.67
C GLU I 267 32.84 3.22 -12.19
N SER I 268 33.79 2.63 -12.88
CA SER I 268 33.73 2.52 -14.33
C SER I 268 32.70 1.47 -14.70
N ALA I 269 31.62 1.89 -15.35
CA ALA I 269 30.59 0.97 -15.79
C ALA I 269 31.11 0.14 -16.96
N THR I 270 30.40 -0.95 -17.25
CA THR I 270 30.80 -1.86 -18.32
C THR I 270 29.57 -2.20 -19.15
N ILE I 271 29.76 -2.27 -20.47
CA ILE I 271 28.67 -2.56 -21.40
C ILE I 271 29.06 -3.77 -22.21
N THR I 272 28.14 -4.73 -22.32
CA THR I 272 28.41 -6.01 -22.98
C THR I 272 27.48 -6.18 -24.19
N CYS I 273 28.08 -6.39 -25.36
CA CYS I 273 27.33 -6.63 -26.59
C CYS I 273 27.29 -8.13 -26.87
N LEU I 274 26.41 -8.84 -26.17
CA LEU I 274 26.30 -10.26 -26.39
C LEU I 274 25.78 -10.51 -27.80
N VAL I 275 26.35 -11.51 -28.46
CA VAL I 275 25.90 -11.91 -29.79
C VAL I 275 25.95 -13.42 -29.86
N THR I 276 24.84 -14.04 -30.28
CA THR I 276 24.72 -15.49 -30.22
C THR I 276 23.81 -15.97 -31.34
N GLY I 277 23.66 -17.29 -31.42
CA GLY I 277 22.78 -17.91 -32.37
C GLY I 277 23.15 -17.57 -33.80
N PHE I 278 24.43 -17.66 -34.14
CA PHE I 278 24.91 -17.21 -35.43
C PHE I 278 25.97 -18.17 -35.93
N SER I 279 26.17 -18.17 -37.25
CA SER I 279 27.19 -18.97 -37.89
C SER I 279 27.24 -18.60 -39.36
N PRO I 280 28.37 -18.81 -40.04
CA PRO I 280 29.64 -19.34 -39.53
C PRO I 280 30.35 -18.36 -38.60
N ALA I 281 31.57 -18.70 -38.20
CA ALA I 281 32.30 -17.96 -37.17
C ALA I 281 32.94 -16.70 -37.75
N ASP I 282 33.87 -16.11 -36.99
CA ASP I 282 34.58 -14.92 -37.42
C ASP I 282 33.61 -13.77 -37.62
N VAL I 283 32.99 -13.33 -36.53
CA VAL I 283 32.15 -12.13 -36.53
C VAL I 283 32.96 -11.00 -35.92
N PHE I 284 33.04 -9.88 -36.62
CA PHE I 284 33.85 -8.75 -36.18
C PHE I 284 32.95 -7.77 -35.44
N VAL I 285 33.33 -7.42 -34.22
CA VAL I 285 32.54 -6.51 -33.39
C VAL I 285 33.37 -5.27 -33.12
N GLN I 286 32.76 -4.10 -33.31
CA GLN I 286 33.44 -2.86 -32.97
C GLN I 286 32.44 -1.86 -32.43
N TRP I 287 32.85 -1.13 -31.40
CA TRP I 287 31.96 -0.20 -30.73
C TRP I 287 32.01 1.17 -31.41
N MET I 288 30.88 1.86 -31.40
CA MET I 288 30.70 3.12 -32.09
C MET I 288 29.94 4.05 -31.15
N GLN I 289 30.49 5.24 -30.91
CA GLN I 289 29.82 6.23 -30.10
C GLN I 289 29.55 7.47 -30.94
N ARG I 290 28.40 8.10 -30.70
CA ARG I 290 28.02 9.28 -31.45
C ARG I 290 28.02 8.95 -32.94
N GLY I 291 29.16 9.13 -33.59
CA GLY I 291 29.26 8.80 -35.01
C GLY I 291 30.62 8.24 -35.43
N GLN I 292 31.45 7.84 -34.48
CA GLN I 292 32.79 7.35 -34.79
C GLN I 292 33.04 6.06 -34.04
N PRO I 293 33.93 5.20 -34.54
CA PRO I 293 34.24 3.95 -33.86
C PRO I 293 35.25 4.16 -32.75
N LEU I 294 35.52 3.07 -32.02
CA LEU I 294 36.49 3.08 -30.94
C LEU I 294 37.41 1.88 -31.11
N SER I 295 38.71 2.12 -30.95
CA SER I 295 39.71 1.08 -31.13
C SER I 295 39.77 0.18 -29.89
N PRO I 296 40.36 -1.00 -30.03
CA PRO I 296 40.44 -1.93 -28.88
C PRO I 296 41.18 -1.35 -27.69
N GLU I 297 41.88 -0.23 -27.84
CA GLU I 297 42.49 0.42 -26.70
C GLU I 297 41.48 0.66 -25.58
N LYS I 298 40.20 0.83 -25.93
CA LYS I 298 39.16 1.10 -24.96
C LYS I 298 38.25 -0.09 -24.69
N TYR I 299 38.08 -0.99 -25.66
CA TYR I 299 37.18 -2.12 -25.52
C TYR I 299 37.94 -3.41 -25.79
N VAL I 300 37.28 -4.53 -25.52
CA VAL I 300 37.85 -5.85 -25.76
C VAL I 300 36.76 -6.75 -26.30
N THR I 301 37.16 -7.79 -27.02
CA THR I 301 36.23 -8.76 -27.58
C THR I 301 36.75 -10.17 -27.36
N SER I 302 35.83 -11.13 -27.36
CA SER I 302 36.16 -12.54 -27.29
C SER I 302 36.13 -13.15 -28.68
N ALA I 303 36.59 -14.37 -28.76
CA ALA I 303 36.44 -15.15 -29.98
C ALA I 303 35.17 -15.98 -29.89
N PRO I 304 34.74 -16.59 -30.99
CA PRO I 304 33.56 -17.46 -30.92
C PRO I 304 33.82 -18.69 -30.06
N MET I 305 32.77 -19.10 -29.34
CA MET I 305 32.73 -20.39 -28.68
C MET I 305 31.48 -21.10 -29.16
N PRO I 306 31.47 -22.42 -29.20
CA PRO I 306 30.26 -23.14 -29.61
C PRO I 306 29.13 -22.93 -28.62
N GLU I 307 27.90 -22.95 -29.14
CA GLU I 307 26.74 -22.76 -28.29
C GLU I 307 26.52 -23.99 -27.41
N PRO I 308 25.98 -23.79 -26.20
CA PRO I 308 25.77 -24.93 -25.31
C PRO I 308 24.58 -25.79 -25.73
N GLN I 309 23.49 -25.14 -26.15
CA GLN I 309 22.27 -25.85 -26.51
C GLN I 309 21.85 -25.53 -27.94
N ALA I 310 22.84 -25.34 -28.82
CA ALA I 310 22.55 -25.06 -30.22
C ALA I 310 23.69 -25.56 -31.10
N PRO I 311 23.67 -26.83 -31.48
CA PRO I 311 24.75 -27.37 -32.33
C PRO I 311 24.85 -26.60 -33.63
N GLY I 312 26.08 -26.37 -34.09
CA GLY I 312 26.34 -25.64 -35.30
C GLY I 312 26.18 -24.14 -35.16
N ARG I 313 25.89 -23.65 -33.96
CA ARG I 313 25.72 -22.22 -33.71
C ARG I 313 26.76 -21.76 -32.70
N TYR I 314 27.33 -20.59 -32.95
CA TYR I 314 28.36 -20.02 -32.09
C TYR I 314 27.84 -18.72 -31.47
N PHE I 315 28.64 -18.19 -30.54
CA PHE I 315 28.34 -16.93 -29.89
C PHE I 315 29.67 -16.29 -29.50
N ALA I 316 29.63 -14.99 -29.22
CA ALA I 316 30.81 -14.24 -28.86
C ALA I 316 30.46 -13.29 -27.72
N HIS I 317 31.39 -12.40 -27.42
CA HIS I 317 31.18 -11.37 -26.41
C HIS I 317 32.04 -10.17 -26.75
N SER I 318 31.72 -9.04 -26.11
CA SER I 318 32.52 -7.84 -26.26
C SER I 318 32.15 -6.84 -25.19
N ILE I 319 33.15 -6.32 -24.48
CA ILE I 319 32.94 -5.38 -23.40
C ILE I 319 33.59 -4.04 -23.74
N LEU I 320 32.87 -2.97 -23.43
CA LEU I 320 33.39 -1.62 -23.49
C LEU I 320 33.28 -1.04 -22.09
N THR I 321 34.40 -0.57 -21.55
CA THR I 321 34.40 0.08 -20.25
C THR I 321 34.19 1.57 -20.40
N VAL I 322 33.62 2.19 -19.37
CA VAL I 322 33.29 3.61 -19.40
C VAL I 322 33.43 4.18 -18.01
N SER I 323 33.61 5.50 -17.94
CA SER I 323 33.62 6.18 -16.66
C SER I 323 32.21 6.26 -16.11
N GLU I 324 32.10 6.62 -14.84
CA GLU I 324 30.79 6.72 -14.21
C GLU I 324 30.02 7.91 -14.75
N GLU I 325 30.56 9.12 -14.57
CA GLU I 325 29.90 10.33 -15.06
C GLU I 325 29.65 10.27 -16.56
N GLU I 326 30.57 9.69 -17.33
CA GLU I 326 30.35 9.58 -18.76
C GLU I 326 29.09 8.80 -19.08
N TRP I 327 28.90 7.64 -18.45
CA TRP I 327 27.68 6.88 -18.64
C TRP I 327 26.45 7.62 -18.10
N ASN I 328 26.60 8.29 -16.95
CA ASN I 328 25.47 8.96 -16.34
C ASN I 328 24.91 10.09 -17.19
N THR I 329 25.70 10.62 -18.13
CA THR I 329 25.21 11.64 -19.05
C THR I 329 24.45 11.05 -20.23
N GLY I 330 24.08 9.77 -20.17
CA GLY I 330 23.34 9.13 -21.23
C GLY I 330 24.23 8.74 -22.40
N GLU I 331 24.68 9.73 -23.17
CA GLU I 331 25.57 9.48 -24.30
C GLU I 331 24.96 8.48 -25.26
N THR I 332 25.77 7.97 -26.19
CA THR I 332 25.30 7.02 -27.20
C THR I 332 26.41 6.01 -27.47
N TYR I 333 26.09 4.72 -27.30
CA TYR I 333 27.02 3.64 -27.57
C TYR I 333 26.29 2.55 -28.34
N THR I 334 26.96 1.98 -29.34
CA THR I 334 26.35 0.99 -30.22
C THR I 334 27.42 0.00 -30.67
N CYS I 335 27.15 -1.28 -30.50
CA CYS I 335 28.06 -2.32 -30.97
C CYS I 335 27.67 -2.74 -32.38
N VAL I 336 28.63 -2.68 -33.31
CA VAL I 336 28.41 -3.01 -34.70
C VAL I 336 28.96 -4.41 -34.95
N VAL I 337 28.12 -5.25 -35.54
CA VAL I 337 28.39 -6.69 -35.70
C VAL I 337 28.50 -6.97 -37.18
N ALA I 338 29.71 -6.95 -37.70
CA ALA I 338 29.99 -7.33 -39.08
C ALA I 338 30.01 -8.85 -39.18
N HIS I 339 29.05 -9.40 -39.93
CA HIS I 339 28.96 -10.83 -40.16
C HIS I 339 28.37 -11.05 -41.55
N GLU I 340 28.88 -12.07 -42.24
CA GLU I 340 28.38 -12.38 -43.57
C GLU I 340 26.90 -12.77 -43.56
N ALA I 341 26.48 -13.58 -42.59
CA ALA I 341 25.11 -14.10 -42.56
C ALA I 341 24.18 -13.03 -41.98
N LEU I 342 24.11 -11.91 -42.68
CA LEU I 342 23.25 -10.80 -42.32
C LEU I 342 22.49 -10.35 -43.56
N PRO I 343 21.34 -9.70 -43.38
CA PRO I 343 20.58 -9.24 -44.56
C PRO I 343 21.40 -8.32 -45.44
N ASN I 344 22.24 -7.48 -44.85
CA ASN I 344 23.11 -6.57 -45.59
C ASN I 344 24.56 -6.69 -45.11
N ARG I 345 24.91 -7.76 -44.42
CA ARG I 345 26.25 -8.05 -43.94
C ARG I 345 26.67 -7.18 -42.77
N VAL I 346 25.85 -6.22 -42.34
CA VAL I 346 26.17 -5.35 -41.22
C VAL I 346 24.89 -5.04 -40.47
N THR I 347 25.00 -4.96 -39.15
CA THR I 347 23.88 -4.57 -38.29
C THR I 347 24.40 -3.65 -37.20
N GLU I 348 23.56 -3.40 -36.20
CA GLU I 348 23.91 -2.48 -35.13
C GLU I 348 22.81 -2.53 -34.08
N ARG I 349 23.13 -2.04 -32.89
CA ARG I 349 22.15 -1.95 -31.82
C ARG I 349 22.58 -0.88 -30.83
N THR I 350 21.61 -0.37 -30.08
CA THR I 350 21.84 0.71 -29.13
C THR I 350 20.97 0.47 -27.91
N VAL I 351 21.56 0.64 -26.73
CA VAL I 351 20.82 0.58 -25.47
C VAL I 351 21.54 1.51 -24.49
N ASP I 352 20.82 2.50 -23.99
CA ASP I 352 21.33 3.44 -22.99
C ASP I 352 20.29 3.57 -21.87
N LYS I 353 20.63 4.38 -20.87
CA LYS I 353 19.82 4.42 -19.65
C LYS I 353 18.35 4.67 -19.96
N SER I 354 18.06 5.50 -20.96
CA SER I 354 16.66 5.80 -21.27
C SER I 354 15.89 4.54 -21.65
N THR I 355 16.58 3.52 -22.18
CA THR I 355 15.89 2.33 -22.65
C THR I 355 15.10 1.66 -21.54
N GLY I 356 15.72 1.42 -20.39
CA GLY I 356 15.04 0.73 -19.31
C GLY I 356 14.30 1.69 -18.39
N LYS I 357 13.31 2.38 -18.94
CA LYS I 357 12.52 3.36 -18.19
C LYS I 357 11.05 3.04 -18.36
N PRO I 358 10.54 2.06 -17.61
CA PRO I 358 9.12 1.71 -17.74
C PRO I 358 8.21 2.85 -17.31
N THR I 359 6.94 2.79 -17.72
CA THR I 359 5.99 3.85 -17.40
C THR I 359 5.93 4.07 -15.89
N LEU I 360 5.99 5.32 -15.46
CA LEU I 360 6.02 5.66 -14.05
C LEU I 360 4.73 6.34 -13.62
N TYR I 361 4.33 6.07 -12.38
CA TYR I 361 3.15 6.69 -11.79
C TYR I 361 3.51 7.31 -10.45
N ASN I 362 2.82 8.39 -10.11
CA ASN I 362 2.95 9.02 -8.80
C ASN I 362 1.54 9.39 -8.34
N VAL I 363 0.89 8.46 -7.67
CA VAL I 363 -0.45 8.69 -7.15
C VAL I 363 -0.34 9.54 -5.90
N SER I 364 -1.45 10.18 -5.53
CA SER I 364 -1.54 10.97 -4.29
C SER I 364 -3.00 11.00 -3.87
N LEU I 365 -3.34 10.16 -2.90
CA LEU I 365 -4.69 10.19 -2.33
C LEU I 365 -4.73 11.21 -1.20
N VAL I 366 -5.73 12.09 -1.25
CA VAL I 366 -5.92 13.12 -0.23
C VAL I 366 -7.38 13.10 0.20
N MET I 367 -7.61 13.11 1.51
CA MET I 367 -8.96 13.05 2.05
C MET I 367 -9.03 13.73 3.41
N ASP J 141 17.81 19.44 -73.55
CA ASP J 141 16.57 19.82 -74.28
C ASP J 141 16.79 19.84 -75.79
N THR J 142 18.06 19.95 -76.19
CA THR J 142 18.42 19.98 -77.61
C THR J 142 19.16 18.68 -77.93
N ALA J 143 18.40 17.68 -78.37
CA ALA J 143 18.96 16.39 -78.77
C ALA J 143 19.70 15.71 -77.62
N ILE J 144 20.38 14.61 -77.92
CA ILE J 144 21.11 13.80 -76.94
C ILE J 144 20.36 13.76 -75.61
N ARG J 145 19.05 13.50 -75.68
CA ARG J 145 18.23 13.41 -74.49
C ARG J 145 18.37 12.02 -73.85
N VAL J 146 18.52 12.00 -72.53
CA VAL J 146 18.63 10.77 -71.77
C VAL J 146 17.38 10.63 -70.91
N PHE J 147 16.63 9.55 -71.12
CA PHE J 147 15.42 9.33 -70.34
C PHE J 147 15.79 9.03 -68.89
N ALA J 148 14.80 9.21 -68.01
CA ALA J 148 15.01 8.95 -66.60
C ALA J 148 15.44 7.50 -66.38
N ILE J 149 16.43 7.31 -65.52
CA ILE J 149 16.96 5.98 -65.22
C ILE J 149 17.16 5.87 -63.72
N PRO J 150 17.26 4.66 -63.17
CA PRO J 150 17.58 4.49 -61.74
C PRO J 150 19.06 4.32 -61.50
N PRO J 151 19.84 5.40 -61.47
CA PRO J 151 21.27 5.27 -61.14
C PRO J 151 21.57 4.97 -59.68
N SER J 152 20.55 4.70 -58.86
CA SER J 152 20.73 4.59 -57.43
C SER J 152 21.61 3.39 -57.08
N PHE J 153 22.13 3.41 -55.85
CA PHE J 153 22.96 2.32 -55.36
C PHE J 153 22.25 0.98 -55.34
N ALA J 154 20.93 0.97 -55.12
CA ALA J 154 20.20 -0.29 -55.07
C ALA J 154 20.36 -1.09 -56.34
N SER J 155 20.65 -0.42 -57.47
CA SER J 155 20.92 -1.13 -58.71
C SER J 155 21.93 -2.25 -58.52
N ILE J 156 22.90 -2.07 -57.63
CA ILE J 156 23.87 -3.10 -57.31
C ILE J 156 23.74 -3.59 -55.87
N PHE J 157 23.02 -2.87 -55.01
CA PHE J 157 22.94 -3.24 -53.61
C PHE J 157 21.88 -4.29 -53.33
N LEU J 158 20.80 -4.35 -54.12
CA LEU J 158 19.78 -5.37 -53.89
C LEU J 158 20.30 -6.76 -54.25
N THR J 159 20.94 -6.89 -55.42
CA THR J 159 21.44 -8.17 -55.88
C THR J 159 22.94 -8.35 -55.66
N LYS J 160 23.66 -7.30 -55.30
CA LYS J 160 25.10 -7.38 -55.02
C LYS J 160 25.86 -7.81 -56.27
N SER J 161 25.61 -7.13 -57.37
CA SER J 161 26.26 -7.46 -58.64
C SER J 161 26.55 -6.18 -59.40
N THR J 162 27.80 -6.01 -59.83
CA THR J 162 28.17 -4.89 -60.68
C THR J 162 27.39 -4.96 -61.99
N LYS J 163 26.80 -3.83 -62.38
CA LYS J 163 26.06 -3.74 -63.62
C LYS J 163 26.51 -2.50 -64.37
N LEU J 164 26.90 -2.66 -65.63
CA LEU J 164 27.37 -1.58 -66.47
C LEU J 164 26.55 -1.55 -67.75
N THR J 165 25.83 -0.46 -67.98
CA THR J 165 25.05 -0.29 -69.19
C THR J 165 24.95 1.20 -69.50
N CYS J 166 25.10 1.54 -70.78
CA CYS J 166 25.04 2.93 -71.22
C CYS J 166 24.42 2.99 -72.61
N LEU J 167 23.46 3.90 -72.79
CA LEU J 167 22.77 4.04 -74.06
C LEU J 167 22.15 5.42 -74.13
N VAL J 168 21.80 5.83 -75.35
CA VAL J 168 21.16 7.11 -75.60
C VAL J 168 19.79 6.86 -76.22
N THR J 169 18.82 7.67 -75.80
CA THR J 169 17.44 7.50 -76.27
C THR J 169 17.37 7.76 -77.77
N ASP J 170 16.58 6.94 -78.47
CA ASP J 170 16.36 7.11 -79.90
C ASP J 170 17.67 7.13 -80.66
N LEU J 171 18.43 6.04 -80.57
CA LEU J 171 19.71 5.95 -81.26
C LEU J 171 19.49 5.76 -82.76
N THR J 172 20.51 6.15 -83.53
CA THR J 172 20.43 6.03 -84.98
C THR J 172 20.22 4.58 -85.37
N THR J 173 19.36 4.36 -86.36
CA THR J 173 19.03 3.01 -86.80
C THR J 173 20.17 2.43 -87.62
N TYR J 174 20.84 1.40 -87.07
CA TYR J 174 21.95 0.76 -87.76
C TYR J 174 22.04 -0.69 -87.28
N ASP J 175 22.70 -1.50 -88.10
CA ASP J 175 22.88 -2.91 -87.78
C ASP J 175 24.06 -3.07 -86.82
N SER J 176 23.81 -3.70 -85.67
CA SER J 176 24.85 -3.92 -84.67
C SER J 176 25.39 -2.60 -84.14
N VAL J 177 26.37 -2.66 -83.26
CA VAL J 177 26.98 -1.48 -82.67
C VAL J 177 28.44 -1.78 -82.38
N THR J 178 29.29 -0.75 -82.47
CA THR J 178 30.72 -0.89 -82.22
C THR J 178 30.97 -0.85 -80.72
N ILE J 179 30.78 -2.01 -80.09
CA ILE J 179 31.02 -2.13 -78.66
C ILE J 179 32.49 -1.87 -78.37
N SER J 180 32.76 -1.14 -77.29
CA SER J 180 34.13 -0.87 -76.88
C SER J 180 34.13 -0.48 -75.41
N TRP J 181 34.77 -1.29 -74.58
CA TRP J 181 34.86 -1.04 -73.14
C TRP J 181 36.33 -1.12 -72.73
N THR J 182 36.83 -0.01 -72.19
CA THR J 182 38.20 0.04 -71.70
C THR J 182 38.26 0.98 -70.51
N ARG J 183 39.22 0.75 -69.63
CA ARG J 183 39.40 1.61 -68.48
C ARG J 183 40.23 2.84 -68.85
N GLN J 184 40.15 3.86 -68.01
CA GLN J 184 40.89 5.09 -68.24
C GLN J 184 42.39 4.90 -68.11
N ASN J 185 42.83 3.83 -67.46
CA ASN J 185 44.26 3.53 -67.37
C ASN J 185 44.84 3.29 -68.75
N GLY J 186 44.11 2.57 -69.60
CA GLY J 186 44.57 2.29 -70.96
C GLY J 186 44.25 0.87 -71.39
N GLU J 187 44.25 -0.05 -70.44
CA GLU J 187 43.95 -1.45 -70.74
C GLU J 187 42.47 -1.63 -71.00
N ALA J 188 42.15 -2.45 -71.99
CA ALA J 188 40.76 -2.73 -72.31
C ALA J 188 40.14 -3.59 -71.20
N VAL J 189 38.82 -3.69 -71.21
CA VAL J 189 38.07 -4.50 -70.25
C VAL J 189 37.04 -5.30 -71.00
N LYS J 190 36.58 -6.38 -70.38
CA LYS J 190 35.57 -7.23 -71.00
C LYS J 190 34.35 -6.39 -71.34
N THR J 191 33.88 -6.53 -72.59
CA THR J 191 32.73 -5.77 -73.03
C THR J 191 31.44 -6.39 -72.51
N HIS J 192 30.38 -5.59 -72.49
CA HIS J 192 29.08 -6.06 -72.06
C HIS J 192 28.57 -7.14 -73.01
N THR J 193 27.44 -7.74 -72.65
CA THR J 193 26.83 -8.79 -73.45
C THR J 193 25.35 -8.86 -73.11
N ASN J 194 24.70 -9.93 -73.56
CA ASN J 194 23.27 -10.15 -73.31
C ASN J 194 22.45 -8.99 -73.88
N ILE J 195 22.54 -8.84 -75.20
CA ILE J 195 21.82 -7.79 -75.90
C ILE J 195 20.37 -8.24 -76.07
N SER J 196 19.45 -7.51 -75.43
CA SER J 196 18.03 -7.81 -75.51
C SER J 196 17.43 -6.99 -76.64
N GLU J 197 17.13 -7.65 -77.76
CA GLU J 197 16.57 -6.98 -78.94
C GLU J 197 15.07 -6.79 -78.72
N SER J 198 14.75 -5.77 -77.94
CA SER J 198 13.35 -5.44 -77.67
C SER J 198 13.22 -3.99 -77.20
N HIS J 199 12.56 -3.17 -78.00
CA HIS J 199 12.38 -1.76 -77.68
C HIS J 199 10.98 -1.36 -78.12
N PRO J 200 10.39 -0.33 -77.47
CA PRO J 200 9.06 0.12 -77.89
C PRO J 200 9.12 0.99 -79.12
N ASN J 201 10.21 1.77 -79.26
CA ASN J 201 10.39 2.64 -80.40
C ASN J 201 10.63 1.87 -81.70
N ALA J 202 10.90 0.56 -81.62
CA ALA J 202 11.19 -0.25 -82.80
C ALA J 202 12.43 0.27 -83.53
N THR J 203 13.35 0.88 -82.79
CA THR J 203 14.60 1.40 -83.34
C THR J 203 15.72 0.39 -83.06
N PHE J 204 16.38 -0.06 -84.12
CA PHE J 204 17.44 -1.05 -83.95
C PHE J 204 18.55 -0.49 -83.08
N SER J 205 18.68 -1.03 -81.88
CA SER J 205 19.69 -0.58 -80.93
C SER J 205 20.17 -1.80 -80.15
N ALA J 206 21.03 -1.57 -79.15
CA ALA J 206 21.56 -2.64 -78.33
C ALA J 206 21.67 -2.15 -76.90
N VAL J 207 21.44 -3.06 -75.95
CA VAL J 207 21.57 -2.75 -74.53
C VAL J 207 21.91 -4.04 -73.79
N GLY J 208 22.84 -3.95 -72.88
CA GLY J 208 23.28 -5.11 -72.12
C GLY J 208 23.84 -4.71 -70.78
N GLU J 209 24.60 -5.61 -70.17
CA GLU J 209 25.18 -5.39 -68.86
C GLU J 209 26.60 -5.93 -68.83
N ALA J 210 27.43 -5.31 -68.00
CA ALA J 210 28.81 -5.75 -67.81
C ALA J 210 29.13 -5.71 -66.33
N SER J 211 29.71 -6.80 -65.84
CA SER J 211 30.12 -6.91 -64.44
C SER J 211 31.64 -6.82 -64.38
N ILE J 212 32.14 -5.91 -63.56
CA ILE J 212 33.57 -5.65 -63.44
C ILE J 212 33.96 -5.76 -61.98
N CYS J 213 35.28 -5.73 -61.75
CA CYS J 213 35.80 -5.79 -60.40
C CYS J 213 35.34 -4.57 -59.60
N GLU J 214 35.31 -4.72 -58.28
CA GLU J 214 34.84 -3.65 -57.42
C GLU J 214 35.95 -2.69 -57.01
N ASP J 215 37.16 -3.18 -56.79
CA ASP J 215 38.25 -2.30 -56.38
C ASP J 215 38.47 -1.18 -57.39
N ASP J 216 38.64 -1.55 -58.66
CA ASP J 216 38.93 -0.54 -59.68
C ASP J 216 37.75 0.41 -59.87
N TRP J 217 36.54 -0.11 -60.02
CA TRP J 217 35.37 0.72 -60.25
C TRP J 217 35.12 1.67 -59.09
N ASN J 218 35.26 1.17 -57.86
CA ASN J 218 35.10 1.96 -56.64
C ASN J 218 36.43 2.55 -56.17
N SER J 219 37.34 2.83 -57.10
CA SER J 219 38.65 3.39 -56.78
C SER J 219 38.63 4.92 -56.79
N GLY J 220 37.50 5.53 -56.52
CA GLY J 220 37.37 6.97 -56.64
C GLY J 220 37.34 7.43 -58.08
N GLU J 221 36.92 6.55 -58.99
CA GLU J 221 36.92 6.85 -60.42
C GLU J 221 35.50 6.76 -60.95
N ARG J 222 35.06 7.81 -61.63
CA ARG J 222 33.76 7.81 -62.28
C ARG J 222 33.87 7.02 -63.58
N PHE J 223 33.71 5.71 -63.48
CA PHE J 223 33.87 4.84 -64.65
C PHE J 223 32.89 5.25 -65.75
N THR J 224 33.40 5.39 -66.97
CA THR J 224 32.60 5.75 -68.13
C THR J 224 32.89 4.76 -69.25
N CYS J 225 31.84 4.24 -69.87
CA CYS J 225 32.01 3.32 -70.98
C CYS J 225 32.51 4.10 -72.22
N THR J 226 32.86 3.34 -73.25
CA THR J 226 33.40 3.93 -74.47
C THR J 226 32.80 3.26 -75.71
N VAL J 227 31.49 2.97 -75.65
CA VAL J 227 30.82 2.32 -76.77
C VAL J 227 30.64 3.32 -77.90
N THR J 228 31.06 2.93 -79.11
CA THR J 228 30.97 3.77 -80.29
C THR J 228 29.99 3.18 -81.30
N HIS J 229 29.76 3.91 -82.38
CA HIS J 229 28.85 3.53 -83.44
C HIS J 229 29.60 2.99 -84.64
N THR J 230 28.90 2.15 -85.43
CA THR J 230 29.47 1.60 -86.65
C THR J 230 29.57 2.65 -87.74
N ASP J 231 28.54 3.48 -87.91
CA ASP J 231 28.55 4.49 -88.96
C ASP J 231 29.63 5.55 -88.73
N LEU J 232 29.85 5.96 -87.48
CA LEU J 232 30.81 6.99 -87.17
C LEU J 232 31.29 6.79 -85.73
N PRO J 233 32.58 6.93 -85.45
CA PRO J 233 33.05 6.75 -84.06
C PRO J 233 32.49 7.82 -83.13
N SER J 234 31.61 7.40 -82.21
CA SER J 234 30.96 8.30 -81.25
C SER J 234 31.11 7.70 -79.85
N PRO J 235 32.23 7.93 -79.18
CA PRO J 235 32.42 7.37 -77.83
C PRO J 235 31.54 8.04 -76.79
N LEU J 236 30.51 7.34 -76.34
CA LEU J 236 29.60 7.86 -75.33
C LEU J 236 30.19 7.56 -73.96
N LYS J 237 30.92 8.52 -73.41
CA LYS J 237 31.52 8.38 -72.08
C LYS J 237 30.53 8.80 -71.00
N GLN J 238 29.39 8.09 -70.99
CA GLN J 238 28.34 8.37 -70.02
C GLN J 238 28.73 7.82 -68.65
N THR J 239 28.63 8.66 -67.63
CA THR J 239 29.08 8.30 -66.30
C THR J 239 28.05 7.46 -65.56
N ILE J 240 28.00 6.16 -65.86
CA ILE J 240 27.11 5.27 -65.12
C ILE J 240 27.62 5.06 -63.70
N SER J 241 28.89 5.38 -63.46
CA SER J 241 29.46 5.29 -62.12
C SER J 241 28.94 6.44 -61.25
N ARG J 242 28.87 6.19 -59.95
CA ARG J 242 28.42 7.20 -59.02
C ARG J 242 29.51 8.25 -58.80
N PRO J 243 29.14 9.46 -58.37
CA PRO J 243 30.14 10.52 -58.18
C PRO J 243 30.92 10.31 -56.89
N LYS J 244 32.17 9.90 -57.02
CA LYS J 244 33.05 9.65 -55.89
C LYS J 244 33.81 10.92 -55.53
N GLY J 245 33.89 11.19 -54.23
CA GLY J 245 34.59 12.38 -53.76
C GLY J 245 33.65 13.55 -53.60
N VAL J 246 34.06 14.70 -54.11
CA VAL J 246 33.27 15.93 -54.00
C VAL J 246 33.22 16.37 -52.55
N ALA J 247 32.45 15.65 -51.74
CA ALA J 247 32.35 15.93 -50.31
C ALA J 247 31.61 14.78 -49.64
N LEU J 248 32.14 14.34 -48.50
CA LEU J 248 31.54 13.25 -47.73
C LEU J 248 30.91 13.83 -46.48
N HIS J 249 29.71 13.35 -46.16
CA HIS J 249 29.06 13.76 -44.92
C HIS J 249 28.15 12.63 -44.45
N ARG J 250 28.10 12.47 -43.14
CA ARG J 250 27.23 11.48 -42.53
C ARG J 250 25.77 11.85 -42.81
N PRO J 251 24.98 10.96 -43.42
CA PRO J 251 23.55 11.28 -43.57
C PRO J 251 22.81 11.05 -42.27
N ASP J 252 22.47 12.13 -41.57
CA ASP J 252 21.79 12.01 -40.29
C ASP J 252 20.39 11.46 -40.54
N VAL J 253 20.04 10.40 -39.85
CA VAL J 253 18.75 9.76 -40.02
C VAL J 253 17.96 9.86 -38.73
N TYR J 254 16.72 10.33 -38.85
CA TYR J 254 15.80 10.38 -37.72
C TYR J 254 14.57 9.54 -38.09
N LEU J 255 14.11 8.73 -37.16
CA LEU J 255 12.99 7.82 -37.40
C LEU J 255 11.84 8.27 -36.51
N LEU J 256 10.83 8.92 -37.11
CA LEU J 256 9.75 9.53 -36.38
C LEU J 256 8.46 8.70 -36.49
N PRO J 257 7.69 8.63 -35.41
CA PRO J 257 6.52 7.75 -35.39
C PRO J 257 5.28 8.49 -35.85
N PRO J 258 4.20 7.76 -36.11
CA PRO J 258 2.97 8.40 -36.59
C PRO J 258 2.37 9.33 -35.54
N ALA J 259 1.59 10.29 -36.03
CA ALA J 259 0.95 11.26 -35.16
C ALA J 259 -0.13 10.60 -34.31
N ARG J 260 -0.48 11.26 -33.20
CA ARG J 260 -1.50 10.72 -32.31
C ARG J 260 -2.84 10.59 -33.04
N GLU J 261 -3.16 11.57 -33.88
CA GLU J 261 -4.43 11.53 -34.61
C GLU J 261 -4.51 10.30 -35.50
N GLN J 262 -3.43 9.96 -36.20
CA GLN J 262 -3.44 8.81 -37.07
C GLN J 262 -3.78 7.53 -36.32
N LEU J 263 -3.08 7.28 -35.21
CA LEU J 263 -3.37 6.08 -34.41
C LEU J 263 -4.76 6.12 -33.80
N ASN J 264 -5.18 7.26 -33.27
CA ASN J 264 -6.51 7.36 -32.68
C ASN J 264 -7.59 7.04 -33.71
N LEU J 265 -7.41 7.48 -34.95
CA LEU J 265 -8.38 7.17 -35.99
C LEU J 265 -8.54 5.66 -36.17
N ARG J 266 -7.51 4.89 -35.82
CA ARG J 266 -7.56 3.43 -35.82
C ARG J 266 -7.99 2.90 -37.20
N GLU J 267 -7.28 3.40 -38.21
CA GLU J 267 -7.50 2.95 -39.58
C GLU J 267 -6.17 2.51 -40.20
N SER J 268 -5.10 3.20 -39.85
CA SER J 268 -3.76 2.88 -40.33
C SER J 268 -2.78 3.79 -39.60
N ALA J 269 -1.50 3.64 -39.91
CA ALA J 269 -0.45 4.43 -39.30
C ALA J 269 0.73 4.50 -40.27
N THR J 270 1.46 5.61 -40.20
CA THR J 270 2.58 5.85 -41.10
C THR J 270 3.80 6.25 -40.29
N ILE J 271 4.91 5.56 -40.53
CA ILE J 271 6.19 5.87 -39.88
C ILE J 271 7.04 6.62 -40.89
N THR J 272 7.68 7.71 -40.43
CA THR J 272 8.48 8.57 -41.29
C THR J 272 9.96 8.36 -40.99
N CYS J 273 10.77 8.41 -42.03
CA CYS J 273 12.22 8.29 -41.93
C CYS J 273 12.84 9.46 -42.67
N LEU J 274 13.43 10.39 -41.93
CA LEU J 274 14.01 11.59 -42.51
C LEU J 274 15.52 11.42 -42.59
N VAL J 275 16.07 11.65 -43.78
CA VAL J 275 17.51 11.63 -43.99
C VAL J 275 17.93 13.04 -44.37
N THR J 276 18.92 13.58 -43.69
CA THR J 276 19.28 14.98 -43.86
C THR J 276 20.79 15.17 -43.75
N GLY J 277 21.28 16.24 -44.36
CA GLY J 277 22.65 16.67 -44.16
C GLY J 277 23.68 15.70 -44.65
N PHE J 278 23.80 15.53 -45.96
CA PHE J 278 24.75 14.58 -46.50
C PHE J 278 25.26 15.06 -47.86
N SER J 279 26.36 14.46 -48.28
CA SER J 279 26.93 14.69 -49.61
C SER J 279 27.87 13.54 -49.91
N PRO J 280 27.96 13.11 -51.18
CA PRO J 280 27.20 13.56 -52.34
C PRO J 280 25.79 12.99 -52.34
N ALA J 281 25.08 13.10 -53.45
CA ALA J 281 23.69 12.66 -53.54
C ALA J 281 23.61 11.15 -53.72
N ASP J 282 22.43 10.66 -54.12
CA ASP J 282 22.21 9.23 -54.31
C ASP J 282 22.43 8.47 -53.01
N VAL J 283 21.55 8.70 -52.04
CA VAL J 283 21.53 7.96 -50.79
C VAL J 283 20.33 7.03 -50.80
N PHE J 284 20.58 5.75 -50.61
CA PHE J 284 19.56 4.72 -50.71
C PHE J 284 18.97 4.45 -49.32
N VAL J 285 17.74 3.98 -49.27
CA VAL J 285 17.05 3.69 -48.02
C VAL J 285 16.19 2.45 -48.19
N GLN J 286 15.97 1.72 -47.09
CA GLN J 286 15.20 0.49 -47.10
C GLN J 286 14.58 0.28 -45.74
N TRP J 287 13.62 -0.65 -45.66
CA TRP J 287 12.94 -0.98 -44.43
C TRP J 287 13.07 -2.46 -44.12
N MET J 288 13.04 -2.77 -42.83
CA MET J 288 13.15 -4.14 -42.37
C MET J 288 12.32 -4.29 -41.09
N GLN J 289 11.87 -5.51 -40.82
CA GLN J 289 11.19 -5.84 -39.57
C GLN J 289 11.87 -7.07 -38.99
N ARG J 290 12.96 -6.85 -38.26
CA ARG J 290 13.70 -7.93 -37.63
C ARG J 290 14.12 -8.98 -38.67
N GLY J 291 14.89 -8.51 -39.66
CA GLY J 291 15.30 -9.38 -40.74
C GLY J 291 14.20 -9.73 -41.72
N GLN J 292 13.07 -9.05 -41.66
CA GLN J 292 11.94 -9.32 -42.54
C GLN J 292 11.79 -8.16 -43.52
N PRO J 293 12.53 -8.17 -44.63
CA PRO J 293 12.45 -7.03 -45.56
C PRO J 293 11.07 -6.91 -46.18
N LEU J 294 10.36 -5.83 -45.84
CA LEU J 294 9.01 -5.65 -46.35
C LEU J 294 9.05 -5.25 -47.81
N SER J 295 7.96 -5.55 -48.51
CA SER J 295 7.90 -5.32 -49.95
C SER J 295 8.07 -3.83 -50.25
N PRO J 296 8.69 -3.50 -51.39
CA PRO J 296 8.81 -2.08 -51.76
C PRO J 296 7.47 -1.39 -51.88
N GLU J 297 6.41 -2.13 -52.24
CA GLU J 297 5.08 -1.53 -52.28
C GLU J 297 4.66 -0.96 -50.94
N LYS J 298 5.08 -1.56 -49.83
CA LYS J 298 4.64 -1.10 -48.52
C LYS J 298 5.16 0.30 -48.23
N TYR J 299 6.46 0.51 -48.40
CA TYR J 299 7.06 1.80 -48.12
C TYR J 299 7.28 2.57 -49.43
N VAL J 300 7.81 3.78 -49.30
CA VAL J 300 8.16 4.58 -50.46
C VAL J 300 9.11 5.69 -50.04
N THR J 301 10.14 5.94 -50.85
CA THR J 301 11.14 6.95 -50.56
C THR J 301 11.18 7.97 -51.68
N SER J 302 11.34 9.24 -51.32
CA SER J 302 11.50 10.29 -52.30
C SER J 302 12.92 10.30 -52.83
N ALA J 303 13.05 10.66 -54.11
CA ALA J 303 14.36 10.85 -54.69
C ALA J 303 15.03 12.07 -54.05
N PRO J 304 16.36 12.11 -54.03
CA PRO J 304 17.04 13.19 -53.31
C PRO J 304 16.65 14.55 -53.85
N MET J 305 16.66 15.55 -52.97
CA MET J 305 16.43 16.93 -53.34
C MET J 305 17.45 17.81 -52.66
N PRO J 306 17.76 18.96 -53.24
CA PRO J 306 18.71 19.88 -52.60
C PRO J 306 18.11 20.52 -51.36
N GLU J 307 18.99 20.96 -50.47
CA GLU J 307 18.57 21.57 -49.23
C GLU J 307 18.54 23.10 -49.36
N PRO J 308 17.63 23.76 -48.63
CA PRO J 308 17.58 25.22 -48.71
C PRO J 308 18.80 25.91 -48.11
N GLN J 309 19.46 25.28 -47.14
CA GLN J 309 20.64 25.91 -46.54
C GLN J 309 21.75 26.09 -47.57
N ALA J 310 22.00 25.08 -48.40
CA ALA J 310 23.03 25.17 -49.42
C ALA J 310 22.88 24.00 -50.40
N PRO J 311 23.39 24.14 -51.64
CA PRO J 311 23.29 23.01 -52.58
C PRO J 311 24.00 21.76 -52.12
N GLY J 312 25.12 21.88 -51.41
CA GLY J 312 25.83 20.69 -50.96
C GLY J 312 24.98 19.79 -50.08
N ARG J 313 24.20 20.38 -49.19
CA ARG J 313 23.32 19.61 -48.32
C ARG J 313 22.12 19.12 -49.10
N TYR J 314 21.67 17.90 -48.78
CA TYR J 314 20.49 17.31 -49.38
C TYR J 314 19.56 16.80 -48.28
N PHE J 315 18.48 16.15 -48.70
CA PHE J 315 17.57 15.52 -47.75
C PHE J 315 16.54 14.72 -48.51
N ALA J 316 16.02 13.69 -47.84
CA ALA J 316 15.08 12.74 -48.44
C ALA J 316 14.18 12.19 -47.34
N HIS J 317 13.11 11.54 -47.75
CA HIS J 317 12.12 11.02 -46.83
C HIS J 317 11.69 9.63 -47.29
N SER J 318 11.31 8.81 -46.31
CA SER J 318 10.80 7.47 -46.60
C SER J 318 9.65 7.20 -45.66
N ILE J 319 8.48 6.90 -46.22
CA ILE J 319 7.28 6.65 -45.45
C ILE J 319 6.93 5.18 -45.53
N LEU J 320 6.39 4.64 -44.45
CA LEU J 320 5.97 3.24 -44.42
C LEU J 320 4.59 3.15 -43.77
N THR J 321 3.66 2.52 -44.46
CA THR J 321 2.33 2.29 -43.93
C THR J 321 2.29 0.98 -43.14
N VAL J 322 1.46 0.95 -42.10
CA VAL J 322 1.29 -0.26 -41.29
C VAL J 322 0.05 -0.10 -40.42
N SER J 323 -0.57 -1.22 -40.05
CA SER J 323 -1.73 -1.17 -39.18
C SER J 323 -1.32 -0.73 -37.77
N GLU J 324 -2.27 -0.09 -37.08
CA GLU J 324 -2.01 0.36 -35.71
C GLU J 324 -1.79 -0.79 -34.74
N GLU J 325 -2.48 -1.91 -34.94
CA GLU J 325 -2.38 -3.02 -34.00
C GLU J 325 -0.94 -3.44 -33.79
N GLU J 326 -0.18 -3.64 -34.87
CA GLU J 326 1.22 -3.98 -34.74
C GLU J 326 2.04 -2.85 -34.12
N TRP J 327 1.68 -1.59 -34.39
CA TRP J 327 2.43 -0.48 -33.83
C TRP J 327 2.26 -0.37 -32.32
N ASN J 328 1.24 -1.04 -31.75
CA ASN J 328 1.04 -0.98 -30.31
C ASN J 328 1.90 -2.02 -29.60
N THR J 329 1.73 -3.29 -29.94
CA THR J 329 2.52 -4.36 -29.33
C THR J 329 2.94 -5.39 -30.37
N GLY J 330 3.16 -4.94 -31.60
CA GLY J 330 3.54 -5.84 -32.68
C GLY J 330 5.03 -6.01 -32.81
N GLU J 331 5.57 -5.60 -33.95
CA GLU J 331 6.98 -5.80 -34.27
C GLU J 331 7.67 -4.44 -34.39
N THR J 332 9.00 -4.47 -34.35
CA THR J 332 9.83 -3.28 -34.46
C THR J 332 10.13 -3.00 -35.92
N TYR J 333 10.15 -1.72 -36.28
CA TYR J 333 10.38 -1.29 -37.65
C TYR J 333 11.71 -0.57 -37.74
N THR J 334 12.55 -0.99 -38.69
CA THR J 334 13.90 -0.48 -38.82
C THR J 334 14.08 0.14 -40.19
N CYS J 335 14.67 1.33 -40.21
CA CYS J 335 14.88 2.09 -41.43
C CYS J 335 16.37 2.16 -41.70
N VAL J 336 16.85 1.31 -42.61
CA VAL J 336 18.26 1.24 -42.94
C VAL J 336 18.57 2.25 -44.03
N VAL J 337 19.75 2.88 -43.91
CA VAL J 337 20.19 3.90 -44.85
C VAL J 337 21.57 3.52 -45.37
N ALA J 338 21.77 3.64 -46.68
CA ALA J 338 23.02 3.32 -47.34
C ALA J 338 23.53 4.56 -48.07
N HIS J 339 24.82 4.84 -47.91
CA HIS J 339 25.44 6.00 -48.51
C HIS J 339 26.94 5.75 -48.59
N GLU J 340 27.57 6.32 -49.63
CA GLU J 340 29.01 6.13 -49.80
C GLU J 340 29.79 6.79 -48.67
N ALA J 341 29.25 7.85 -48.07
CA ALA J 341 29.94 8.55 -46.99
C ALA J 341 29.50 7.96 -45.64
N LEU J 342 29.64 6.65 -45.53
CA LEU J 342 29.35 5.95 -44.30
C LEU J 342 30.47 4.96 -44.02
N PRO J 343 30.74 4.67 -42.75
CA PRO J 343 31.87 3.78 -42.42
C PRO J 343 31.65 2.36 -42.91
N ASN J 344 30.48 1.79 -42.59
CA ASN J 344 30.13 0.43 -42.98
C ASN J 344 29.26 0.41 -44.22
N ARG J 345 29.11 1.55 -44.89
CA ARG J 345 28.30 1.64 -46.10
C ARG J 345 26.81 1.52 -45.79
N VAL J 346 26.46 1.40 -44.51
CA VAL J 346 25.07 1.27 -44.12
C VAL J 346 24.93 1.50 -42.62
N THR J 347 23.80 2.09 -42.23
CA THR J 347 23.42 2.17 -40.83
C THR J 347 21.98 1.68 -40.65
N GLU J 348 21.45 1.80 -39.44
CA GLU J 348 20.11 1.29 -39.17
C GLU J 348 19.59 1.95 -37.91
N ARG J 349 18.28 2.18 -37.88
CA ARG J 349 17.62 2.79 -36.73
C ARG J 349 16.24 2.15 -36.57
N THR J 350 15.96 1.65 -35.37
CA THR J 350 14.74 0.91 -35.09
C THR J 350 13.79 1.75 -34.25
N VAL J 351 12.50 1.41 -34.32
CA VAL J 351 11.47 2.07 -33.53
C VAL J 351 10.35 1.09 -33.26
N ASP J 352 9.63 1.35 -32.17
CA ASP J 352 8.50 0.54 -31.75
C ASP J 352 7.57 1.43 -30.92
N LYS J 353 6.63 0.81 -30.20
CA LYS J 353 5.61 1.57 -29.48
C LYS J 353 6.23 2.51 -28.45
N SER J 354 7.23 2.05 -27.71
CA SER J 354 7.87 2.85 -26.68
C SER J 354 8.89 3.84 -27.25
N THR J 355 8.82 4.11 -28.55
CA THR J 355 9.80 5.00 -29.18
C THR J 355 9.77 6.40 -28.59
N GLY J 356 8.69 6.75 -27.89
CA GLY J 356 8.57 8.09 -27.35
C GLY J 356 9.37 8.24 -26.07
N LYS J 357 8.77 8.80 -25.03
CA LYS J 357 9.45 9.01 -23.76
C LYS J 357 8.58 8.46 -22.64
N PRO J 358 9.19 8.06 -21.53
CA PRO J 358 8.40 7.50 -20.42
C PRO J 358 7.54 8.58 -19.79
N THR J 359 6.24 8.28 -19.66
CA THR J 359 5.29 9.22 -19.09
C THR J 359 5.37 9.17 -17.57
N LEU J 360 5.36 10.33 -16.93
CA LEU J 360 5.44 10.44 -15.48
C LEU J 360 4.15 11.08 -14.97
N TYR J 361 3.14 10.25 -14.73
CA TYR J 361 1.87 10.75 -14.22
C TYR J 361 2.00 11.16 -12.77
N ASN J 362 1.31 12.23 -12.39
CA ASN J 362 1.20 12.67 -11.00
C ASN J 362 -0.28 12.88 -10.71
N VAL J 363 -0.96 11.79 -10.37
CA VAL J 363 -2.38 11.85 -10.09
C VAL J 363 -2.59 12.28 -8.64
N SER J 364 -3.58 13.16 -8.43
CA SER J 364 -3.88 13.68 -7.10
C SER J 364 -5.39 13.64 -6.93
N LEU J 365 -5.88 12.57 -6.30
CA LEU J 365 -7.31 12.35 -6.11
C LEU J 365 -7.76 13.07 -4.85
N VAL J 366 -7.83 14.40 -4.93
CA VAL J 366 -8.26 15.20 -3.80
C VAL J 366 -9.71 14.86 -3.48
N MET J 367 -9.98 14.61 -2.20
CA MET J 367 -11.28 14.19 -1.73
C MET J 367 -11.72 15.08 -0.57
N SER J 368 -13.01 15.05 -0.26
CA SER J 368 -13.56 15.84 0.81
C SER J 368 -12.97 15.42 2.16
N ASP K 141 1.55 15.91 -82.74
CA ASP K 141 2.74 16.75 -83.12
C ASP K 141 4.00 15.89 -83.17
N THR K 142 4.71 15.97 -84.28
CA THR K 142 5.94 15.19 -84.47
C THR K 142 7.14 16.10 -84.68
N ALA K 143 6.99 17.11 -85.54
CA ALA K 143 8.09 17.99 -85.89
C ALA K 143 7.93 19.35 -85.21
N ILE K 144 9.03 19.87 -84.66
CA ILE K 144 9.03 21.18 -84.02
C ILE K 144 8.10 21.14 -82.82
N ARG K 145 8.65 20.86 -81.64
CA ARG K 145 7.85 20.73 -80.44
C ARG K 145 7.28 22.08 -80.01
N VAL K 146 6.14 22.02 -79.32
CA VAL K 146 5.47 23.21 -78.81
C VAL K 146 5.22 23.01 -77.31
N PHE K 147 5.82 23.87 -76.50
CA PHE K 147 5.61 23.83 -75.06
C PHE K 147 4.23 24.41 -74.71
N ALA K 148 3.69 23.96 -73.59
CA ALA K 148 2.39 24.44 -73.12
C ALA K 148 2.39 24.29 -71.59
N ILE K 149 2.58 25.40 -70.90
CA ILE K 149 2.64 25.41 -69.44
C ILE K 149 1.43 26.15 -68.91
N PRO K 150 0.37 25.46 -68.50
CA PRO K 150 -0.83 26.14 -68.00
C PRO K 150 -0.59 26.73 -66.62
N PRO K 151 -1.49 27.59 -66.15
CA PRO K 151 -1.31 28.21 -64.83
C PRO K 151 -1.58 27.20 -63.72
N SER K 152 -0.65 27.12 -62.77
CA SER K 152 -0.79 26.22 -61.64
C SER K 152 -1.71 26.84 -60.59
N PHE K 153 -2.14 26.01 -59.64
CA PHE K 153 -2.99 26.49 -58.55
C PHE K 153 -2.31 27.56 -57.71
N ALA K 154 -0.98 27.57 -57.66
CA ALA K 154 -0.30 28.59 -56.85
C ALA K 154 -0.60 29.99 -57.37
N SER K 155 -0.45 30.19 -58.68
CA SER K 155 -0.76 31.49 -59.27
C SER K 155 -2.24 31.81 -59.16
N ILE K 156 -3.11 30.82 -59.32
CA ILE K 156 -4.54 31.04 -59.14
C ILE K 156 -4.83 31.53 -57.73
N PHE K 157 -4.12 31.00 -56.73
CA PHE K 157 -4.34 31.35 -55.33
C PHE K 157 -3.63 32.62 -54.93
N LEU K 158 -2.36 32.78 -55.30
CA LEU K 158 -1.59 33.95 -54.92
C LEU K 158 -1.68 35.04 -55.99
N THR K 159 -1.30 34.70 -57.23
CA THR K 159 -1.30 35.69 -58.30
C THR K 159 -2.71 35.99 -58.79
N LYS K 160 -3.60 35.00 -58.76
CA LYS K 160 -5.00 35.16 -59.19
C LYS K 160 -5.07 35.58 -60.65
N SER K 161 -4.48 34.74 -61.51
CA SER K 161 -4.56 34.95 -62.94
C SER K 161 -4.22 33.67 -63.70
N THR K 162 -5.18 33.12 -64.43
CA THR K 162 -4.97 31.90 -65.19
C THR K 162 -4.44 32.28 -66.58
N LYS K 163 -3.13 32.13 -66.77
CA LYS K 163 -2.46 32.44 -68.03
C LYS K 163 -1.95 31.14 -68.63
N LEU K 164 -2.43 30.79 -69.82
CA LEU K 164 -1.97 29.62 -70.54
C LEU K 164 -0.87 30.05 -71.51
N THR K 165 0.37 29.65 -71.21
CA THR K 165 1.52 30.03 -72.02
C THR K 165 1.89 28.88 -72.95
N CYS K 166 2.12 29.20 -74.22
CA CYS K 166 2.56 28.22 -75.20
C CYS K 166 3.59 28.87 -76.11
N LEU K 167 4.67 28.15 -76.38
CA LEU K 167 5.76 28.66 -77.20
C LEU K 167 6.29 27.54 -78.08
N VAL K 168 7.16 27.91 -79.02
CA VAL K 168 7.79 26.96 -79.92
C VAL K 168 9.29 27.13 -79.83
N THR K 169 10.01 26.01 -79.69
CA THR K 169 11.45 26.00 -79.55
C THR K 169 12.09 25.31 -80.75
N ASP K 170 13.41 25.46 -80.86
CA ASP K 170 14.18 24.86 -81.94
C ASP K 170 13.56 25.21 -83.29
N LEU K 171 13.30 26.51 -83.48
CA LEU K 171 12.71 27.01 -84.70
C LEU K 171 13.49 28.24 -85.15
N THR K 172 13.27 28.63 -86.40
CA THR K 172 13.93 29.80 -86.95
C THR K 172 13.35 31.07 -86.34
N THR K 173 14.09 32.17 -86.51
CA THR K 173 13.79 33.43 -85.84
C THR K 173 13.14 34.45 -86.76
N TYR K 174 12.71 34.06 -87.96
CA TYR K 174 12.11 35.04 -88.84
C TYR K 174 10.73 35.44 -88.33
N ASP K 175 10.06 36.31 -89.10
CA ASP K 175 8.74 36.82 -88.74
C ASP K 175 7.68 35.77 -89.07
N SER K 176 6.41 36.18 -88.99
CA SER K 176 5.25 35.32 -89.21
C SER K 176 5.02 34.34 -88.08
N VAL K 177 5.75 34.47 -86.97
CA VAL K 177 5.60 33.57 -85.83
C VAL K 177 4.51 34.18 -84.95
N THR K 178 3.27 33.77 -85.20
CA THR K 178 2.12 34.29 -84.48
C THR K 178 1.57 33.19 -83.59
N ILE K 179 1.46 33.48 -82.29
CA ILE K 179 0.92 32.55 -81.31
C ILE K 179 -0.46 33.06 -80.89
N SER K 180 -1.48 32.25 -81.09
CA SER K 180 -2.85 32.62 -80.79
C SER K 180 -3.48 31.54 -79.92
N TRP K 181 -4.56 31.92 -79.24
CA TRP K 181 -5.30 31.00 -78.38
C TRP K 181 -6.78 31.07 -78.73
N THR K 182 -7.44 29.92 -78.68
CA THR K 182 -8.87 29.85 -78.97
C THR K 182 -9.44 28.60 -78.32
N ARG K 183 -10.74 28.64 -78.06
CA ARG K 183 -11.41 27.46 -77.53
C ARG K 183 -11.68 26.46 -78.65
N GLN K 184 -11.65 25.17 -78.30
CA GLN K 184 -11.97 24.13 -79.26
C GLN K 184 -13.36 24.34 -79.86
N ASN K 185 -14.29 24.93 -79.10
CA ASN K 185 -15.62 25.20 -79.62
C ASN K 185 -15.57 26.17 -80.80
N GLY K 186 -14.68 27.16 -80.74
CA GLY K 186 -14.57 28.16 -81.78
C GLY K 186 -14.39 29.54 -81.20
N GLU K 187 -14.82 29.73 -79.95
CA GLU K 187 -14.65 31.00 -79.28
C GLU K 187 -13.18 31.29 -79.03
N ALA K 188 -12.81 32.56 -79.18
CA ALA K 188 -11.45 33.00 -78.94
C ALA K 188 -11.27 33.28 -77.45
N VAL K 189 -10.15 33.88 -77.08
CA VAL K 189 -9.83 34.21 -75.70
C VAL K 189 -9.37 35.67 -75.63
N LYS K 190 -9.20 36.16 -74.42
CA LYS K 190 -8.78 37.53 -74.20
C LYS K 190 -7.43 37.78 -74.86
N THR K 191 -7.05 39.06 -74.92
CA THR K 191 -5.79 39.44 -75.52
C THR K 191 -4.62 38.84 -74.74
N HIS K 192 -3.53 38.58 -75.45
CA HIS K 192 -2.34 38.02 -74.84
C HIS K 192 -1.59 39.13 -74.11
N THR K 193 -1.80 39.20 -72.80
CA THR K 193 -1.25 40.27 -71.98
C THR K 193 0.04 39.82 -71.30
N ASN K 194 0.92 40.78 -71.04
CA ASN K 194 2.21 40.52 -70.41
C ASN K 194 3.03 39.55 -71.24
N ILE K 195 3.29 39.95 -72.48
CA ILE K 195 4.08 39.13 -73.39
C ILE K 195 5.53 39.06 -72.92
N SER K 196 6.26 38.10 -73.48
CA SER K 196 7.68 37.93 -73.18
C SER K 196 8.49 38.71 -74.22
N GLU K 197 9.26 39.68 -73.75
CA GLU K 197 10.06 40.51 -74.66
C GLU K 197 11.29 39.74 -75.14
N SER K 198 12.15 39.34 -74.22
CA SER K 198 13.33 38.57 -74.58
C SER K 198 12.95 37.10 -74.83
N HIS K 199 13.84 36.39 -75.51
CA HIS K 199 13.63 34.99 -75.83
C HIS K 199 14.94 34.24 -75.59
N PRO K 200 14.87 32.93 -75.37
CA PRO K 200 16.12 32.16 -75.16
C PRO K 200 17.06 32.28 -76.35
N ASN K 201 16.54 32.04 -77.55
CA ASN K 201 17.32 32.11 -78.78
C ASN K 201 17.00 33.36 -79.59
N ALA K 202 16.50 34.41 -78.94
CA ALA K 202 16.13 35.65 -79.61
C ALA K 202 15.15 35.37 -80.76
N THR K 203 14.21 34.45 -80.52
CA THR K 203 13.21 34.10 -81.51
C THR K 203 12.20 35.24 -81.61
N PHE K 204 12.17 35.90 -82.77
CA PHE K 204 11.26 37.02 -82.98
C PHE K 204 9.83 36.54 -83.09
N SER K 205 9.11 36.55 -81.98
CA SER K 205 7.74 36.05 -81.94
C SER K 205 7.01 36.73 -80.79
N ALA K 206 5.81 36.24 -80.48
CA ALA K 206 5.02 36.79 -79.38
C ALA K 206 4.27 35.64 -78.73
N VAL K 207 4.66 35.30 -77.50
CA VAL K 207 4.00 34.20 -76.79
C VAL K 207 2.52 34.51 -76.64
N GLY K 208 1.71 33.46 -76.73
CA GLY K 208 0.27 33.58 -76.61
C GLY K 208 -0.18 33.21 -75.21
N GLU K 209 -1.02 34.07 -74.63
CA GLU K 209 -1.59 33.83 -73.31
C GLU K 209 -2.98 34.47 -73.26
N ALA K 210 -3.65 34.33 -72.12
CA ALA K 210 -4.97 34.90 -71.94
C ALA K 210 -5.21 35.12 -70.46
N SER K 211 -5.59 36.33 -70.09
CA SER K 211 -5.92 36.65 -68.69
C SER K 211 -7.34 36.24 -68.35
N ILE K 212 -7.70 34.98 -68.61
CA ILE K 212 -9.05 34.52 -68.32
C ILE K 212 -9.21 34.31 -66.82
N CYS K 213 -10.45 34.46 -66.35
CA CYS K 213 -10.76 34.27 -64.94
C CYS K 213 -10.70 32.77 -64.62
N GLU K 214 -10.75 32.45 -63.33
CA GLU K 214 -10.65 31.06 -62.89
C GLU K 214 -11.79 30.20 -63.39
N ASP K 215 -12.89 30.80 -63.84
CA ASP K 215 -14.03 30.01 -64.30
C ASP K 215 -13.64 29.08 -65.45
N ASP K 216 -12.66 29.48 -66.26
CA ASP K 216 -12.19 28.63 -67.35
C ASP K 216 -11.14 27.64 -66.88
N TRP K 217 -11.42 26.91 -65.79
CA TRP K 217 -10.47 25.92 -65.31
C TRP K 217 -11.12 24.70 -64.67
N ASN K 218 -12.45 24.60 -64.62
CA ASN K 218 -13.04 23.61 -63.73
C ASN K 218 -12.97 22.20 -64.29
N SER K 219 -13.79 21.88 -65.30
CA SER K 219 -13.66 20.62 -66.01
C SER K 219 -13.82 20.80 -67.51
N GLY K 220 -14.77 21.64 -67.90
CA GLY K 220 -15.23 21.71 -69.28
C GLY K 220 -14.88 23.00 -69.97
N GLU K 221 -13.65 23.48 -69.76
CA GLU K 221 -13.18 24.71 -70.40
C GLU K 221 -11.80 24.41 -70.98
N ARG K 222 -11.78 23.90 -72.21
CA ARG K 222 -10.54 23.55 -72.88
C ARG K 222 -10.01 24.74 -73.66
N PHE K 223 -8.78 24.57 -74.18
CA PHE K 223 -8.11 25.64 -74.91
C PHE K 223 -7.27 25.03 -76.01
N THR K 224 -6.82 25.87 -76.93
CA THR K 224 -6.05 25.45 -78.09
C THR K 224 -5.09 26.56 -78.47
N CYS K 225 -3.82 26.23 -78.55
CA CYS K 225 -2.77 27.17 -78.94
C CYS K 225 -2.42 26.90 -80.40
N THR K 226 -2.55 27.92 -81.23
CA THR K 226 -2.23 27.82 -82.65
C THR K 226 -0.98 28.64 -82.95
N VAL K 227 -0.06 28.02 -83.69
CA VAL K 227 1.20 28.65 -84.06
C VAL K 227 1.38 28.54 -85.57
N THR K 228 1.80 29.64 -86.18
CA THR K 228 2.02 29.67 -87.62
C THR K 228 3.41 30.22 -87.90
N HIS K 229 4.05 29.66 -88.93
CA HIS K 229 5.37 30.11 -89.34
C HIS K 229 5.60 29.70 -90.78
N THR K 230 6.41 30.50 -91.48
CA THR K 230 6.67 30.23 -92.89
C THR K 230 7.39 28.90 -93.10
N ASP K 231 8.24 28.49 -92.15
CA ASP K 231 8.97 27.25 -92.32
C ASP K 231 8.04 26.05 -92.40
N LEU K 232 7.02 26.01 -91.57
CA LEU K 232 6.04 24.94 -91.62
C LEU K 232 5.08 25.14 -92.78
N PRO K 233 4.51 24.06 -93.32
CA PRO K 233 3.55 24.20 -94.43
C PRO K 233 2.19 24.70 -93.95
N SER K 234 1.83 24.33 -92.73
CA SER K 234 0.56 24.70 -92.13
C SER K 234 0.77 24.99 -90.65
N PRO K 235 -0.12 25.76 -90.03
CA PRO K 235 0.01 26.03 -88.60
C PRO K 235 -0.22 24.76 -87.77
N LEU K 236 0.40 24.75 -86.59
CA LEU K 236 0.30 23.66 -85.64
C LEU K 236 -0.65 24.05 -84.51
N LYS K 237 -1.54 23.13 -84.15
CA LYS K 237 -2.49 23.35 -83.06
C LYS K 237 -2.18 22.40 -81.91
N GLN K 238 -2.34 22.90 -80.70
CA GLN K 238 -2.09 22.15 -79.47
C GLN K 238 -3.29 22.32 -78.56
N THR K 239 -4.07 21.24 -78.39
CA THR K 239 -5.27 21.28 -77.57
C THR K 239 -4.98 20.80 -76.16
N ILE K 240 -5.61 21.46 -75.19
CA ILE K 240 -5.40 21.14 -73.78
C ILE K 240 -6.74 21.20 -73.06
N SER K 241 -6.93 20.29 -72.12
CA SER K 241 -8.14 20.21 -71.33
C SER K 241 -7.75 19.99 -69.87
N ARG K 242 -8.75 19.94 -69.00
CA ARG K 242 -8.51 19.70 -67.60
C ARG K 242 -8.41 18.21 -67.31
N PRO K 243 -7.59 17.82 -66.32
CA PRO K 243 -7.51 16.40 -65.95
C PRO K 243 -8.83 15.80 -65.51
N LYS K 244 -9.81 16.62 -65.13
CA LYS K 244 -11.09 16.10 -64.65
C LYS K 244 -10.87 15.23 -63.41
N GLY K 245 -10.39 15.83 -62.33
CA GLY K 245 -10.09 15.08 -61.13
C GLY K 245 -11.28 14.25 -60.67
N VAL K 246 -10.98 13.05 -60.18
CA VAL K 246 -11.99 12.07 -59.80
C VAL K 246 -11.64 11.51 -58.43
N ALA K 247 -12.65 10.91 -57.78
CA ALA K 247 -12.50 10.28 -56.48
C ALA K 247 -11.93 11.29 -55.46
N LEU K 248 -12.67 12.38 -55.32
CA LEU K 248 -12.27 13.43 -54.39
C LEU K 248 -12.10 12.87 -52.98
N HIS K 249 -11.00 13.24 -52.34
CA HIS K 249 -10.73 12.82 -50.98
C HIS K 249 -10.30 14.04 -50.17
N ARG K 250 -10.98 14.27 -49.05
CA ARG K 250 -10.61 15.38 -48.20
C ARG K 250 -9.19 15.16 -47.68
N PRO K 251 -8.29 16.13 -47.87
CA PRO K 251 -6.92 15.95 -47.35
C PRO K 251 -6.94 15.71 -45.85
N ASP K 252 -6.09 14.80 -45.40
CA ASP K 252 -5.97 14.46 -43.98
C ASP K 252 -4.53 14.76 -43.57
N VAL K 253 -4.35 15.86 -42.85
CA VAL K 253 -3.04 16.32 -42.43
C VAL K 253 -2.72 15.77 -41.06
N TYR K 254 -1.52 15.21 -40.91
CA TYR K 254 -1.06 14.64 -39.64
C TYR K 254 0.36 15.13 -39.41
N LEU K 255 0.50 16.28 -38.76
CA LEU K 255 1.80 16.86 -38.47
C LEU K 255 2.35 16.32 -37.15
N LEU K 256 3.66 16.37 -37.03
CA LEU K 256 4.36 15.89 -35.85
C LEU K 256 5.65 16.68 -35.69
N PRO K 257 6.10 16.90 -34.46
CA PRO K 257 7.21 17.83 -34.24
C PRO K 257 8.52 17.24 -34.73
N PRO K 258 9.58 18.04 -34.76
CA PRO K 258 10.88 17.52 -35.17
C PRO K 258 11.31 16.36 -34.28
N ALA K 259 12.21 15.54 -34.82
CA ALA K 259 12.70 14.38 -34.09
C ALA K 259 13.51 14.81 -32.87
N ARG K 260 13.45 13.98 -31.82
CA ARG K 260 14.19 14.29 -30.60
C ARG K 260 15.68 14.41 -30.86
N GLU K 261 16.22 13.57 -31.76
CA GLU K 261 17.66 13.53 -31.95
C GLU K 261 18.23 14.89 -32.32
N GLN K 262 17.53 15.63 -33.19
CA GLN K 262 18.01 16.95 -33.57
C GLN K 262 18.29 17.82 -32.35
N LEU K 263 17.43 17.74 -31.33
CA LEU K 263 17.62 18.57 -30.15
C LEU K 263 18.97 18.33 -29.50
N ASN K 264 19.48 17.09 -29.55
CA ASN K 264 20.80 16.82 -28.99
C ASN K 264 21.90 17.49 -29.80
N LEU K 265 21.73 17.59 -31.12
CA LEU K 265 22.75 18.27 -31.92
C LEU K 265 22.87 19.73 -31.53
N ARG K 266 21.73 20.39 -31.28
CA ARG K 266 21.75 21.79 -30.85
C ARG K 266 22.50 22.65 -31.84
N GLU K 267 22.19 22.51 -33.13
CA GLU K 267 22.81 23.33 -34.16
C GLU K 267 21.75 23.97 -35.06
N SER K 268 20.62 23.30 -35.23
CA SER K 268 19.55 23.77 -36.08
C SER K 268 18.38 22.83 -35.96
N ALA K 269 17.19 23.34 -36.25
CA ALA K 269 15.96 22.56 -36.21
C ALA K 269 15.31 22.57 -37.58
N THR K 270 14.48 21.56 -37.82
CA THR K 270 13.76 21.43 -39.08
C THR K 270 12.35 20.95 -38.78
N ILE K 271 11.38 21.48 -39.51
CA ILE K 271 9.98 21.16 -39.31
C ILE K 271 9.41 20.57 -40.59
N THR K 272 8.47 19.65 -40.42
CA THR K 272 7.81 18.97 -41.52
C THR K 272 6.33 19.32 -41.55
N CYS K 273 5.76 19.32 -42.75
CA CYS K 273 4.33 19.50 -42.96
C CYS K 273 3.84 18.46 -43.96
N LEU K 274 4.23 17.21 -43.74
CA LEU K 274 3.82 16.14 -44.63
C LEU K 274 2.30 16.07 -44.71
N VAL K 275 1.80 15.89 -45.93
CA VAL K 275 0.37 15.82 -46.21
C VAL K 275 0.08 14.53 -46.94
N THR K 276 -1.03 13.89 -46.60
CA THR K 276 -1.38 12.61 -47.19
C THR K 276 -2.90 12.42 -47.14
N GLY K 277 -3.36 11.40 -47.85
CA GLY K 277 -4.78 11.10 -47.89
C GLY K 277 -5.57 12.19 -48.58
N PHE K 278 -5.18 12.55 -49.80
CA PHE K 278 -5.86 13.60 -50.54
C PHE K 278 -5.90 13.24 -52.01
N SER K 279 -6.87 13.81 -52.72
CA SER K 279 -7.03 13.62 -54.16
C SER K 279 -7.96 14.70 -54.67
N PRO K 280 -7.70 15.25 -55.87
CA PRO K 280 -6.63 14.91 -56.80
C PRO K 280 -5.30 15.57 -56.42
N ALA K 281 -4.38 15.67 -57.37
CA ALA K 281 -3.08 16.30 -57.15
C ALA K 281 -3.22 17.82 -57.18
N ASP K 282 -2.09 18.51 -57.32
CA ASP K 282 -2.07 19.98 -57.31
C ASP K 282 -2.48 20.51 -55.94
N VAL K 283 -1.69 20.16 -54.92
CA VAL K 283 -1.88 20.71 -53.58
C VAL K 283 -0.73 21.66 -53.29
N PHE K 284 -1.07 22.87 -52.87
CA PHE K 284 -0.09 23.91 -52.55
C PHE K 284 0.12 23.95 -51.04
N VAL K 285 1.34 24.29 -50.63
CA VAL K 285 1.67 24.39 -49.21
C VAL K 285 2.59 25.57 -49.00
N GLN K 286 2.51 26.16 -47.81
CA GLN K 286 3.34 27.31 -47.44
C GLN K 286 3.52 27.30 -45.93
N TRP K 287 4.57 27.98 -45.46
CA TRP K 287 4.89 28.05 -44.05
C TRP K 287 4.71 29.49 -43.59
N MET K 288 3.74 29.71 -42.70
CA MET K 288 3.42 31.02 -42.17
C MET K 288 3.93 31.13 -40.74
N GLN K 289 4.26 32.36 -40.35
CA GLN K 289 4.69 32.67 -38.98
C GLN K 289 4.08 34.03 -38.63
N ARG K 290 2.92 34.00 -37.99
CA ARG K 290 2.20 35.22 -37.64
C ARG K 290 1.83 36.02 -38.89
N GLY K 291 1.30 35.34 -39.90
CA GLY K 291 0.96 35.98 -41.15
C GLY K 291 2.17 36.49 -41.91
N GLN K 292 3.22 35.67 -41.97
CA GLN K 292 4.44 36.00 -42.72
C GLN K 292 4.76 34.84 -43.66
N PRO K 293 4.20 34.86 -44.87
CA PRO K 293 4.54 33.82 -45.85
C PRO K 293 6.05 33.73 -46.07
N LEU K 294 6.64 32.61 -45.66
CA LEU K 294 8.08 32.46 -45.76
C LEU K 294 8.50 32.20 -47.19
N SER K 295 9.67 32.74 -47.55
CA SER K 295 10.15 32.65 -48.92
C SER K 295 10.54 31.21 -49.26
N PRO K 296 10.49 30.84 -50.55
CA PRO K 296 10.90 29.48 -50.94
C PRO K 296 12.34 29.15 -50.60
N GLU K 297 13.21 30.16 -50.47
CA GLU K 297 14.59 29.89 -50.08
C GLU K 297 14.68 29.34 -48.66
N LYS K 298 13.67 29.58 -47.83
CA LYS K 298 13.68 29.14 -46.44
C LYS K 298 13.09 27.74 -46.30
N TYR K 299 11.95 27.49 -46.92
CA TYR K 299 11.28 26.20 -46.90
C TYR K 299 11.35 25.57 -48.27
N VAL K 300 11.37 24.24 -48.30
CA VAL K 300 11.33 23.47 -49.53
C VAL K 300 10.09 22.60 -49.51
N THR K 301 9.60 22.21 -50.69
CA THR K 301 8.42 21.37 -50.81
C THR K 301 8.65 20.36 -51.92
N SER K 302 8.03 19.19 -51.79
CA SER K 302 8.13 18.14 -52.78
C SER K 302 6.81 17.99 -53.53
N ALA K 303 6.90 17.43 -54.72
CA ALA K 303 5.71 17.06 -55.45
C ALA K 303 5.03 15.88 -54.78
N PRO K 304 3.76 15.63 -55.09
CA PRO K 304 3.09 14.46 -54.51
C PRO K 304 3.34 13.21 -55.34
N MET K 305 3.55 12.10 -54.66
CA MET K 305 3.72 10.79 -55.27
C MET K 305 2.52 9.91 -54.94
N PRO K 306 2.27 8.87 -55.74
CA PRO K 306 1.15 7.98 -55.45
C PRO K 306 1.31 7.33 -54.09
N GLU K 307 0.20 7.23 -53.36
CA GLU K 307 0.23 6.56 -52.07
C GLU K 307 0.15 5.05 -52.26
N PRO K 308 0.72 4.28 -51.32
CA PRO K 308 0.70 2.82 -51.48
C PRO K 308 -0.66 2.18 -51.25
N GLN K 309 -1.55 2.83 -50.50
CA GLN K 309 -2.86 2.24 -50.24
C GLN K 309 -3.65 2.04 -51.52
N ALA K 310 -3.70 3.06 -52.37
CA ALA K 310 -4.42 2.99 -53.64
C ALA K 310 -3.88 4.10 -54.53
N PRO K 311 -4.04 3.96 -55.86
CA PRO K 311 -3.60 5.02 -56.77
C PRO K 311 -4.47 6.25 -56.74
N GLY K 312 -5.66 6.19 -56.14
CA GLY K 312 -6.53 7.34 -56.05
C GLY K 312 -6.24 8.17 -54.81
N ARG K 313 -4.99 8.13 -54.34
CA ARG K 313 -4.57 8.92 -53.19
C ARG K 313 -3.10 9.25 -53.34
N TYR K 314 -2.74 10.50 -53.06
CA TYR K 314 -1.40 11.00 -53.19
C TYR K 314 -0.92 11.56 -51.86
N PHE K 315 0.39 11.78 -51.76
CA PHE K 315 0.99 12.32 -50.55
C PHE K 315 2.21 13.15 -50.94
N ALA K 316 2.43 14.24 -50.21
CA ALA K 316 3.53 15.16 -50.49
C ALA K 316 4.19 15.57 -49.18
N HIS K 317 5.34 16.23 -49.31
CA HIS K 317 6.15 16.64 -48.16
C HIS K 317 6.57 18.09 -48.34
N SER K 318 6.79 18.75 -47.21
CA SER K 318 7.31 20.12 -47.22
C SER K 318 8.06 20.37 -45.94
N ILE K 319 9.34 20.70 -46.05
CA ILE K 319 10.22 20.90 -44.89
C ILE K 319 10.57 22.39 -44.81
N LEU K 320 10.98 22.81 -43.62
CA LEU K 320 11.45 24.18 -43.40
C LEU K 320 12.54 24.15 -42.34
N THR K 321 13.70 24.71 -42.67
CA THR K 321 14.82 24.81 -41.75
C THR K 321 14.75 26.10 -40.96
N VAL K 322 15.03 26.01 -39.66
CA VAL K 322 15.11 27.18 -38.79
C VAL K 322 16.16 26.88 -37.72
N SER K 323 16.41 27.84 -36.84
CA SER K 323 17.32 27.62 -35.73
C SER K 323 16.62 26.84 -34.62
N GLU K 324 17.41 26.11 -33.84
CA GLU K 324 16.85 25.31 -32.76
C GLU K 324 16.15 26.20 -31.73
N GLU K 325 16.76 27.33 -31.36
CA GLU K 325 16.13 28.22 -30.41
C GLU K 325 14.77 28.71 -30.91
N GLU K 326 14.69 29.11 -32.17
CA GLU K 326 13.42 29.58 -32.71
C GLU K 326 12.34 28.51 -32.56
N TRP K 327 12.68 27.25 -32.83
CA TRP K 327 11.72 26.17 -32.61
C TRP K 327 11.39 26.01 -31.13
N ASN K 328 12.36 26.28 -30.25
CA ASN K 328 12.10 26.11 -28.82
C ASN K 328 10.97 27.00 -28.36
N THR K 329 10.91 28.23 -28.87
CA THR K 329 9.89 29.18 -28.46
C THR K 329 8.55 28.97 -29.16
N GLY K 330 8.52 28.20 -30.25
CA GLY K 330 7.29 27.98 -30.98
C GLY K 330 7.07 29.01 -32.08
N GLU K 331 7.12 30.29 -31.70
CA GLU K 331 7.02 31.41 -32.63
C GLU K 331 5.84 31.29 -33.58
N THR K 332 4.73 30.69 -33.12
CA THR K 332 3.48 30.64 -33.88
C THR K 332 3.73 30.12 -35.31
N TYR K 333 4.49 29.03 -35.38
CA TYR K 333 4.72 28.36 -36.66
C TYR K 333 3.42 27.71 -37.12
N THR K 334 3.08 27.90 -38.40
CA THR K 334 1.88 27.33 -38.97
C THR K 334 2.16 26.89 -40.39
N CYS K 335 1.42 25.87 -40.83
CA CYS K 335 1.50 25.38 -42.20
C CYS K 335 0.14 25.56 -42.84
N VAL K 336 0.12 26.19 -44.01
CA VAL K 336 -1.10 26.41 -44.77
C VAL K 336 -1.06 25.50 -46.00
N VAL K 337 -2.14 24.74 -46.19
CA VAL K 337 -2.27 23.82 -47.31
C VAL K 337 -3.54 24.16 -48.06
N ALA K 338 -3.41 24.33 -49.37
CA ALA K 338 -4.53 24.66 -50.25
C ALA K 338 -4.75 23.51 -51.22
N HIS K 339 -5.98 23.02 -51.26
CA HIS K 339 -6.36 21.95 -52.17
C HIS K 339 -7.79 22.18 -52.65
N GLU K 340 -8.04 21.85 -53.91
CA GLU K 340 -9.37 22.03 -54.47
C GLU K 340 -10.40 21.19 -53.72
N ALA K 341 -10.03 19.96 -53.33
CA ALA K 341 -10.98 19.09 -52.65
C ALA K 341 -11.46 19.70 -51.34
N LEU K 342 -10.67 20.58 -50.73
CA LEU K 342 -11.08 21.20 -49.48
C LEU K 342 -12.28 22.10 -49.72
N PRO K 343 -13.18 22.19 -48.73
CA PRO K 343 -14.37 23.04 -48.93
C PRO K 343 -14.02 24.50 -49.17
N ASN K 344 -12.95 24.99 -48.55
CA ASN K 344 -12.53 26.37 -48.69
C ASN K 344 -11.14 26.50 -49.31
N ARG K 345 -10.49 25.39 -49.63
CA ARG K 345 -9.18 25.40 -50.28
C ARG K 345 -8.11 26.05 -49.41
N VAL K 346 -8.31 26.06 -48.09
CA VAL K 346 -7.32 26.58 -47.15
C VAL K 346 -7.47 25.82 -45.84
N THR K 347 -6.37 25.25 -45.36
CA THR K 347 -6.36 24.57 -44.07
C THR K 347 -5.05 24.88 -43.37
N GLU K 348 -5.15 25.30 -42.10
CA GLU K 348 -3.98 25.67 -41.33
C GLU K 348 -3.75 24.67 -40.21
N ARG K 349 -2.49 24.37 -39.96
CA ARG K 349 -2.10 23.46 -38.89
C ARG K 349 -0.92 24.08 -38.14
N THR K 350 -0.75 23.68 -36.88
CA THR K 350 0.37 24.16 -36.09
C THR K 350 0.76 23.10 -35.07
N VAL K 351 1.99 23.21 -34.58
CA VAL K 351 2.54 22.24 -33.64
C VAL K 351 3.44 22.97 -32.67
N ASP K 352 3.58 22.41 -31.47
CA ASP K 352 4.44 22.96 -30.44
C ASP K 352 4.87 21.83 -29.51
N LYS K 353 5.79 22.15 -28.61
CA LYS K 353 6.28 21.15 -27.65
C LYS K 353 5.12 20.49 -26.93
N SER K 354 4.09 21.26 -26.56
CA SER K 354 2.94 20.69 -25.88
C SER K 354 2.23 19.66 -26.76
N THR K 355 2.11 19.95 -28.05
CA THR K 355 1.35 19.07 -28.94
C THR K 355 1.95 17.68 -29.01
N GLY K 356 3.27 17.54 -28.98
CA GLY K 356 3.89 16.26 -29.22
C GLY K 356 3.68 15.24 -28.12
N LYS K 357 4.28 15.47 -26.96
CA LYS K 357 4.22 14.49 -25.88
C LYS K 357 4.71 15.10 -24.57
N PRO K 358 3.82 15.70 -23.77
CA PRO K 358 4.27 16.24 -22.48
C PRO K 358 4.54 15.13 -21.49
N THR K 359 5.81 15.01 -21.09
CA THR K 359 6.18 13.97 -20.13
C THR K 359 5.47 14.17 -18.80
N LEU K 360 5.48 15.39 -18.28
CA LEU K 360 4.79 15.69 -17.03
C LEU K 360 3.28 15.57 -17.21
N TYR K 361 2.60 15.23 -16.13
CA TYR K 361 1.14 15.19 -16.11
C TYR K 361 0.70 15.58 -14.70
N ASN K 362 0.44 16.87 -14.51
CA ASN K 362 0.06 17.40 -13.20
C ASN K 362 -1.44 17.24 -13.02
N VAL K 363 -1.91 16.02 -13.22
CA VAL K 363 -3.33 15.71 -13.16
C VAL K 363 -3.82 15.93 -11.74
N SER K 364 -4.98 16.59 -11.61
CA SER K 364 -5.56 16.89 -10.30
C SER K 364 -7.06 16.62 -10.39
N LEU K 365 -7.45 15.40 -10.04
CA LEU K 365 -8.86 15.01 -10.04
C LEU K 365 -9.45 15.30 -8.67
N VAL K 366 -10.19 16.41 -8.57
CA VAL K 366 -10.81 16.80 -7.31
C VAL K 366 -12.13 16.05 -7.18
N MET K 367 -12.28 15.27 -6.11
CA MET K 367 -13.47 14.44 -5.96
C MET K 367 -14.70 15.30 -5.69
N SER K 368 -14.59 16.24 -4.75
CA SER K 368 -15.66 17.20 -4.51
C SER K 368 -17.00 16.52 -4.28
N ASP K 369 -17.13 15.81 -3.15
CA ASP K 369 -18.35 15.05 -2.86
C ASP K 369 -19.60 15.77 -3.36
N THR K 370 -19.72 17.08 -3.10
CA THR K 370 -20.92 17.80 -3.46
C THR K 370 -20.56 19.19 -3.98
N ALA K 371 -20.75 19.39 -5.28
CA ALA K 371 -20.59 20.71 -5.87
C ALA K 371 -21.81 21.10 -6.71
N GLY K 372 -22.38 20.13 -7.41
CA GLY K 372 -23.51 20.41 -8.27
C GLY K 372 -23.11 21.17 -9.52
N THR K 373 -22.68 22.42 -9.33
CA THR K 373 -22.20 23.26 -10.41
C THR K 373 -20.68 23.22 -10.44
N CYS K 374 -20.08 24.09 -11.25
CA CYS K 374 -18.62 24.23 -11.28
C CYS K 374 -18.15 24.81 -9.96
N TYR K 375 -17.47 23.99 -9.16
CA TYR K 375 -17.02 24.40 -7.84
C TYR K 375 -15.84 25.37 -7.93
#